data_3K5H
#
_entry.id   3K5H
#
_cell.length_a   75.900
_cell.length_b   134.400
_cell.length_c   99.600
_cell.angle_alpha   90.00
_cell.angle_beta   107.00
_cell.angle_gamma   90.00
#
_symmetry.space_group_name_H-M   'P 1 21 1'
#
loop_
_entity.id
_entity.type
_entity.pdbx_description
1 polymer 'Phosphoribosyl-aminoimidazole carboxylase'
2 non-polymer "ADENOSINE-5'-TRIPHOSPHATE"
3 non-polymer 'MAGNESIUM ION'
4 water water
#
_entity_poly.entity_id   1
_entity_poly.type   'polypeptide(L)'
_entity_poly.pdbx_seq_one_letter_code
;MGSSHHHHHHSSENLYFQGHMWNSRKVGVLGGGQLGRMLVESANRLNIQVNVLDADNSPAKQISAHDGHVTGSFKEREAV
RQLAKTCDVVTAEIEHVDTYALEEVASEVKIEPSWQAIRTIQNKFNQKEHLRKYGIPMAEHRELVENTPAELAKVGEQLG
YPLMLKSKTMAYDGRGNFRVNSQDDIPEALEALKDRPLYAEKWAYFKMELAVIVVKTKDEVLSYPTVETVQEDSICKLVY
APARNVSDAINQKAQELARKAVAAFDGKGVFGVEMFLLEDDSIMLCEIASRIHNSGHYTIEGCALSQFDAHLRAILDLPI
PAQSLEIRQPSIMLNIIGGAAPDTHLQAAECALSIPNASIHLYSKGAAKPGRKMGHITVTAPTMHEAETHIQPLIDVVDR
IRA
;
_entity_poly.pdbx_strand_id   A,B,C,D
#
loop_
_chem_comp.id
_chem_comp.type
_chem_comp.name
_chem_comp.formula
ATP non-polymer ADENOSINE-5'-TRIPHOSPHATE 'C10 H16 N5 O13 P3'
MG non-polymer 'MAGNESIUM ION' 'Mg 2'
#
# COMPACT_ATOMS: atom_id res chain seq x y z
N MET A 21 -5.39 -18.58 -3.37
CA MET A 21 -5.28 -18.46 -1.93
C MET A 21 -4.35 -19.47 -1.21
N TRP A 22 -3.66 -20.34 -1.93
CA TRP A 22 -2.80 -21.26 -1.21
C TRP A 22 -1.53 -20.50 -0.82
N ASN A 23 -1.10 -19.71 -1.80
CA ASN A 23 0.12 -18.94 -1.67
C ASN A 23 -0.15 -17.60 -1.00
N SER A 24 -1.31 -17.45 -0.36
CA SER A 24 -1.58 -16.15 0.29
C SER A 24 -1.14 -16.21 1.72
N ARG A 25 -0.67 -17.36 2.20
CA ARG A 25 -0.18 -17.50 3.54
C ARG A 25 1.15 -16.79 3.73
N LYS A 26 1.49 -16.45 4.97
CA LYS A 26 2.78 -15.78 5.15
C LYS A 26 3.69 -16.67 5.99
N VAL A 27 4.95 -16.69 5.58
CA VAL A 27 5.99 -17.48 6.21
C VAL A 27 6.99 -16.65 6.98
N GLY A 28 7.21 -17.01 8.25
CA GLY A 28 8.16 -16.29 9.10
C GLY A 28 9.43 -17.12 9.24
N VAL A 29 10.55 -16.49 8.92
CA VAL A 29 11.80 -17.22 9.02
C VAL A 29 12.69 -16.64 10.09
N LEU A 30 13.05 -17.48 11.05
CA LEU A 30 13.96 -17.06 12.10
C LEU A 30 15.34 -17.22 11.47
N GLY A 31 15.99 -16.13 11.05
CA GLY A 31 17.30 -16.28 10.44
C GLY A 31 17.22 -15.73 9.02
N GLY A 32 18.19 -14.90 8.71
CA GLY A 32 18.20 -14.32 7.37
C GLY A 32 19.51 -14.59 6.65
N GLY A 33 20.16 -15.73 6.85
CA GLY A 33 21.45 -15.98 6.17
C GLY A 33 21.37 -16.62 4.81
N GLN A 34 22.40 -17.33 4.36
CA GLN A 34 22.26 -17.89 3.03
C GLN A 34 21.12 -18.90 2.88
N LEU A 35 20.88 -19.61 3.96
CA LEU A 35 19.86 -20.62 3.91
C LEU A 35 18.50 -19.96 3.84
N GLY A 36 18.31 -18.94 4.66
CA GLY A 36 16.99 -18.28 4.61
C GLY A 36 16.84 -17.67 3.20
N ARG A 37 17.94 -17.13 2.68
CA ARG A 37 17.94 -16.49 1.36
C ARG A 37 17.45 -17.46 0.31
N MET A 38 18.02 -18.66 0.32
CA MET A 38 17.59 -19.68 -0.64
C MET A 38 16.16 -20.08 -0.38
N LEU A 39 15.77 -19.94 0.89
CA LEU A 39 14.36 -20.25 1.17
C LEU A 39 13.56 -19.14 0.47
N VAL A 40 13.97 -17.90 0.69
CA VAL A 40 13.22 -16.83 0.03
C VAL A 40 13.15 -16.92 -1.47
N GLU A 41 14.25 -17.43 -1.99
CA GLU A 41 14.33 -17.66 -3.42
C GLU A 41 13.18 -18.57 -3.78
N SER A 42 12.90 -19.66 -3.06
CA SER A 42 11.77 -20.52 -3.43
C SER A 42 10.40 -19.83 -3.27
N ALA A 43 10.24 -19.15 -2.14
CA ALA A 43 8.99 -18.44 -1.84
C ALA A 43 8.74 -17.43 -2.92
N ASN A 44 9.79 -16.75 -3.35
CA ASN A 44 9.59 -15.78 -4.43
C ASN A 44 8.99 -16.37 -5.71
N ARG A 45 9.44 -17.58 -6.06
CA ARG A 45 8.97 -18.22 -7.30
C ARG A 45 7.46 -18.56 -7.20
N LEU A 46 6.98 -18.85 -6.00
CA LEU A 46 5.57 -19.17 -5.76
C LEU A 46 4.88 -17.92 -5.31
N ASN A 47 5.66 -16.85 -5.31
CA ASN A 47 5.03 -15.61 -4.89
C ASN A 47 4.50 -15.78 -3.46
N ILE A 48 5.24 -16.46 -2.59
CA ILE A 48 4.73 -16.59 -1.24
C ILE A 48 5.44 -15.56 -0.39
N GLN A 49 4.77 -14.76 0.44
CA GLN A 49 5.50 -13.79 1.25
C GLN A 49 6.23 -14.41 2.43
N VAL A 50 7.49 -13.98 2.60
CA VAL A 50 8.36 -14.38 3.72
C VAL A 50 8.81 -13.14 4.50
N ASN A 51 8.65 -13.26 5.81
CA ASN A 51 8.99 -12.14 6.70
C ASN A 51 10.18 -12.72 7.36
N VAL A 52 11.25 -11.98 7.13
CA VAL A 52 12.49 -12.47 7.63
C VAL A 52 12.83 -11.88 8.97
N LEU A 53 13.22 -12.72 9.92
CA LEU A 53 13.66 -12.18 11.21
C LEU A 53 15.20 -12.19 11.29
N ASP A 54 15.84 -11.03 11.22
CA ASP A 54 17.31 -10.93 11.31
C ASP A 54 17.71 -9.45 11.29
N ALA A 55 18.94 -9.15 10.94
CA ALA A 55 19.38 -7.77 10.86
C ALA A 55 18.89 -7.21 9.55
N ASP A 56 18.86 -5.88 9.49
CA ASP A 56 18.43 -5.23 8.26
C ASP A 56 19.49 -5.56 7.24
N ASN A 57 19.01 -5.72 6.04
CA ASN A 57 19.97 -5.96 4.99
C ASN A 57 20.66 -7.33 4.98
N SER A 58 20.17 -8.26 5.80
CA SER A 58 20.70 -9.60 5.76
C SER A 58 20.38 -10.19 4.38
N PRO A 59 21.16 -11.19 3.97
CA PRO A 59 21.11 -11.88 2.69
C PRO A 59 19.75 -12.23 2.17
N ALA A 60 18.92 -12.68 3.09
CA ALA A 60 17.59 -13.11 2.66
C ALA A 60 16.68 -11.95 2.38
N LYS A 61 16.90 -10.89 3.15
CA LYS A 61 16.08 -9.70 3.07
C LYS A 61 16.31 -8.92 1.81
N GLN A 62 17.56 -9.03 1.35
CA GLN A 62 18.02 -8.35 0.13
C GLN A 62 17.30 -8.68 -1.15
N ILE A 63 16.59 -9.81 -1.18
CA ILE A 63 15.87 -10.26 -2.38
C ILE A 63 14.39 -10.37 -2.05
N SER A 64 13.99 -9.65 -1.06
CA SER A 64 12.68 -9.66 -0.53
C SER A 64 12.26 -8.23 -0.17
N ALA A 65 11.82 -7.44 -1.13
CA ALA A 65 11.58 -6.03 -0.82
C ALA A 65 10.15 -5.76 -0.49
N HIS A 66 9.84 -5.94 0.79
CA HIS A 66 8.53 -5.72 1.37
C HIS A 66 8.80 -5.09 2.71
N ASP A 67 7.75 -4.67 3.39
CA ASP A 67 7.97 -4.06 4.68
C ASP A 67 7.65 -4.94 5.89
N GLY A 68 7.45 -6.24 5.66
CA GLY A 68 7.11 -7.25 6.68
C GLY A 68 8.27 -7.85 7.51
N HIS A 69 9.49 -7.63 7.06
CA HIS A 69 10.60 -8.19 7.79
C HIS A 69 10.71 -7.68 9.20
N VAL A 70 11.35 -8.44 10.08
CA VAL A 70 11.54 -8.05 11.48
C VAL A 70 13.01 -7.80 11.73
N THR A 71 13.26 -6.65 12.33
CA THR A 71 14.64 -6.31 12.59
C THR A 71 15.08 -6.74 13.97
N GLY A 72 15.99 -7.69 14.01
CA GLY A 72 16.52 -8.16 15.28
C GLY A 72 17.10 -9.57 15.17
N SER A 73 17.29 -10.19 16.33
CA SER A 73 17.83 -11.52 16.38
C SER A 73 16.81 -12.63 16.62
N PHE A 74 17.21 -13.72 15.98
CA PHE A 74 16.45 -14.98 16.10
C PHE A 74 16.65 -15.54 17.49
N LYS A 75 17.60 -14.97 18.20
CA LYS A 75 17.83 -15.36 19.57
C LYS A 75 17.14 -14.41 20.49
N GLU A 76 16.30 -13.57 19.94
CA GLU A 76 15.74 -12.55 20.79
C GLU A 76 14.23 -12.61 20.96
N ARG A 77 13.90 -13.02 22.17
CA ARG A 77 12.53 -13.22 22.70
C ARG A 77 11.43 -12.41 22.00
N GLU A 78 11.49 -11.11 22.19
CA GLU A 78 10.47 -10.23 21.67
C GLU A 78 10.46 -10.08 20.15
N ALA A 79 11.64 -10.16 19.57
CA ALA A 79 11.71 -10.06 18.13
C ALA A 79 11.01 -11.30 17.62
N VAL A 80 11.39 -12.41 18.24
CA VAL A 80 10.77 -13.68 17.82
C VAL A 80 9.24 -13.58 17.97
N ARG A 81 8.82 -12.92 19.06
CA ARG A 81 7.40 -12.75 19.38
C ARG A 81 6.80 -11.86 18.30
N GLN A 82 7.48 -10.76 18.04
CA GLN A 82 6.93 -9.89 17.04
C GLN A 82 6.77 -10.66 15.75
N LEU A 83 7.85 -11.23 15.22
CA LEU A 83 7.68 -11.96 13.96
C LEU A 83 6.45 -12.87 13.97
N ALA A 84 6.37 -13.70 15.00
CA ALA A 84 5.25 -14.61 15.11
C ALA A 84 3.85 -14.05 14.86
N LYS A 85 3.67 -12.86 15.40
CA LYS A 85 2.39 -12.17 15.35
C LYS A 85 2.04 -11.74 13.94
N THR A 86 3.06 -11.83 13.12
CA THR A 86 2.98 -11.42 11.72
C THR A 86 2.72 -12.39 10.59
N CYS A 87 2.61 -13.69 10.87
CA CYS A 87 2.45 -14.77 9.91
C CYS A 87 1.59 -15.90 10.31
N ASP A 88 1.56 -16.84 9.37
CA ASP A 88 0.71 -18.00 9.51
C ASP A 88 1.47 -19.18 10.09
N VAL A 89 2.73 -19.22 9.70
CA VAL A 89 3.65 -20.23 10.14
C VAL A 89 5.08 -19.67 10.25
N VAL A 90 5.74 -20.13 11.29
CA VAL A 90 7.10 -19.75 11.58
C VAL A 90 7.93 -21.00 11.39
N THR A 91 9.09 -20.83 10.75
CA THR A 91 10.02 -21.96 10.55
C THR A 91 11.35 -21.29 10.79
N ALA A 92 12.45 -22.04 10.76
CA ALA A 92 13.76 -21.44 11.00
C ALA A 92 14.80 -21.90 10.00
N GLU A 93 15.83 -21.09 9.80
CA GLU A 93 16.89 -21.31 8.84
C GLU A 93 18.08 -21.69 9.71
N ILE A 94 17.97 -21.58 11.02
CA ILE A 94 19.12 -21.93 11.88
C ILE A 94 18.65 -22.65 13.14
N GLU A 95 19.54 -23.38 13.83
CA GLU A 95 19.11 -24.14 15.00
C GLU A 95 19.10 -23.27 16.30
N HIS A 96 19.99 -22.28 16.32
CA HIS A 96 20.24 -21.39 17.44
C HIS A 96 19.25 -20.27 17.69
N VAL A 97 17.98 -20.65 17.87
CA VAL A 97 16.91 -19.68 18.10
C VAL A 97 16.25 -19.82 19.46
N ASP A 98 15.51 -18.81 19.89
CA ASP A 98 14.88 -18.92 21.19
C ASP A 98 13.68 -19.82 21.13
N THR A 99 13.89 -21.06 21.57
CA THR A 99 12.78 -22.00 21.50
C THR A 99 11.81 -21.76 22.65
N TYR A 100 12.23 -20.88 23.56
CA TYR A 100 11.36 -20.52 24.67
C TYR A 100 10.39 -19.46 24.22
N ALA A 101 10.77 -18.56 23.31
CA ALA A 101 9.74 -17.64 22.90
C ALA A 101 8.80 -18.44 22.00
N LEU A 102 9.31 -19.33 21.18
CA LEU A 102 8.39 -20.08 20.30
C LEU A 102 7.36 -20.90 21.05
N GLU A 103 7.72 -21.31 22.26
CA GLU A 103 6.80 -22.14 23.01
C GLU A 103 5.73 -21.20 23.51
N GLU A 104 6.15 -19.97 23.83
CA GLU A 104 5.23 -18.94 24.35
C GLU A 104 4.18 -18.60 23.31
N VAL A 105 4.61 -18.55 22.06
CA VAL A 105 3.75 -18.23 20.91
C VAL A 105 2.94 -19.31 20.19
N ALA A 106 3.23 -20.57 20.53
CA ALA A 106 2.55 -21.71 19.93
C ALA A 106 1.03 -21.60 19.82
N SER A 107 0.36 -20.80 20.65
CA SER A 107 -1.11 -20.75 20.57
C SER A 107 -1.43 -19.66 19.58
N GLU A 108 -0.42 -18.96 19.13
CA GLU A 108 -0.77 -17.92 18.19
C GLU A 108 -0.42 -18.16 16.73
N VAL A 109 0.54 -19.05 16.50
CA VAL A 109 1.00 -19.32 15.14
C VAL A 109 1.47 -20.76 14.97
N LYS A 110 1.37 -21.34 13.78
CA LYS A 110 1.86 -22.71 13.58
C LYS A 110 3.35 -22.46 13.49
N ILE A 111 4.11 -23.44 13.97
CA ILE A 111 5.58 -23.42 14.03
C ILE A 111 6.01 -24.77 13.49
N GLU A 112 6.82 -24.75 12.44
CA GLU A 112 7.29 -26.00 11.82
C GLU A 112 8.76 -25.93 11.36
N PRO A 113 9.60 -26.85 11.82
CA PRO A 113 9.31 -27.99 12.71
C PRO A 113 8.99 -27.59 14.15
N SER A 114 8.65 -28.54 15.01
CA SER A 114 8.28 -28.22 16.40
C SER A 114 9.34 -27.52 17.22
N TRP A 115 8.92 -26.61 18.09
CA TRP A 115 9.89 -25.94 18.94
C TRP A 115 10.51 -27.00 19.82
N GLN A 116 9.77 -28.02 20.21
CA GLN A 116 10.52 -28.96 21.05
C GLN A 116 11.74 -29.57 20.32
N ALA A 117 11.51 -29.93 19.04
CA ALA A 117 12.52 -30.54 18.19
C ALA A 117 13.77 -29.65 18.13
N ILE A 118 13.53 -28.42 17.72
CA ILE A 118 14.63 -27.49 17.59
C ILE A 118 15.21 -27.39 19.02
N ARG A 119 14.39 -27.27 20.06
CA ARG A 119 14.95 -27.19 21.40
C ARG A 119 15.88 -28.35 21.72
N THR A 120 15.46 -29.54 21.35
CA THR A 120 16.38 -30.68 21.61
C THR A 120 17.62 -30.72 20.72
N ILE A 121 17.37 -30.49 19.43
CA ILE A 121 18.46 -30.50 18.44
C ILE A 121 19.54 -29.47 18.69
N GLN A 122 19.10 -28.28 19.13
CA GLN A 122 20.03 -27.20 19.40
C GLN A 122 21.03 -27.47 20.51
N ASN A 123 20.77 -28.50 21.33
CA ASN A 123 21.74 -28.87 22.36
C ASN A 123 22.15 -30.27 21.93
N LYS A 124 23.34 -30.37 21.35
CA LYS A 124 23.88 -31.59 20.78
C LYS A 124 24.03 -32.82 21.68
N PHE A 125 24.30 -32.56 22.96
CA PHE A 125 24.43 -33.65 23.96
C PHE A 125 22.97 -34.14 24.16
N ASN A 126 22.07 -33.17 24.33
CA ASN A 126 20.64 -33.51 24.46
C ASN A 126 20.09 -34.15 23.18
N GLN A 127 20.51 -33.68 22.00
CA GLN A 127 20.03 -34.26 20.75
C GLN A 127 20.40 -35.75 20.70
N LYS A 128 21.68 -36.02 20.98
CA LYS A 128 22.20 -37.38 20.94
C LYS A 128 21.61 -38.09 22.13
N GLU A 129 21.55 -37.48 23.32
CA GLU A 129 20.92 -38.30 24.34
C GLU A 129 19.50 -38.65 23.92
N HIS A 130 18.80 -37.82 23.15
CA HIS A 130 17.41 -38.15 22.79
C HIS A 130 17.29 -39.30 21.84
N LEU A 131 18.24 -39.26 20.91
CA LEU A 131 18.33 -40.26 19.86
C LEU A 131 18.76 -41.63 20.39
N ARG A 132 19.54 -41.69 21.48
CA ARG A 132 20.01 -42.95 22.05
C ARG A 132 18.90 -43.96 22.27
N LYS A 133 17.74 -43.52 22.74
CA LYS A 133 16.62 -44.42 22.92
C LYS A 133 15.94 -44.83 21.62
N TYR A 134 16.06 -44.00 20.60
CA TYR A 134 15.44 -44.41 19.38
C TYR A 134 16.38 -45.37 18.69
N GLY A 135 17.36 -45.79 19.48
CA GLY A 135 18.36 -46.75 18.97
C GLY A 135 19.22 -46.30 17.80
N ILE A 136 19.57 -45.01 17.72
CA ILE A 136 20.42 -44.55 16.64
C ILE A 136 21.88 -44.76 17.03
N PRO A 137 22.67 -45.33 16.14
CA PRO A 137 24.10 -45.57 16.38
C PRO A 137 24.78 -44.22 16.32
N MET A 138 25.66 -43.96 17.28
CA MET A 138 26.39 -42.69 17.31
C MET A 138 27.65 -42.96 18.11
N ALA A 139 28.51 -41.95 18.25
CA ALA A 139 29.74 -42.09 19.01
C ALA A 139 29.45 -42.06 20.48
N GLU A 140 30.35 -42.64 21.25
CA GLU A 140 30.25 -42.69 22.71
C GLU A 140 30.65 -41.29 23.09
N HIS A 141 30.07 -40.81 24.18
CA HIS A 141 30.42 -39.47 24.57
C HIS A 141 30.24 -39.28 26.07
N ARG A 142 30.70 -38.14 26.58
CA ARG A 142 30.56 -37.83 27.98
C ARG A 142 30.48 -36.31 28.04
N GLU A 143 29.48 -35.89 28.79
CA GLU A 143 29.15 -34.50 29.04
C GLU A 143 30.24 -34.12 30.01
N LEU A 144 30.61 -32.85 29.96
CA LEU A 144 31.60 -32.30 30.88
C LEU A 144 30.77 -31.35 31.74
N VAL A 145 30.77 -31.66 33.04
CA VAL A 145 30.07 -30.95 34.11
C VAL A 145 30.91 -29.80 34.63
N GLU A 146 32.21 -29.87 34.37
CA GLU A 146 33.09 -28.84 34.84
C GLU A 146 34.09 -28.77 33.73
N ASN A 147 34.63 -27.59 33.44
CA ASN A 147 35.57 -27.50 32.33
C ASN A 147 36.89 -27.33 33.05
N THR A 148 37.26 -28.38 33.77
CA THR A 148 38.52 -28.53 34.50
C THR A 148 39.24 -29.70 33.85
N PRO A 149 40.53 -29.49 33.68
CA PRO A 149 41.47 -30.43 33.08
C PRO A 149 41.34 -31.72 33.86
N ALA A 150 41.05 -31.51 35.13
CA ALA A 150 40.83 -32.65 35.98
C ALA A 150 39.67 -33.38 35.30
N GLU A 151 38.56 -32.68 35.03
CA GLU A 151 37.51 -33.47 34.43
C GLU A 151 37.78 -34.02 33.03
N LEU A 152 38.21 -33.11 32.18
CA LEU A 152 38.50 -33.52 30.80
C LEU A 152 39.36 -34.79 30.74
N ALA A 153 40.35 -34.91 31.62
CA ALA A 153 41.25 -36.08 31.67
C ALA A 153 40.60 -37.44 32.02
N LYS A 154 39.71 -37.42 33.02
CA LYS A 154 39.05 -38.65 33.43
C LYS A 154 38.21 -39.07 32.24
N VAL A 155 37.80 -38.04 31.47
CA VAL A 155 36.99 -38.31 30.30
C VAL A 155 37.95 -38.93 29.31
N GLY A 156 39.11 -38.29 29.20
CA GLY A 156 40.18 -38.73 28.32
C GLY A 156 40.37 -40.20 28.59
N GLU A 157 40.38 -40.53 29.89
CA GLU A 157 40.57 -41.91 30.36
C GLU A 157 39.41 -42.87 30.07
N GLN A 158 38.31 -42.33 29.57
CA GLN A 158 37.13 -43.15 29.32
C GLN A 158 36.88 -43.49 27.86
N LEU A 159 37.12 -42.54 26.96
CA LEU A 159 36.92 -42.76 25.51
C LEU A 159 38.19 -42.74 24.65
N GLY A 160 39.30 -42.54 25.33
CA GLY A 160 40.61 -42.50 24.70
C GLY A 160 40.90 -41.29 23.84
N TYR A 161 42.16 -41.26 23.43
CA TYR A 161 42.62 -40.22 22.56
C TYR A 161 42.81 -40.79 21.15
N PRO A 162 42.58 -39.97 20.13
CA PRO A 162 42.18 -38.62 20.40
C PRO A 162 40.66 -38.59 20.55
N LEU A 163 40.16 -37.47 21.07
CA LEU A 163 38.71 -37.30 21.23
C LEU A 163 38.24 -35.93 20.78
N MET A 164 37.00 -35.84 20.37
CA MET A 164 36.49 -34.55 19.94
C MET A 164 35.75 -33.83 21.09
N LEU A 165 36.37 -32.74 21.51
CA LEU A 165 35.79 -31.92 22.57
C LEU A 165 34.81 -31.04 21.77
N LYS A 166 33.54 -31.04 22.17
CA LYS A 166 32.50 -30.29 21.47
C LYS A 166 31.55 -29.52 22.39
N SER A 167 31.16 -28.32 21.97
CA SER A 167 30.23 -27.48 22.74
C SER A 167 28.86 -28.01 22.37
N LYS A 168 28.01 -28.33 23.33
CA LYS A 168 26.69 -28.81 23.00
C LYS A 168 25.92 -27.70 22.31
N THR A 169 26.37 -26.49 22.52
CA THR A 169 25.55 -25.33 22.23
C THR A 169 26.17 -24.34 21.20
N MET A 170 25.36 -23.61 20.43
CA MET A 170 25.90 -22.65 19.50
C MET A 170 26.98 -23.16 18.59
N ALA A 171 26.86 -24.44 18.25
CA ALA A 171 27.85 -25.01 17.35
C ALA A 171 27.61 -24.72 15.87
N TYR A 172 28.71 -24.69 15.14
CA TYR A 172 28.72 -24.53 13.69
C TYR A 172 30.15 -24.60 13.24
N ASP A 173 30.23 -25.02 12.00
CA ASP A 173 31.49 -25.14 11.31
C ASP A 173 32.59 -25.58 12.25
N GLY A 174 32.33 -26.48 13.19
CA GLY A 174 33.38 -26.92 14.11
C GLY A 174 33.99 -25.78 14.93
N ARG A 175 33.39 -24.59 14.90
CA ARG A 175 33.92 -23.44 15.63
C ARG A 175 33.78 -23.68 17.11
N GLY A 176 33.19 -24.83 17.46
CA GLY A 176 33.04 -25.16 18.86
C GLY A 176 33.58 -26.54 19.20
N ASN A 177 34.39 -27.13 18.32
CA ASN A 177 34.98 -28.44 18.61
C ASN A 177 36.48 -28.35 18.59
N PHE A 178 37.10 -29.24 19.35
CA PHE A 178 38.55 -29.29 19.41
C PHE A 178 38.92 -30.75 19.47
N ARG A 179 39.86 -31.16 18.61
CA ARG A 179 40.34 -32.53 18.66
C ARG A 179 41.34 -32.58 19.81
N VAL A 180 41.20 -33.56 20.69
CA VAL A 180 42.13 -33.63 21.77
C VAL A 180 42.95 -34.89 21.62
N ASN A 181 44.12 -34.61 21.08
CA ASN A 181 45.14 -35.59 20.77
C ASN A 181 45.56 -36.32 22.04
N SER A 182 45.64 -35.61 23.16
CA SER A 182 46.02 -36.20 24.45
C SER A 182 46.07 -35.17 25.56
N GLN A 183 46.34 -35.69 26.74
CA GLN A 183 46.43 -34.81 27.90
C GLN A 183 47.16 -33.46 27.77
N ASP A 184 48.36 -33.43 27.18
CA ASP A 184 49.13 -32.18 27.03
C ASP A 184 48.24 -31.24 26.21
N ASP A 185 47.35 -31.85 25.43
CA ASP A 185 46.47 -31.04 24.60
C ASP A 185 45.38 -30.26 25.33
N ILE A 186 44.89 -30.86 26.42
CA ILE A 186 43.80 -30.41 27.27
C ILE A 186 43.49 -28.96 27.58
N PRO A 187 44.47 -28.34 28.22
CA PRO A 187 44.38 -26.95 28.60
C PRO A 187 44.04 -26.07 27.40
N GLU A 188 44.66 -26.41 26.26
CA GLU A 188 44.44 -25.67 25.03
C GLU A 188 42.99 -25.78 24.64
N ALA A 189 42.53 -27.00 24.76
CA ALA A 189 41.20 -27.45 24.45
C ALA A 189 40.20 -26.56 25.20
N LEU A 190 40.28 -26.65 26.53
CA LEU A 190 39.47 -25.89 27.49
C LEU A 190 39.57 -24.40 27.20
N GLU A 191 40.79 -23.92 27.01
CA GLU A 191 40.86 -22.51 26.70
C GLU A 191 40.12 -22.17 25.41
N ALA A 192 40.28 -22.99 24.38
CA ALA A 192 39.59 -22.68 23.11
C ALA A 192 38.07 -22.68 23.16
N LEU A 193 37.54 -23.63 23.93
CA LEU A 193 36.10 -23.83 24.12
C LEU A 193 35.66 -23.41 25.53
N LYS A 194 36.34 -22.37 26.04
CA LYS A 194 36.18 -21.78 27.38
C LYS A 194 34.77 -21.17 27.63
N ASP A 195 34.15 -21.50 28.73
CA ASP A 195 32.85 -20.92 29.14
C ASP A 195 31.70 -21.29 28.26
N ARG A 196 31.67 -22.56 27.92
CA ARG A 196 30.66 -23.14 27.05
C ARG A 196 30.31 -24.46 27.69
N PRO A 197 29.11 -24.95 27.41
CA PRO A 197 28.76 -26.22 27.97
C PRO A 197 29.40 -27.19 26.98
N LEU A 198 30.12 -28.21 27.46
CA LEU A 198 30.76 -29.14 26.57
C LEU A 198 30.46 -30.56 26.87
N TYR A 199 30.75 -31.32 25.83
CA TYR A 199 30.67 -32.78 25.88
C TYR A 199 31.83 -33.31 25.06
N ALA A 200 32.13 -34.58 25.23
CA ALA A 200 33.28 -35.16 24.55
C ALA A 200 32.87 -36.47 23.96
N GLU A 201 33.20 -36.66 22.68
CA GLU A 201 32.87 -37.88 21.95
C GLU A 201 34.10 -38.69 21.58
N LYS A 202 33.92 -39.99 21.58
CA LYS A 202 35.04 -40.85 21.17
C LYS A 202 35.28 -40.53 19.70
N TRP A 203 36.52 -40.74 19.28
CA TRP A 203 36.86 -40.45 17.90
C TRP A 203 36.14 -41.39 16.95
N ALA A 204 35.66 -40.89 15.80
CA ALA A 204 35.00 -41.71 14.77
C ALA A 204 35.97 -41.71 13.60
N TYR A 205 36.55 -42.87 13.31
CA TYR A 205 37.48 -43.02 12.17
C TYR A 205 36.64 -43.40 10.93
N PHE A 206 35.94 -42.46 10.31
CA PHE A 206 35.08 -42.84 9.16
C PHE A 206 35.91 -43.02 7.91
N LYS A 207 35.44 -43.76 6.91
CA LYS A 207 36.28 -43.83 5.71
C LYS A 207 35.67 -42.77 4.79
N MET A 208 34.53 -42.24 5.19
CA MET A 208 33.93 -41.15 4.44
C MET A 208 32.73 -40.66 5.24
N GLU A 209 32.32 -39.45 4.98
CA GLU A 209 31.12 -38.86 5.54
C GLU A 209 30.02 -38.80 4.51
N LEU A 210 28.79 -39.03 4.95
CA LEU A 210 27.58 -39.03 4.10
C LEU A 210 26.47 -38.23 4.77
N ALA A 211 25.49 -37.76 4.00
CA ALA A 211 24.39 -36.99 4.56
C ALA A 211 23.18 -37.33 3.70
N VAL A 212 21.98 -37.24 4.25
CA VAL A 212 20.75 -37.51 3.54
C VAL A 212 19.85 -36.34 3.93
N ILE A 213 19.10 -35.79 2.97
CA ILE A 213 18.25 -34.64 3.31
C ILE A 213 16.84 -35.30 3.42
N VAL A 214 16.14 -35.14 4.54
CA VAL A 214 14.80 -35.72 4.70
C VAL A 214 13.69 -34.69 4.76
N VAL A 215 12.53 -35.05 4.23
CA VAL A 215 11.41 -34.13 4.28
C VAL A 215 10.24 -34.82 4.94
N LYS A 216 9.77 -34.19 6.01
CA LYS A 216 8.62 -34.61 6.81
C LYS A 216 7.43 -33.73 6.41
N THR A 217 6.37 -34.41 6.00
CA THR A 217 5.12 -33.76 5.58
C THR A 217 3.92 -34.24 6.38
N LYS A 218 2.76 -33.70 5.99
CA LYS A 218 1.52 -34.06 6.67
C LYS A 218 1.10 -35.48 6.44
N ASP A 219 1.70 -36.10 5.45
CA ASP A 219 1.32 -37.48 5.14
C ASP A 219 2.40 -38.34 4.53
N GLU A 220 3.62 -37.89 4.66
CA GLU A 220 4.62 -38.75 4.09
C GLU A 220 5.98 -38.31 4.58
N VAL A 221 6.94 -39.18 4.32
CA VAL A 221 8.32 -38.90 4.68
C VAL A 221 9.03 -39.21 3.37
N LEU A 222 9.69 -38.19 2.85
CA LEU A 222 10.43 -38.35 1.61
C LEU A 222 11.88 -38.04 1.96
N SER A 223 12.73 -38.25 0.99
CA SER A 223 14.16 -38.01 1.18
C SER A 223 14.78 -37.98 -0.20
N TYR A 224 15.93 -37.34 -0.18
CA TYR A 224 16.77 -37.19 -1.36
C TYR A 224 17.80 -38.28 -1.18
N PRO A 225 18.50 -38.51 -2.27
CA PRO A 225 19.50 -39.53 -2.19
C PRO A 225 20.68 -39.22 -1.31
N THR A 226 21.37 -40.28 -0.93
CA THR A 226 22.55 -40.04 -0.13
C THR A 226 23.72 -39.51 -0.95
N VAL A 227 24.36 -38.50 -0.36
CA VAL A 227 25.56 -37.87 -0.91
C VAL A 227 26.69 -38.00 0.08
N GLU A 228 27.89 -37.80 -0.46
CA GLU A 228 29.20 -37.92 0.18
C GLU A 228 29.57 -36.50 0.45
N THR A 229 29.98 -36.22 1.69
CA THR A 229 30.37 -34.88 2.07
C THR A 229 31.86 -34.95 2.42
N VAL A 230 32.54 -33.82 2.27
CA VAL A 230 33.95 -33.67 2.59
C VAL A 230 34.19 -32.37 3.30
N GLN A 231 34.63 -32.53 4.54
CA GLN A 231 34.94 -31.36 5.39
C GLN A 231 36.44 -31.04 5.32
N GLU A 232 36.80 -29.79 5.57
CA GLU A 232 38.17 -29.29 5.55
C GLU A 232 38.13 -28.25 6.64
N ASP A 233 39.05 -28.42 7.58
CA ASP A 233 39.16 -27.62 8.80
C ASP A 233 37.81 -27.65 9.47
N SER A 234 37.22 -28.83 9.35
CA SER A 234 35.93 -29.08 9.98
C SER A 234 34.77 -28.36 9.35
N ILE A 235 34.99 -27.70 8.21
CA ILE A 235 33.90 -27.00 7.53
C ILE A 235 33.64 -27.81 6.25
N CYS A 236 32.37 -27.93 5.87
CA CYS A 236 31.97 -28.66 4.68
C CYS A 236 32.64 -28.01 3.49
N LYS A 237 33.27 -28.81 2.62
CA LYS A 237 33.95 -28.26 1.45
C LYS A 237 33.25 -28.57 0.12
N LEU A 238 33.05 -29.87 -0.01
CA LEU A 238 32.38 -30.38 -1.19
C LEU A 238 31.33 -31.40 -0.85
N VAL A 239 30.43 -31.55 -1.83
CA VAL A 239 29.36 -32.53 -1.83
C VAL A 239 29.32 -33.21 -3.18
N TYR A 240 29.32 -34.56 -3.25
CA TYR A 240 29.26 -35.33 -4.50
C TYR A 240 27.93 -36.04 -4.41
N ALA A 241 27.10 -35.76 -5.39
CA ALA A 241 25.78 -36.36 -5.34
C ALA A 241 25.40 -37.03 -6.65
N PRO A 242 25.11 -38.33 -6.59
CA PRO A 242 25.09 -39.16 -5.38
C PRO A 242 26.49 -39.44 -4.85
N ALA A 243 26.59 -40.12 -3.72
CA ALA A 243 27.89 -40.46 -3.15
C ALA A 243 28.67 -41.43 -4.03
N ARG A 244 29.93 -41.12 -4.31
CA ARG A 244 30.74 -42.00 -5.14
C ARG A 244 31.38 -43.16 -4.35
N ASN A 245 31.27 -44.35 -4.94
CA ASN A 245 31.83 -45.56 -4.37
C ASN A 245 31.12 -46.02 -3.11
N VAL A 246 29.80 -46.10 -3.15
CA VAL A 246 29.13 -46.51 -1.93
C VAL A 246 28.19 -47.54 -2.49
N SER A 247 28.24 -48.78 -2.01
CA SER A 247 27.35 -49.80 -2.57
C SER A 247 25.88 -49.39 -2.50
N ASP A 248 24.98 -50.21 -3.04
CA ASP A 248 23.55 -49.89 -2.99
C ASP A 248 22.97 -50.18 -1.61
N ALA A 249 23.60 -51.14 -0.95
CA ALA A 249 23.37 -51.65 0.40
C ALA A 249 23.64 -50.46 1.32
N ILE A 250 24.79 -49.82 1.15
CA ILE A 250 25.11 -48.65 1.95
C ILE A 250 24.17 -47.44 1.86
N ASN A 251 23.76 -47.07 0.65
CA ASN A 251 22.85 -45.95 0.56
C ASN A 251 21.52 -46.20 1.28
N GLN A 252 21.01 -47.42 1.20
CA GLN A 252 19.77 -47.81 1.85
C GLN A 252 19.93 -47.68 3.34
N LYS A 253 20.98 -48.35 3.81
CA LYS A 253 21.26 -48.33 5.23
C LYS A 253 21.30 -46.87 5.65
N ALA A 254 21.85 -46.00 4.81
CA ALA A 254 21.96 -44.58 5.14
C ALA A 254 20.63 -43.83 5.17
N GLN A 255 19.83 -44.14 4.17
CA GLN A 255 18.52 -43.57 4.01
C GLN A 255 17.69 -43.95 5.22
N GLU A 256 17.78 -45.21 5.60
CA GLU A 256 17.01 -45.70 6.73
C GLU A 256 17.39 -45.04 8.05
N LEU A 257 18.70 -45.05 8.32
CA LEU A 257 19.22 -44.43 9.53
C LEU A 257 18.60 -43.01 9.58
N ALA A 258 18.93 -42.19 8.60
CA ALA A 258 18.40 -40.82 8.54
C ALA A 258 16.91 -40.68 8.82
N ARG A 259 16.17 -41.45 8.05
CA ARG A 259 14.73 -41.34 8.20
C ARG A 259 14.25 -41.71 9.59
N LYS A 260 14.98 -42.63 10.19
CA LYS A 260 14.73 -43.11 11.51
C LYS A 260 15.08 -42.01 12.49
N ALA A 261 16.08 -41.23 12.13
CA ALA A 261 16.46 -40.20 13.07
C ALA A 261 15.38 -39.12 13.11
N VAL A 262 14.95 -38.77 11.91
CA VAL A 262 13.97 -37.73 11.69
C VAL A 262 12.69 -38.00 12.47
N ALA A 263 12.20 -39.22 12.26
CA ALA A 263 10.99 -39.73 12.90
C ALA A 263 11.05 -39.47 14.41
N ALA A 264 12.25 -39.44 15.00
CA ALA A 264 12.23 -39.19 16.46
C ALA A 264 11.90 -37.73 16.86
N PHE A 265 11.56 -36.91 15.89
CA PHE A 265 11.26 -35.53 16.20
C PHE A 265 9.96 -35.21 15.50
N ASP A 266 9.22 -34.28 16.06
CA ASP A 266 7.92 -33.87 15.51
C ASP A 266 8.08 -32.59 14.72
N GLY A 267 7.19 -32.34 13.76
CA GLY A 267 7.22 -31.09 13.02
C GLY A 267 7.28 -31.44 11.55
N LYS A 268 6.98 -30.47 10.71
CA LYS A 268 7.07 -30.79 9.30
C LYS A 268 8.28 -29.98 8.91
N GLY A 269 8.81 -30.27 7.73
CA GLY A 269 9.97 -29.58 7.26
C GLY A 269 11.13 -30.43 6.83
N VAL A 270 12.11 -29.68 6.38
CA VAL A 270 13.27 -30.42 5.96
C VAL A 270 14.29 -30.50 7.08
N PHE A 271 14.88 -31.68 7.14
CA PHE A 271 15.96 -31.96 8.10
C PHE A 271 17.18 -32.54 7.41
N GLY A 272 18.35 -32.15 7.89
CA GLY A 272 19.59 -32.74 7.33
C GLY A 272 20.28 -33.75 8.29
N VAL A 273 20.61 -34.99 7.86
CA VAL A 273 21.29 -35.98 8.72
C VAL A 273 22.70 -36.30 8.19
N GLU A 274 23.67 -36.07 9.05
CA GLU A 274 25.12 -36.29 8.84
C GLU A 274 25.51 -37.58 9.53
N MET A 275 26.09 -38.49 8.73
CA MET A 275 26.52 -39.82 9.14
C MET A 275 27.96 -40.04 8.83
N PHE A 276 28.54 -41.05 9.48
CA PHE A 276 29.96 -41.36 9.28
C PHE A 276 29.96 -42.74 8.67
N LEU A 277 30.81 -42.98 7.68
CA LEU A 277 30.81 -44.33 7.14
C LEU A 277 32.11 -44.89 7.67
N LEU A 278 31.95 -46.00 8.36
CA LEU A 278 33.14 -46.63 8.96
C LEU A 278 33.91 -47.61 8.09
N GLU A 279 35.12 -47.97 8.51
CA GLU A 279 35.87 -48.89 7.66
C GLU A 279 35.09 -50.15 7.28
N ASP A 280 34.41 -50.75 8.24
CA ASP A 280 33.58 -51.93 8.03
C ASP A 280 32.20 -51.68 7.37
N ASP A 281 32.04 -50.52 6.76
CA ASP A 281 30.77 -50.24 6.15
C ASP A 281 29.52 -49.91 6.99
N SER A 282 29.70 -49.91 8.31
CA SER A 282 28.58 -49.55 9.17
C SER A 282 28.59 -48.03 9.20
N ILE A 283 27.42 -47.47 9.46
CA ILE A 283 27.22 -46.02 9.53
C ILE A 283 26.81 -45.62 10.93
N MET A 284 27.31 -44.48 11.42
CA MET A 284 26.97 -43.97 12.76
C MET A 284 26.46 -42.55 12.52
N LEU A 285 25.57 -42.03 13.34
CA LEU A 285 25.10 -40.68 13.09
C LEU A 285 26.17 -39.71 13.54
N CYS A 286 26.28 -38.57 12.84
CA CYS A 286 27.25 -37.53 13.25
C CYS A 286 26.38 -36.46 13.96
N GLU A 287 25.39 -35.86 13.29
CA GLU A 287 24.50 -34.87 13.96
C GLU A 287 23.33 -34.75 13.02
N ILE A 288 22.20 -34.24 13.50
CA ILE A 288 21.03 -33.99 12.66
C ILE A 288 20.73 -32.48 12.81
N ALA A 289 20.43 -31.82 11.70
CA ALA A 289 20.12 -30.41 11.65
C ALA A 289 18.63 -30.36 11.46
N SER A 290 17.95 -29.59 12.31
CA SER A 290 16.49 -29.44 12.18
C SER A 290 16.07 -28.50 11.03
N ARG A 291 16.71 -28.48 9.86
CA ARG A 291 16.24 -27.53 8.85
C ARG A 291 17.08 -27.81 7.60
N ILE A 292 16.95 -27.00 6.57
CA ILE A 292 17.67 -27.05 5.30
C ILE A 292 19.17 -27.11 5.67
N HIS A 293 19.96 -27.85 4.88
CA HIS A 293 21.37 -28.09 5.20
C HIS A 293 22.26 -27.96 3.99
N ASN A 294 23.53 -27.66 4.23
CA ASN A 294 24.52 -27.41 3.17
C ASN A 294 24.58 -28.65 2.26
N SER A 295 24.46 -29.83 2.88
CA SER A 295 24.53 -31.06 2.08
C SER A 295 23.54 -31.04 0.94
N GLY A 296 22.44 -30.29 1.03
CA GLY A 296 21.49 -30.30 -0.07
C GLY A 296 21.54 -29.15 -1.06
N HIS A 297 22.54 -28.28 -0.99
CA HIS A 297 22.47 -27.23 -1.99
C HIS A 297 22.43 -27.67 -3.45
N TYR A 298 22.97 -28.86 -3.73
CA TYR A 298 22.98 -29.36 -5.11
C TYR A 298 21.57 -29.59 -5.66
N THR A 299 20.60 -29.74 -4.76
CA THR A 299 19.23 -30.02 -5.17
C THR A 299 18.70 -28.90 -6.04
N ILE A 300 19.31 -27.71 -6.00
CA ILE A 300 18.72 -26.60 -6.75
C ILE A 300 18.86 -27.03 -8.19
N GLU A 301 20.06 -27.42 -8.55
CA GLU A 301 20.20 -27.85 -9.92
C GLU A 301 20.05 -29.35 -10.23
N GLY A 302 20.11 -30.20 -9.23
CA GLY A 302 20.05 -31.64 -9.43
C GLY A 302 18.66 -32.20 -9.40
N CYS A 303 17.72 -31.42 -8.85
CA CYS A 303 16.38 -31.97 -8.76
C CYS A 303 15.34 -30.96 -9.23
N ALA A 304 14.12 -31.42 -9.52
CA ALA A 304 13.03 -30.53 -9.94
C ALA A 304 12.62 -29.70 -8.76
N LEU A 305 12.54 -30.30 -7.58
CA LEU A 305 12.16 -29.62 -6.34
C LEU A 305 13.39 -29.55 -5.45
N SER A 306 13.83 -28.32 -5.19
CA SER A 306 14.96 -28.13 -4.31
C SER A 306 14.60 -28.33 -2.84
N GLN A 307 15.63 -28.53 -2.04
CA GLN A 307 15.39 -28.71 -0.60
C GLN A 307 14.61 -27.50 -0.08
N PHE A 308 14.89 -26.34 -0.65
CA PHE A 308 14.22 -25.12 -0.19
C PHE A 308 12.77 -25.15 -0.66
N ASP A 309 12.53 -25.60 -1.90
CA ASP A 309 11.16 -25.73 -2.44
C ASP A 309 10.44 -26.74 -1.56
N ALA A 310 11.14 -27.83 -1.22
CA ALA A 310 10.61 -28.90 -0.38
C ALA A 310 10.22 -28.41 1.01
N HIS A 311 11.13 -27.65 1.58
CA HIS A 311 10.78 -27.17 2.92
C HIS A 311 9.51 -26.33 2.99
N LEU A 312 9.42 -25.38 2.06
CA LEU A 312 8.26 -24.51 1.99
C LEU A 312 6.95 -25.27 1.79
N ARG A 313 7.02 -26.28 0.93
CA ARG A 313 5.76 -26.98 0.68
C ARG A 313 5.34 -27.80 1.86
N ALA A 314 6.33 -28.45 2.48
CA ALA A 314 6.15 -29.32 3.66
C ALA A 314 5.45 -28.59 4.80
N ILE A 315 5.98 -27.41 5.10
CA ILE A 315 5.46 -26.58 6.17
C ILE A 315 4.16 -25.92 5.80
N LEU A 316 3.77 -26.00 4.53
CA LEU A 316 2.53 -25.33 4.16
C LEU A 316 1.57 -26.36 3.69
N ASP A 317 1.93 -27.61 3.85
CA ASP A 317 1.03 -28.67 3.40
C ASP A 317 0.71 -28.62 1.91
N LEU A 318 1.70 -28.36 1.06
CA LEU A 318 1.51 -28.32 -0.39
C LEU A 318 2.08 -29.64 -0.86
N PRO A 319 1.63 -30.07 -2.03
CA PRO A 319 2.08 -31.37 -2.62
C PRO A 319 3.55 -31.37 -2.93
N ILE A 320 4.18 -32.51 -2.76
CA ILE A 320 5.57 -32.65 -3.12
C ILE A 320 5.64 -33.93 -3.94
N PRO A 321 5.50 -33.86 -5.27
CA PRO A 321 5.60 -35.11 -6.02
C PRO A 321 6.95 -35.80 -5.82
N ALA A 322 6.95 -37.10 -5.53
CA ALA A 322 8.23 -37.78 -5.28
C ALA A 322 9.33 -37.82 -6.31
N GLN A 323 8.89 -37.84 -7.56
CA GLN A 323 9.80 -37.90 -8.68
C GLN A 323 10.52 -36.60 -8.70
N SER A 324 9.97 -35.60 -8.03
CA SER A 324 10.66 -34.32 -8.01
C SER A 324 11.91 -34.21 -7.18
N LEU A 325 12.24 -35.23 -6.41
CA LEU A 325 13.45 -35.18 -5.59
C LEU A 325 14.39 -36.23 -6.11
N GLU A 326 14.15 -36.69 -7.34
CA GLU A 326 15.10 -37.68 -7.85
C GLU A 326 16.26 -36.89 -8.48
N ILE A 327 17.49 -37.34 -8.39
CA ILE A 327 18.54 -36.54 -9.02
C ILE A 327 18.57 -36.64 -10.57
N ARG A 328 18.59 -35.53 -11.30
CA ARG A 328 18.72 -35.44 -12.75
C ARG A 328 20.08 -35.81 -13.36
N GLN A 329 21.18 -35.36 -12.79
CA GLN A 329 22.52 -35.68 -13.31
C GLN A 329 23.45 -35.65 -12.10
N PRO A 330 24.64 -36.26 -12.18
CA PRO A 330 25.66 -36.23 -11.12
C PRO A 330 25.98 -34.75 -10.97
N SER A 331 26.38 -34.38 -9.75
CA SER A 331 26.70 -32.98 -9.38
C SER A 331 27.61 -33.04 -8.19
N ILE A 332 28.37 -31.95 -8.15
CA ILE A 332 29.35 -31.72 -7.10
C ILE A 332 29.13 -30.25 -6.68
N MET A 333 29.09 -30.05 -5.38
CA MET A 333 28.96 -28.71 -4.84
C MET A 333 30.24 -28.41 -4.08
N LEU A 334 30.71 -27.18 -4.22
CA LEU A 334 31.89 -26.65 -3.54
C LEU A 334 31.53 -25.33 -2.88
N ASN A 335 31.89 -25.17 -1.59
CA ASN A 335 31.64 -23.93 -0.86
C ASN A 335 32.78 -22.94 -1.11
N ILE A 336 32.44 -21.67 -1.19
CA ILE A 336 33.40 -20.57 -1.27
C ILE A 336 33.46 -20.15 0.24
N ILE A 337 34.56 -20.49 0.88
CA ILE A 337 34.85 -20.27 2.30
C ILE A 337 35.82 -19.13 2.27
N GLY A 338 35.66 -18.13 3.17
CA GLY A 338 36.56 -16.98 3.16
C GLY A 338 38.00 -17.36 3.55
N GLY A 339 38.95 -16.50 3.22
CA GLY A 339 40.29 -16.88 3.60
C GLY A 339 40.85 -15.59 4.18
N ALA A 340 42.17 -15.59 4.27
CA ALA A 340 42.88 -14.44 4.79
C ALA A 340 42.33 -13.20 4.09
N ALA A 341 42.34 -13.19 2.76
CA ALA A 341 41.80 -12.05 2.04
C ALA A 341 40.25 -12.00 2.01
N PRO A 342 39.68 -10.83 2.20
CA PRO A 342 38.22 -10.70 2.23
C PRO A 342 37.51 -10.51 0.88
N ASP A 343 38.25 -10.89 -0.16
CA ASP A 343 37.80 -10.78 -1.54
C ASP A 343 38.12 -12.04 -2.33
N THR A 344 38.74 -13.00 -1.66
CA THR A 344 39.15 -14.25 -2.28
C THR A 344 37.93 -15.00 -2.83
N HIS A 345 36.85 -14.97 -2.05
CA HIS A 345 35.65 -15.65 -2.48
C HIS A 345 35.37 -15.07 -3.88
N LEU A 346 35.66 -13.81 -4.16
CA LEU A 346 35.35 -13.34 -5.51
C LEU A 346 36.27 -14.02 -6.48
N GLN A 347 37.48 -14.28 -6.02
CA GLN A 347 38.44 -14.97 -6.87
C GLN A 347 37.94 -16.38 -7.17
N ALA A 348 37.40 -17.04 -6.16
CA ALA A 348 36.95 -18.36 -6.54
C ALA A 348 35.79 -18.14 -7.47
N ALA A 349 34.84 -17.29 -7.07
CA ALA A 349 33.63 -17.06 -7.91
C ALA A 349 34.08 -16.79 -9.35
N GLU A 350 34.97 -15.82 -9.47
CA GLU A 350 35.55 -15.48 -10.76
C GLU A 350 36.15 -16.61 -11.61
N CYS A 351 36.77 -17.58 -10.97
CA CYS A 351 37.32 -18.71 -11.69
C CYS A 351 36.14 -19.57 -12.17
N ALA A 352 35.09 -19.64 -11.33
CA ALA A 352 33.87 -20.40 -11.56
C ALA A 352 33.18 -20.07 -12.86
N LEU A 353 33.27 -18.78 -13.18
CA LEU A 353 32.67 -18.21 -14.37
C LEU A 353 33.08 -18.97 -15.61
N SER A 354 34.29 -19.55 -15.59
CA SER A 354 34.85 -20.30 -16.71
C SER A 354 34.70 -21.80 -16.61
N ILE A 355 34.29 -22.29 -15.45
CA ILE A 355 34.17 -23.73 -15.34
C ILE A 355 32.93 -24.20 -16.11
N PRO A 356 32.94 -25.22 -16.97
CA PRO A 356 31.72 -25.59 -17.68
C PRO A 356 30.69 -26.11 -16.70
N ASN A 357 29.42 -25.80 -16.96
CA ASN A 357 28.31 -26.25 -16.12
C ASN A 357 28.32 -25.91 -14.64
N ALA A 358 29.06 -24.86 -14.26
CA ALA A 358 29.18 -24.34 -12.89
C ALA A 358 28.25 -23.13 -12.76
N SER A 359 27.32 -23.34 -11.85
CA SER A 359 26.28 -22.43 -11.35
C SER A 359 26.82 -21.79 -10.06
N ILE A 360 27.02 -20.48 -10.15
CA ILE A 360 27.51 -19.69 -9.05
C ILE A 360 26.45 -19.04 -8.17
N HIS A 361 26.49 -19.31 -6.86
CA HIS A 361 25.63 -18.78 -5.81
C HIS A 361 26.49 -17.97 -4.84
N LEU A 362 26.37 -16.64 -4.85
CA LEU A 362 27.13 -15.81 -3.94
C LEU A 362 26.11 -15.24 -2.96
N TYR A 363 26.45 -15.32 -1.69
CA TYR A 363 25.53 -14.89 -0.65
C TYR A 363 25.29 -13.43 -0.26
N SER A 364 26.06 -12.48 -0.80
CA SER A 364 25.82 -11.07 -0.47
C SER A 364 26.04 -10.74 1.00
N LYS A 365 27.12 -11.29 1.57
CA LYS A 365 27.51 -11.10 2.98
C LYS A 365 28.58 -9.98 3.16
N GLY A 366 29.04 -9.51 2.02
CA GLY A 366 30.04 -8.47 2.06
C GLY A 366 31.46 -9.04 2.07
N ALA A 367 32.33 -8.31 2.76
CA ALA A 367 33.74 -8.66 2.88
C ALA A 367 33.76 -10.00 3.57
N ALA A 368 34.76 -10.78 3.20
CA ALA A 368 34.88 -12.12 3.73
C ALA A 368 35.68 -12.05 5.01
N LYS A 369 35.44 -13.01 5.89
CA LYS A 369 36.17 -13.20 7.13
C LYS A 369 36.58 -14.65 6.86
N PRO A 370 37.67 -15.08 7.49
CA PRO A 370 38.19 -16.43 7.32
C PRO A 370 37.23 -17.55 7.75
N GLY A 371 37.04 -18.56 6.92
CA GLY A 371 36.15 -19.66 7.27
C GLY A 371 34.67 -19.39 7.08
N ARG A 372 34.32 -18.17 6.69
CA ARG A 372 32.93 -17.83 6.44
C ARG A 372 32.38 -18.46 5.15
N LYS A 373 31.18 -18.92 5.19
CA LYS A 373 30.60 -19.48 3.99
C LYS A 373 30.06 -18.23 3.31
N MET A 374 30.75 -17.94 2.22
CA MET A 374 30.59 -16.83 1.31
C MET A 374 29.71 -17.11 0.09
N GLY A 375 29.55 -18.35 -0.32
CA GLY A 375 28.72 -18.54 -1.52
C GLY A 375 28.93 -20.02 -1.90
N HIS A 376 28.46 -20.52 -3.03
CA HIS A 376 28.80 -21.93 -3.28
C HIS A 376 28.71 -22.09 -4.74
N ILE A 377 29.40 -23.10 -5.27
CA ILE A 377 29.37 -23.34 -6.71
C ILE A 377 28.88 -24.74 -6.90
N THR A 378 27.95 -24.89 -7.80
CA THR A 378 27.46 -26.25 -8.12
C THR A 378 27.73 -26.68 -9.57
N VAL A 379 28.40 -27.80 -9.79
CA VAL A 379 28.68 -28.26 -11.16
C VAL A 379 28.00 -29.58 -11.42
N THR A 380 27.23 -29.68 -12.49
CA THR A 380 26.60 -30.95 -12.84
C THR A 380 27.15 -31.54 -14.18
N ALA A 381 26.87 -32.81 -14.43
CA ALA A 381 27.35 -33.43 -15.69
C ALA A 381 26.66 -34.77 -15.84
N PRO A 382 26.63 -35.27 -17.06
CA PRO A 382 25.95 -36.54 -17.27
C PRO A 382 26.53 -37.62 -16.38
N THR A 383 27.79 -37.46 -16.00
CA THR A 383 28.48 -38.43 -15.18
C THR A 383 29.33 -37.74 -14.11
N MET A 384 29.47 -38.44 -13.00
CA MET A 384 30.33 -37.85 -12.00
C MET A 384 31.72 -37.59 -12.57
N HIS A 385 32.28 -38.61 -13.21
CA HIS A 385 33.60 -38.43 -13.72
C HIS A 385 33.77 -37.11 -14.49
N GLU A 386 32.82 -36.81 -15.35
CA GLU A 386 32.91 -35.55 -16.09
C GLU A 386 32.74 -34.33 -15.17
N ALA A 387 31.80 -34.39 -14.22
CA ALA A 387 31.60 -33.31 -13.24
C ALA A 387 32.94 -33.09 -12.54
N GLU A 388 33.59 -34.15 -12.07
CA GLU A 388 34.88 -33.94 -11.38
C GLU A 388 35.96 -33.26 -12.22
N THR A 389 35.98 -33.66 -13.47
CA THR A 389 36.99 -33.09 -14.35
C THR A 389 36.68 -31.61 -14.50
N HIS A 390 35.42 -31.30 -14.71
CA HIS A 390 35.15 -29.90 -14.87
C HIS A 390 35.55 -29.07 -13.68
N ILE A 391 35.32 -29.65 -12.53
CA ILE A 391 35.55 -28.91 -11.31
C ILE A 391 36.93 -28.71 -10.70
N GLN A 392 37.77 -29.69 -11.07
CA GLN A 392 39.14 -29.78 -10.62
C GLN A 392 39.87 -28.44 -10.62
N PRO A 393 39.99 -27.87 -11.80
CA PRO A 393 40.66 -26.55 -11.83
C PRO A 393 40.09 -25.62 -10.74
N LEU A 394 38.77 -25.63 -10.50
CA LEU A 394 38.25 -24.71 -9.49
C LEU A 394 38.76 -25.08 -8.10
N ILE A 395 38.82 -26.39 -7.88
CA ILE A 395 39.27 -26.89 -6.61
C ILE A 395 40.70 -26.41 -6.45
N ASP A 396 41.51 -26.73 -7.48
CA ASP A 396 42.94 -26.35 -7.50
C ASP A 396 43.07 -24.88 -7.09
N VAL A 397 42.18 -24.07 -7.64
CA VAL A 397 42.18 -22.64 -7.29
C VAL A 397 41.86 -22.31 -5.85
N VAL A 398 40.74 -22.84 -5.36
CA VAL A 398 40.37 -22.55 -3.98
C VAL A 398 41.47 -22.94 -3.00
N ASP A 399 42.00 -24.12 -3.26
CA ASP A 399 43.04 -24.62 -2.42
C ASP A 399 44.21 -23.67 -2.41
N ARG A 400 44.62 -23.11 -3.53
CA ARG A 400 45.79 -22.22 -3.59
C ARG A 400 45.70 -21.12 -2.61
N ILE A 401 44.47 -20.71 -2.43
CA ILE A 401 44.08 -19.58 -1.69
C ILE A 401 43.85 -19.85 -0.24
N ARG A 402 43.51 -21.07 0.10
CA ARG A 402 43.34 -21.44 1.47
C ARG A 402 44.07 -20.47 2.40
N TRP B 22 34.92 -7.80 -10.42
CA TRP B 22 34.23 -8.14 -11.67
C TRP B 22 32.75 -7.83 -11.53
N ASN B 23 32.25 -8.18 -10.36
CA ASN B 23 30.84 -7.95 -10.09
C ASN B 23 30.54 -6.66 -9.29
N SER B 24 31.40 -5.64 -9.38
CA SER B 24 31.10 -4.40 -8.69
C SER B 24 30.31 -3.47 -9.62
N ARG B 25 30.12 -3.81 -10.89
CA ARG B 25 29.40 -2.88 -11.72
C ARG B 25 27.89 -2.84 -11.51
N LYS B 26 27.32 -1.69 -11.87
CA LYS B 26 25.88 -1.66 -11.68
C LYS B 26 25.16 -1.68 -13.01
N VAL B 27 24.19 -2.59 -13.09
CA VAL B 27 23.44 -2.78 -14.30
C VAL B 27 22.08 -2.14 -14.12
N GLY B 28 21.69 -1.40 -15.14
CA GLY B 28 20.45 -0.66 -15.18
C GLY B 28 19.58 -1.39 -16.13
N VAL B 29 18.29 -1.61 -15.82
CA VAL B 29 17.53 -2.37 -16.77
C VAL B 29 16.33 -1.54 -17.07
N LEU B 30 16.08 -1.32 -18.36
CA LEU B 30 14.85 -0.60 -18.77
C LEU B 30 13.72 -1.63 -18.81
N GLY B 31 12.77 -1.54 -17.88
CA GLY B 31 11.66 -2.47 -17.75
C GLY B 31 11.78 -3.39 -16.52
N GLY B 32 10.71 -3.54 -15.75
CA GLY B 32 10.76 -4.38 -14.56
C GLY B 32 9.69 -5.44 -14.50
N GLY B 33 9.41 -6.09 -15.63
CA GLY B 33 8.41 -7.17 -15.72
C GLY B 33 9.04 -8.54 -15.46
N GLN B 34 8.34 -9.59 -15.82
CA GLN B 34 8.92 -10.87 -15.54
C GLN B 34 10.30 -11.09 -16.20
N LEU B 35 10.54 -10.49 -17.36
CA LEU B 35 11.77 -10.70 -18.07
C LEU B 35 12.87 -10.07 -17.22
N GLY B 36 12.57 -8.85 -16.80
CA GLY B 36 13.47 -8.04 -15.94
C GLY B 36 13.79 -8.76 -14.63
N ARG B 37 12.74 -9.35 -14.06
CA ARG B 37 12.74 -10.14 -12.83
C ARG B 37 13.69 -11.37 -12.92
N MET B 38 13.58 -12.14 -14.00
CA MET B 38 14.45 -13.31 -14.13
C MET B 38 15.91 -12.92 -14.17
N LEU B 39 16.06 -11.77 -14.78
CA LEU B 39 17.30 -11.10 -14.98
C LEU B 39 17.84 -10.74 -13.61
N VAL B 40 16.98 -10.11 -12.81
CA VAL B 40 17.38 -9.71 -11.47
C VAL B 40 17.64 -11.02 -10.68
N GLU B 41 16.94 -12.11 -10.97
CA GLU B 41 17.27 -13.35 -10.24
C GLU B 41 18.72 -13.69 -10.53
N SER B 42 19.11 -13.65 -11.80
CA SER B 42 20.52 -13.98 -12.07
C SER B 42 21.58 -13.07 -11.44
N ALA B 43 21.35 -11.77 -11.45
CA ALA B 43 22.34 -10.81 -10.92
C ALA B 43 22.42 -11.01 -9.43
N ASN B 44 21.26 -11.28 -8.87
CA ASN B 44 21.24 -11.54 -7.44
C ASN B 44 22.22 -12.68 -7.11
N ARG B 45 22.25 -13.67 -8.02
CA ARG B 45 23.09 -14.85 -7.80
C ARG B 45 24.54 -14.49 -7.76
N LEU B 46 24.85 -13.50 -8.59
CA LEU B 46 26.22 -13.00 -8.78
C LEU B 46 26.55 -11.78 -7.96
N ASN B 47 25.57 -11.34 -7.21
CA ASN B 47 25.76 -10.19 -6.33
C ASN B 47 26.06 -8.97 -7.15
N ILE B 48 25.47 -8.96 -8.32
CA ILE B 48 25.64 -7.79 -9.12
C ILE B 48 24.40 -6.90 -8.95
N GLN B 49 24.63 -5.66 -8.58
CA GLN B 49 23.48 -4.76 -8.45
C GLN B 49 22.75 -4.40 -9.74
N VAL B 50 21.42 -4.47 -9.68
CA VAL B 50 20.66 -4.11 -10.85
C VAL B 50 19.73 -2.98 -10.44
N ASN B 51 19.66 -1.93 -11.25
CA ASN B 51 18.74 -0.83 -10.92
C ASN B 51 17.65 -0.89 -11.97
N VAL B 52 16.43 -1.18 -11.55
CA VAL B 52 15.34 -1.32 -12.50
C VAL B 52 14.63 0.01 -12.68
N LEU B 53 14.28 0.32 -13.92
CA LEU B 53 13.54 1.53 -14.22
C LEU B 53 12.19 0.95 -14.67
N ASP B 54 11.14 1.21 -13.90
CA ASP B 54 9.79 0.73 -14.21
C ASP B 54 8.97 1.31 -13.07
N ALA B 55 7.68 0.93 -13.04
CA ALA B 55 6.71 1.28 -12.01
C ALA B 55 7.34 0.87 -10.67
N ASP B 56 6.95 1.45 -9.54
CA ASP B 56 7.55 1.05 -8.23
C ASP B 56 6.88 -0.29 -8.03
N ASN B 57 7.37 -1.19 -7.16
CA ASN B 57 6.57 -2.42 -7.07
C ASN B 57 6.61 -3.42 -8.24
N SER B 58 7.27 -3.14 -9.36
CA SER B 58 7.29 -4.09 -10.46
C SER B 58 7.80 -5.47 -10.06
N PRO B 59 7.34 -6.49 -10.78
CA PRO B 59 7.76 -7.86 -10.48
C PRO B 59 9.26 -7.87 -10.11
N ALA B 60 10.06 -7.20 -10.92
CA ALA B 60 11.48 -7.15 -10.69
C ALA B 60 12.00 -6.32 -9.50
N LYS B 61 11.36 -5.21 -9.11
CA LYS B 61 11.88 -4.44 -7.96
C LYS B 61 11.57 -5.27 -6.70
N GLN B 62 10.56 -6.12 -6.82
CA GLN B 62 10.23 -6.94 -5.64
C GLN B 62 11.22 -7.96 -5.10
N ILE B 63 12.28 -8.28 -5.83
CA ILE B 63 13.25 -9.28 -5.36
C ILE B 63 14.62 -8.62 -5.22
N SER B 64 14.55 -7.29 -5.17
CA SER B 64 15.78 -6.55 -5.11
C SER B 64 15.62 -5.24 -4.31
N ALA B 65 15.81 -5.45 -3.03
CA ALA B 65 15.64 -4.44 -1.98
C ALA B 65 16.79 -3.51 -1.75
N HIS B 66 16.89 -2.51 -2.59
CA HIS B 66 17.99 -1.59 -2.38
C HIS B 66 17.38 -0.26 -2.84
N ASP B 67 18.14 0.83 -2.80
CA ASP B 67 17.65 2.16 -3.20
C ASP B 67 17.92 2.62 -4.63
N GLY B 68 18.70 1.85 -5.40
CA GLY B 68 19.05 2.23 -6.77
C GLY B 68 18.02 2.29 -7.88
N HIS B 69 16.84 1.73 -7.64
CA HIS B 69 15.78 1.74 -8.63
C HIS B 69 15.15 3.08 -8.96
N VAL B 70 14.80 3.22 -10.23
CA VAL B 70 14.19 4.44 -10.76
C VAL B 70 12.77 4.15 -11.25
N THR B 71 11.81 4.80 -10.59
CA THR B 71 10.38 4.69 -10.93
C THR B 71 10.02 5.56 -12.16
N GLY B 72 9.28 4.97 -13.09
CA GLY B 72 8.84 5.66 -14.30
C GLY B 72 8.68 4.66 -15.43
N SER B 73 8.65 5.18 -16.65
CA SER B 73 8.55 4.37 -17.88
C SER B 73 9.91 4.49 -18.60
N PHE B 74 10.32 3.44 -19.30
CA PHE B 74 11.56 3.43 -20.05
C PHE B 74 11.16 3.97 -21.44
N LYS B 75 10.03 4.65 -21.53
CA LYS B 75 9.56 5.20 -22.79
C LYS B 75 9.76 6.68 -22.48
N GLU B 76 9.98 6.96 -21.21
CA GLU B 76 10.17 8.34 -20.81
C GLU B 76 11.59 8.84 -20.68
N ARG B 77 11.93 9.73 -21.60
CA ARG B 77 13.25 10.32 -21.67
C ARG B 77 14.00 10.63 -20.39
N GLU B 78 13.37 11.40 -19.51
CA GLU B 78 14.08 11.85 -18.30
C GLU B 78 14.44 10.83 -17.23
N ALA B 79 13.73 9.70 -17.21
CA ALA B 79 13.90 8.62 -16.22
C ALA B 79 15.04 7.76 -16.68
N VAL B 80 14.95 7.57 -17.99
CA VAL B 80 15.94 6.79 -18.67
C VAL B 80 17.16 7.64 -18.35
N ARG B 81 16.99 8.94 -18.32
CA ARG B 81 18.19 9.70 -18.03
C ARG B 81 18.74 9.54 -16.65
N GLN B 82 17.80 9.29 -15.75
CA GLN B 82 18.25 9.11 -14.38
C GLN B 82 18.89 7.76 -14.17
N LEU B 83 18.29 6.77 -14.83
CA LEU B 83 18.80 5.44 -14.79
C LEU B 83 20.21 5.45 -15.23
N ALA B 84 20.45 5.88 -16.43
CA ALA B 84 21.74 5.93 -17.00
C ALA B 84 22.82 6.49 -16.12
N LYS B 85 22.57 7.67 -15.57
CA LYS B 85 23.59 8.44 -14.85
C LYS B 85 23.95 7.77 -13.58
N THR B 86 23.18 6.76 -13.24
CA THR B 86 23.57 6.00 -12.09
C THR B 86 24.12 4.56 -12.35
N CYS B 87 24.29 4.19 -13.61
CA CYS B 87 24.70 2.85 -13.95
C CYS B 87 25.95 2.79 -14.76
N ASP B 88 26.56 1.62 -14.81
CA ASP B 88 27.76 1.40 -15.63
C ASP B 88 27.28 0.84 -16.93
N VAL B 89 26.27 -0.02 -16.95
CA VAL B 89 25.74 -0.50 -18.22
C VAL B 89 24.25 -0.39 -18.16
N VAL B 90 23.64 -0.06 -19.29
CA VAL B 90 22.20 -0.03 -19.26
C VAL B 90 21.78 -1.02 -20.34
N THR B 91 20.74 -1.78 -20.01
CA THR B 91 20.15 -2.80 -20.88
C THR B 91 18.63 -2.71 -20.82
N ALA B 92 17.96 -3.43 -21.71
CA ALA B 92 16.52 -3.37 -21.71
C ALA B 92 15.99 -4.79 -21.71
N GLU B 93 14.77 -4.89 -21.19
CA GLU B 93 14.02 -6.14 -21.08
C GLU B 93 12.81 -6.14 -22.03
N ILE B 94 12.83 -5.25 -23.02
CA ILE B 94 11.86 -5.02 -24.15
C ILE B 94 12.59 -4.36 -25.34
N GLU B 95 12.02 -4.36 -26.54
CA GLU B 95 12.68 -3.68 -27.67
C GLU B 95 12.03 -2.39 -28.13
N HIS B 96 11.03 -1.99 -27.34
CA HIS B 96 10.20 -0.79 -27.49
C HIS B 96 10.53 0.26 -26.44
N VAL B 97 11.81 0.61 -26.34
CA VAL B 97 12.25 1.60 -25.37
C VAL B 97 12.62 2.79 -26.25
N ASP B 98 12.77 3.95 -25.63
CA ASP B 98 13.15 5.17 -26.33
C ASP B 98 14.68 5.06 -26.59
N THR B 99 15.04 4.58 -27.78
CA THR B 99 16.46 4.44 -28.17
C THR B 99 17.01 5.86 -28.45
N TYR B 100 16.17 6.89 -28.44
CA TYR B 100 16.73 8.23 -28.68
C TYR B 100 17.22 8.70 -27.33
N ALA B 101 16.43 8.37 -26.32
CA ALA B 101 16.82 8.73 -24.96
C ALA B 101 18.09 7.92 -24.71
N LEU B 102 18.13 6.71 -25.23
CA LEU B 102 19.35 5.94 -25.01
C LEU B 102 20.51 6.58 -25.73
N GLU B 103 20.23 6.97 -26.97
CA GLU B 103 21.27 7.64 -27.75
C GLU B 103 21.86 8.84 -26.95
N GLU B 104 21.04 9.62 -26.25
CA GLU B 104 21.55 10.76 -25.51
C GLU B 104 22.64 10.45 -24.47
N VAL B 105 22.42 9.35 -23.76
CA VAL B 105 23.36 8.95 -22.71
C VAL B 105 24.44 8.05 -23.20
N ALA B 106 24.44 7.65 -24.46
CA ALA B 106 25.50 6.75 -24.85
C ALA B 106 26.87 7.32 -24.51
N SER B 107 26.94 8.62 -24.27
CA SER B 107 28.19 9.28 -23.91
C SER B 107 28.52 8.92 -22.46
N GLU B 108 27.52 9.09 -21.62
CA GLU B 108 27.56 8.81 -20.20
C GLU B 108 27.72 7.32 -19.85
N VAL B 109 26.87 6.48 -20.43
CA VAL B 109 26.89 5.05 -20.12
C VAL B 109 26.94 3.98 -21.22
N LYS B 110 27.60 2.82 -21.04
CA LYS B 110 27.61 1.79 -22.08
C LYS B 110 26.16 1.38 -22.21
N ILE B 111 25.82 1.04 -23.44
CA ILE B 111 24.47 0.60 -23.67
C ILE B 111 24.62 -0.72 -24.45
N GLU B 112 23.94 -1.78 -24.03
CA GLU B 112 24.03 -3.09 -24.69
C GLU B 112 22.69 -3.84 -24.63
N PRO B 113 22.24 -4.33 -25.79
CA PRO B 113 23.01 -4.11 -27.01
C PRO B 113 22.95 -2.66 -27.42
N SER B 114 23.48 -2.41 -28.61
CA SER B 114 23.50 -1.01 -28.98
C SER B 114 22.15 -0.40 -29.25
N TRP B 115 22.01 0.90 -29.02
CA TRP B 115 20.74 1.50 -29.28
C TRP B 115 20.41 1.57 -30.80
N GLN B 116 21.42 1.43 -31.65
CA GLN B 116 21.18 1.47 -33.09
C GLN B 116 20.54 0.13 -33.41
N ALA B 117 21.17 -0.93 -32.91
CA ALA B 117 20.66 -2.26 -33.10
C ALA B 117 19.20 -2.23 -32.53
N ILE B 118 19.04 -1.80 -31.29
CA ILE B 118 17.66 -1.80 -30.84
C ILE B 118 16.75 -0.97 -31.74
N ARG B 119 17.30 0.09 -32.32
CA ARG B 119 16.48 1.00 -33.11
C ARG B 119 16.03 0.36 -34.41
N THR B 120 16.98 -0.27 -35.09
CA THR B 120 16.71 -1.01 -36.30
C THR B 120 15.72 -2.08 -35.92
N ILE B 121 16.12 -2.96 -35.00
CA ILE B 121 15.21 -4.02 -34.57
C ILE B 121 13.79 -3.71 -34.14
N GLN B 122 13.56 -2.62 -33.41
CA GLN B 122 12.20 -2.35 -32.96
C GLN B 122 11.14 -2.00 -34.02
N ASN B 123 11.59 -1.80 -35.25
CA ASN B 123 10.73 -1.45 -36.34
C ASN B 123 10.89 -2.65 -37.21
N LYS B 124 9.78 -3.38 -37.24
CA LYS B 124 9.85 -4.62 -38.03
C LYS B 124 10.19 -4.56 -39.50
N PHE B 125 9.81 -3.49 -40.18
CA PHE B 125 10.20 -3.43 -41.61
C PHE B 125 11.71 -3.16 -41.78
N ASN B 126 12.26 -2.25 -40.97
CA ASN B 126 13.66 -1.91 -41.11
C ASN B 126 14.54 -3.04 -40.70
N GLN B 127 14.00 -3.75 -39.71
CA GLN B 127 14.81 -4.89 -39.32
C GLN B 127 14.95 -5.85 -40.54
N LYS B 128 13.82 -6.13 -41.19
CA LYS B 128 13.89 -7.03 -42.34
C LYS B 128 14.76 -6.52 -43.48
N GLU B 129 14.62 -5.27 -43.87
CA GLU B 129 15.45 -4.74 -44.94
C GLU B 129 16.94 -4.74 -44.58
N HIS B 130 17.32 -4.49 -43.33
CA HIS B 130 18.73 -4.55 -42.98
C HIS B 130 19.22 -5.98 -43.12
N LEU B 131 18.39 -6.88 -42.68
CA LEU B 131 18.71 -8.31 -42.69
C LEU B 131 18.86 -8.80 -44.13
N ARG B 132 18.06 -8.24 -45.01
CA ARG B 132 18.16 -8.64 -46.40
C ARG B 132 19.60 -8.43 -46.90
N LYS B 133 20.28 -7.38 -46.46
CA LYS B 133 21.66 -7.12 -46.90
C LYS B 133 22.64 -8.23 -46.58
N TYR B 134 22.24 -9.02 -45.59
CA TYR B 134 23.05 -10.11 -45.10
C TYR B 134 22.55 -11.44 -45.58
N GLY B 135 21.63 -11.41 -46.54
CA GLY B 135 21.10 -12.65 -47.12
C GLY B 135 20.34 -13.57 -46.18
N ILE B 136 19.56 -13.02 -45.26
CA ILE B 136 18.79 -13.87 -44.36
C ILE B 136 17.45 -14.25 -44.97
N PRO B 137 17.25 -15.56 -45.07
CA PRO B 137 16.02 -16.09 -45.61
C PRO B 137 14.86 -15.49 -44.89
N MET B 138 13.98 -14.82 -45.62
CA MET B 138 12.77 -14.22 -45.04
C MET B 138 11.54 -14.15 -45.97
N ALA B 139 10.38 -13.95 -45.35
CA ALA B 139 9.13 -13.85 -46.09
C ALA B 139 9.09 -12.53 -46.85
N GLU B 140 8.74 -12.65 -48.10
CA GLU B 140 8.59 -11.50 -48.96
C GLU B 140 7.55 -10.55 -48.33
N HIS B 141 7.60 -9.24 -48.59
CA HIS B 141 6.60 -8.34 -48.02
C HIS B 141 6.61 -7.14 -48.91
N ARG B 142 5.69 -6.20 -48.61
CA ARG B 142 5.50 -4.90 -49.30
C ARG B 142 5.16 -3.89 -48.23
N GLU B 143 5.93 -2.81 -48.18
CA GLU B 143 5.65 -1.79 -47.19
C GLU B 143 4.37 -1.17 -47.72
N LEU B 144 3.53 -0.70 -46.81
CA LEU B 144 2.29 -0.01 -47.18
C LEU B 144 2.46 1.44 -46.82
N VAL B 145 2.61 2.23 -47.88
CA VAL B 145 2.78 3.67 -47.79
C VAL B 145 1.44 4.38 -47.71
N GLU B 146 0.52 3.97 -48.57
CA GLU B 146 -0.78 4.64 -48.56
C GLU B 146 -1.85 4.23 -47.54
N ASN B 147 -1.84 2.96 -47.13
CA ASN B 147 -2.85 2.47 -46.21
C ASN B 147 -4.25 2.56 -46.81
N THR B 148 -4.33 2.52 -48.15
CA THR B 148 -5.59 2.59 -48.83
C THR B 148 -5.87 1.17 -49.27
N PRO B 149 -7.15 0.88 -49.28
CA PRO B 149 -7.57 -0.43 -49.67
C PRO B 149 -7.10 -0.70 -51.10
N ALA B 150 -6.77 0.33 -51.86
CA ALA B 150 -6.35 -0.02 -53.20
C ALA B 150 -4.89 -0.44 -53.24
N GLU B 151 -4.15 0.20 -52.37
CA GLU B 151 -2.73 -0.10 -52.28
C GLU B 151 -2.65 -1.56 -51.88
N LEU B 152 -3.38 -1.93 -50.82
CA LEU B 152 -3.37 -3.29 -50.33
C LEU B 152 -3.83 -4.34 -51.35
N ALA B 153 -4.75 -3.96 -52.22
CA ALA B 153 -5.27 -4.89 -53.21
C ALA B 153 -4.18 -5.25 -54.18
N LYS B 154 -3.35 -4.25 -54.41
CA LYS B 154 -2.24 -4.44 -55.34
C LYS B 154 -1.17 -5.37 -54.81
N VAL B 155 -0.94 -5.23 -53.51
CA VAL B 155 0.05 -6.03 -52.84
C VAL B 155 -0.52 -7.46 -52.96
N GLY B 156 -1.80 -7.60 -52.56
CA GLY B 156 -2.49 -8.89 -52.58
C GLY B 156 -2.24 -9.60 -53.89
N GLU B 157 -2.22 -8.82 -54.95
CA GLU B 157 -1.98 -9.38 -56.26
C GLU B 157 -0.58 -9.83 -56.44
N GLN B 158 0.35 -9.24 -55.73
CA GLN B 158 1.76 -9.53 -55.86
C GLN B 158 2.14 -10.66 -54.92
N LEU B 159 1.55 -10.62 -53.73
CA LEU B 159 1.87 -11.55 -52.66
C LEU B 159 0.87 -12.69 -52.48
N GLY B 160 -0.37 -12.46 -52.86
CA GLY B 160 -1.36 -13.50 -52.74
C GLY B 160 -1.95 -13.58 -51.35
N TYR B 161 -3.06 -14.29 -51.25
CA TYR B 161 -3.73 -14.48 -49.97
C TYR B 161 -3.58 -15.96 -49.54
N PRO B 162 -3.61 -16.19 -48.22
CA PRO B 162 -3.80 -15.08 -47.29
C PRO B 162 -2.40 -14.42 -47.15
N LEU B 163 -2.45 -13.24 -46.55
CA LEU B 163 -1.37 -12.29 -46.32
C LEU B 163 -1.42 -11.96 -44.82
N MET B 164 -0.33 -11.47 -44.28
CA MET B 164 -0.30 -11.12 -42.85
C MET B 164 0.08 -9.66 -42.85
N LEU B 165 -0.93 -8.85 -42.52
CA LEU B 165 -0.78 -7.43 -42.45
C LEU B 165 -0.05 -7.22 -41.11
N LYS B 166 1.07 -6.52 -41.19
CA LYS B 166 1.87 -6.28 -40.00
C LYS B 166 2.22 -4.86 -39.58
N SER B 167 2.20 -4.56 -38.27
CA SER B 167 2.56 -3.24 -37.76
C SER B 167 4.08 -3.24 -37.62
N LYS B 168 4.76 -2.20 -38.08
CA LYS B 168 6.21 -2.14 -37.94
C LYS B 168 6.69 -2.03 -36.49
N THR B 169 6.01 -1.22 -35.71
CA THR B 169 6.47 -1.02 -34.35
C THR B 169 5.44 -1.22 -33.26
N MET B 170 5.96 -1.36 -32.04
CA MET B 170 5.15 -1.49 -30.85
C MET B 170 4.42 -2.80 -30.90
N ALA B 171 4.88 -3.63 -31.83
CA ALA B 171 4.29 -4.96 -32.00
C ALA B 171 4.58 -6.04 -30.95
N TYR B 172 3.54 -6.78 -30.54
CA TYR B 172 3.73 -7.86 -29.59
C TYR B 172 2.40 -8.58 -29.47
N ASP B 173 2.52 -9.87 -29.17
CA ASP B 173 1.41 -10.79 -28.98
C ASP B 173 0.56 -10.80 -30.24
N GLY B 174 1.12 -10.21 -31.30
CA GLY B 174 0.40 -10.11 -32.54
C GLY B 174 -0.91 -9.31 -32.44
N ARG B 175 -0.88 -8.19 -31.73
CA ARG B 175 -2.05 -7.31 -31.53
C ARG B 175 -2.16 -6.19 -32.61
N GLY B 176 -1.02 -6.02 -33.31
CA GLY B 176 -0.77 -5.10 -34.42
C GLY B 176 -0.59 -5.84 -35.77
N ASN B 177 -1.07 -7.08 -35.83
CA ASN B 177 -1.02 -7.93 -37.04
C ASN B 177 -2.45 -8.34 -37.32
N PHE B 178 -2.78 -8.52 -38.59
CA PHE B 178 -4.14 -8.92 -38.95
C PHE B 178 -3.96 -9.76 -40.21
N ARG B 179 -4.39 -11.01 -40.11
CA ARG B 179 -4.41 -11.96 -41.24
C ARG B 179 -5.47 -11.56 -42.31
N VAL B 180 -5.04 -11.23 -43.51
CA VAL B 180 -5.94 -10.84 -44.58
C VAL B 180 -6.11 -12.04 -45.52
N ASN B 181 -7.16 -12.81 -45.28
CA ASN B 181 -7.45 -14.01 -46.07
C ASN B 181 -7.87 -13.80 -47.50
N SER B 182 -8.49 -12.67 -47.78
CA SER B 182 -8.92 -12.44 -49.13
C SER B 182 -9.09 -10.99 -49.48
N GLN B 183 -9.09 -10.70 -50.78
CA GLN B 183 -9.24 -9.31 -51.20
C GLN B 183 -10.34 -8.62 -50.40
N ASP B 184 -11.37 -9.38 -50.08
CA ASP B 184 -12.51 -8.85 -49.34
C ASP B 184 -12.36 -8.47 -47.87
N ASP B 185 -11.30 -8.90 -47.23
CA ASP B 185 -11.11 -8.54 -45.84
C ASP B 185 -10.32 -7.23 -45.78
N ILE B 186 -9.85 -6.76 -46.94
CA ILE B 186 -9.05 -5.57 -46.96
C ILE B 186 -9.55 -4.43 -46.07
N PRO B 187 -10.86 -4.22 -46.06
CA PRO B 187 -11.37 -3.14 -45.22
C PRO B 187 -11.30 -3.47 -43.73
N GLU B 188 -11.67 -4.68 -43.38
CA GLU B 188 -11.59 -4.98 -41.93
C GLU B 188 -10.17 -4.91 -41.39
N ALA B 189 -9.26 -5.33 -42.26
CA ALA B 189 -7.84 -5.39 -41.96
C ALA B 189 -7.38 -3.99 -41.58
N LEU B 190 -7.57 -3.05 -42.50
CA LEU B 190 -7.20 -1.64 -42.26
C LEU B 190 -7.93 -0.91 -41.12
N GLU B 191 -9.18 -1.27 -40.89
CA GLU B 191 -9.93 -0.63 -39.82
C GLU B 191 -9.23 -1.18 -38.57
N ALA B 192 -8.98 -2.47 -38.62
CA ALA B 192 -8.30 -3.16 -37.53
C ALA B 192 -6.98 -2.49 -37.15
N LEU B 193 -6.19 -2.20 -38.18
CA LEU B 193 -4.90 -1.57 -38.01
C LEU B 193 -4.81 -0.14 -38.55
N LYS B 194 -5.68 0.68 -38.01
CA LYS B 194 -5.75 2.07 -38.38
C LYS B 194 -4.64 2.85 -37.68
N ASP B 195 -4.20 3.92 -38.34
CA ASP B 195 -3.18 4.85 -37.88
C ASP B 195 -1.78 4.33 -37.67
N ARG B 196 -1.41 3.28 -38.40
CA ARG B 196 -0.06 2.76 -38.22
C ARG B 196 0.69 2.58 -39.52
N PRO B 197 2.01 2.58 -39.44
CA PRO B 197 2.75 2.36 -40.66
C PRO B 197 2.67 0.83 -40.70
N LEU B 198 2.44 0.26 -41.87
CA LEU B 198 2.38 -1.20 -41.85
C LEU B 198 3.10 -1.71 -43.08
N TYR B 199 3.22 -3.02 -43.19
CA TYR B 199 3.80 -3.62 -44.38
C TYR B 199 2.92 -4.86 -44.46
N ALA B 200 2.93 -5.50 -45.63
CA ALA B 200 2.09 -6.69 -45.75
C ALA B 200 3.10 -7.78 -46.05
N GLU B 201 2.98 -8.90 -45.35
CA GLU B 201 4.00 -9.87 -45.65
C GLU B 201 3.44 -11.17 -46.17
N LYS B 202 4.20 -11.78 -47.07
CA LYS B 202 3.72 -13.02 -47.65
C LYS B 202 3.50 -14.02 -46.56
N TRP B 203 2.54 -14.91 -46.81
CA TRP B 203 2.18 -15.94 -45.87
C TRP B 203 3.26 -17.02 -45.80
N ALA B 204 3.64 -17.36 -44.56
CA ALA B 204 4.62 -18.41 -44.25
C ALA B 204 3.90 -19.72 -43.95
N TYR B 205 3.95 -20.66 -44.88
CA TYR B 205 3.30 -21.96 -44.66
C TYR B 205 4.25 -22.87 -43.88
N PHE B 206 4.36 -22.58 -42.57
CA PHE B 206 5.25 -23.35 -41.74
C PHE B 206 4.55 -24.51 -41.16
N LYS B 207 5.30 -25.56 -41.07
CA LYS B 207 4.90 -26.71 -40.39
C LYS B 207 5.15 -26.64 -38.89
N MET B 208 6.06 -25.78 -38.48
CA MET B 208 6.33 -25.62 -37.08
C MET B 208 7.02 -24.28 -36.95
N GLU B 209 6.91 -23.71 -35.74
CA GLU B 209 7.57 -22.45 -35.44
C GLU B 209 8.75 -22.88 -34.56
N LEU B 210 9.87 -22.27 -34.86
CA LEU B 210 11.07 -22.55 -34.14
C LEU B 210 11.68 -21.32 -33.45
N ALA B 211 12.51 -21.51 -32.44
CA ALA B 211 13.14 -20.31 -31.91
C ALA B 211 14.52 -20.67 -31.44
N VAL B 212 15.44 -19.71 -31.53
CA VAL B 212 16.81 -19.94 -31.00
C VAL B 212 17.21 -18.74 -30.17
N ILE B 213 17.79 -19.00 -29.00
CA ILE B 213 18.29 -17.91 -28.17
C ILE B 213 19.78 -17.71 -28.50
N VAL B 214 20.15 -16.52 -28.97
CA VAL B 214 21.56 -16.22 -29.33
C VAL B 214 22.11 -15.32 -28.23
N VAL B 215 23.39 -15.54 -27.96
CA VAL B 215 24.16 -14.80 -26.96
C VAL B 215 25.26 -14.06 -27.73
N LYS B 216 25.10 -12.76 -27.92
CA LYS B 216 26.13 -12.13 -28.67
C LYS B 216 27.11 -11.57 -27.66
N THR B 217 28.33 -12.09 -27.74
CA THR B 217 29.35 -11.56 -26.84
C THR B 217 30.33 -10.63 -27.58
N LYS B 218 31.30 -10.14 -26.82
CA LYS B 218 32.36 -9.24 -27.34
C LYS B 218 33.19 -9.87 -28.46
N ASP B 219 33.38 -11.16 -28.31
CA ASP B 219 34.21 -11.91 -29.24
C ASP B 219 33.46 -12.94 -30.07
N GLU B 220 32.35 -13.42 -29.55
CA GLU B 220 31.70 -14.46 -30.31
C GLU B 220 30.23 -14.31 -30.33
N VAL B 221 29.65 -15.18 -31.14
CA VAL B 221 28.21 -15.22 -31.24
C VAL B 221 27.91 -16.71 -31.00
N LEU B 222 27.19 -17.01 -29.92
CA LEU B 222 26.83 -18.39 -29.59
C LEU B 222 25.31 -18.60 -29.57
N SER B 223 24.90 -19.85 -29.35
CA SER B 223 23.45 -19.98 -29.35
C SER B 223 22.99 -21.18 -28.55
N TYR B 224 21.75 -21.14 -28.06
CA TYR B 224 21.34 -22.37 -27.42
C TYR B 224 20.77 -23.22 -28.62
N PRO B 225 20.30 -24.41 -28.30
CA PRO B 225 19.69 -25.34 -29.23
C PRO B 225 18.35 -24.83 -29.67
N THR B 226 17.94 -25.34 -30.82
CA THR B 226 16.65 -24.94 -31.41
C THR B 226 15.43 -25.53 -30.69
N VAL B 227 14.43 -24.74 -30.42
CA VAL B 227 13.29 -25.29 -29.76
C VAL B 227 12.08 -24.96 -30.63
N GLU B 228 11.02 -25.67 -30.28
CA GLU B 228 9.70 -25.61 -30.85
C GLU B 228 8.71 -24.74 -30.01
N THR B 229 8.13 -23.71 -30.62
CA THR B 229 7.24 -22.80 -29.93
C THR B 229 5.84 -23.00 -30.46
N VAL B 230 4.88 -22.85 -29.56
CA VAL B 230 3.49 -23.03 -29.99
C VAL B 230 2.73 -21.87 -29.38
N GLN B 231 2.09 -21.04 -30.20
CA GLN B 231 1.32 -19.92 -29.73
C GLN B 231 -0.15 -20.28 -29.87
N GLU B 232 -1.00 -19.75 -29.00
CA GLU B 232 -2.41 -20.00 -29.07
C GLU B 232 -2.90 -18.58 -29.02
N ASP B 233 -3.82 -18.21 -29.91
CA ASP B 233 -4.38 -16.87 -29.95
C ASP B 233 -3.29 -15.82 -30.14
N SER B 234 -2.25 -16.21 -30.91
CA SER B 234 -1.11 -15.32 -31.19
C SER B 234 -0.15 -15.07 -30.03
N ILE B 235 -0.43 -15.71 -28.91
CA ILE B 235 0.38 -15.61 -27.69
C ILE B 235 1.12 -16.93 -27.51
N CYS B 236 2.33 -16.81 -27.01
CA CYS B 236 3.10 -18.01 -26.80
C CYS B 236 2.41 -18.86 -25.74
N LYS B 237 2.13 -20.11 -26.05
CA LYS B 237 1.52 -20.95 -25.04
C LYS B 237 2.57 -21.99 -24.71
N LEU B 238 3.18 -22.63 -25.71
CA LEU B 238 4.15 -23.63 -25.34
C LEU B 238 5.46 -23.63 -26.03
N VAL B 239 6.42 -24.26 -25.37
CA VAL B 239 7.78 -24.41 -25.89
C VAL B 239 8.23 -25.82 -25.52
N TYR B 240 8.80 -26.52 -26.49
CA TYR B 240 9.36 -27.87 -26.37
C TYR B 240 10.85 -27.70 -26.68
N ALA B 241 11.66 -28.07 -25.70
CA ALA B 241 13.09 -27.92 -25.82
C ALA B 241 13.79 -29.24 -25.61
N PRO B 242 14.54 -29.69 -26.60
CA PRO B 242 14.65 -29.05 -27.92
C PRO B 242 13.45 -29.41 -28.81
N ALA B 243 13.33 -28.79 -29.99
CA ALA B 243 12.22 -29.02 -30.95
C ALA B 243 11.89 -30.48 -31.26
N ARG B 244 10.63 -30.86 -31.15
CA ARG B 244 10.28 -32.26 -31.36
C ARG B 244 10.34 -32.60 -32.83
N ASN B 245 10.72 -33.84 -33.19
CA ASN B 245 10.83 -34.35 -34.57
C ASN B 245 11.64 -33.50 -35.53
N VAL B 246 12.72 -32.95 -35.03
CA VAL B 246 13.51 -32.13 -35.89
C VAL B 246 14.96 -32.61 -35.85
N SER B 247 15.41 -32.93 -37.06
CA SER B 247 16.76 -33.44 -37.29
C SER B 247 17.77 -32.49 -36.70
N ASP B 248 18.83 -33.12 -36.27
CA ASP B 248 19.87 -32.33 -35.69
C ASP B 248 20.21 -31.29 -36.74
N ALA B 249 20.08 -31.63 -38.02
CA ALA B 249 20.43 -30.64 -39.05
C ALA B 249 19.57 -29.39 -39.10
N ILE B 250 18.28 -29.63 -39.03
CA ILE B 250 17.41 -28.48 -39.10
C ILE B 250 17.79 -27.72 -37.85
N ASN B 251 17.93 -28.45 -36.75
CA ASN B 251 18.30 -27.77 -35.51
C ASN B 251 19.51 -26.90 -35.76
N GLN B 252 20.59 -27.48 -36.25
CA GLN B 252 21.79 -26.66 -36.49
C GLN B 252 21.60 -25.51 -37.46
N LYS B 253 20.91 -25.82 -38.54
CA LYS B 253 20.68 -24.85 -39.53
C LYS B 253 19.99 -23.59 -39.00
N ALA B 254 18.98 -23.86 -38.21
CA ALA B 254 18.17 -22.84 -37.59
C ALA B 254 19.13 -22.04 -36.67
N GLN B 255 19.96 -22.78 -35.95
CA GLN B 255 20.87 -22.11 -35.05
C GLN B 255 21.83 -21.22 -35.80
N GLU B 256 22.35 -21.90 -36.80
CA GLU B 256 23.36 -21.27 -37.61
C GLU B 256 22.76 -20.04 -38.26
N LEU B 257 21.49 -20.15 -38.61
CA LEU B 257 20.85 -18.97 -39.22
C LEU B 257 20.66 -17.84 -38.22
N ALA B 258 20.31 -18.25 -37.01
CA ALA B 258 20.01 -17.23 -36.04
C ALA B 258 21.27 -16.43 -35.70
N ARG B 259 22.37 -17.18 -35.66
CA ARG B 259 23.61 -16.55 -35.27
C ARG B 259 24.08 -15.53 -36.27
N LYS B 260 23.88 -15.93 -37.51
CA LYS B 260 24.26 -15.04 -38.57
C LYS B 260 23.36 -13.81 -38.55
N ALA B 261 22.05 -13.99 -38.37
CA ALA B 261 21.20 -12.77 -38.36
C ALA B 261 21.57 -11.88 -37.20
N VAL B 262 21.88 -12.50 -36.07
CA VAL B 262 22.22 -11.63 -34.94
C VAL B 262 23.51 -10.87 -35.12
N ALA B 263 24.43 -11.51 -35.82
CA ALA B 263 25.74 -10.93 -36.09
C ALA B 263 25.71 -9.65 -36.90
N ALA B 264 24.60 -9.43 -37.60
CA ALA B 264 24.45 -8.25 -38.39
C ALA B 264 24.20 -7.09 -37.44
N PHE B 265 24.29 -7.27 -36.12
CA PHE B 265 24.06 -6.13 -35.20
C PHE B 265 25.22 -5.76 -34.28
N ASP B 266 25.20 -4.51 -33.85
CA ASP B 266 26.31 -4.09 -33.01
C ASP B 266 25.81 -4.18 -31.61
N GLY B 267 26.68 -4.55 -30.67
CA GLY B 267 26.29 -4.65 -29.28
C GLY B 267 26.31 -6.08 -28.76
N LYS B 268 26.23 -6.20 -27.45
CA LYS B 268 26.22 -7.52 -26.82
C LYS B 268 24.91 -7.78 -26.09
N GLY B 269 24.72 -9.05 -25.73
CA GLY B 269 23.56 -9.50 -24.96
C GLY B 269 22.78 -10.66 -25.55
N VAL B 270 21.70 -11.06 -24.88
CA VAL B 270 20.93 -12.15 -25.48
C VAL B 270 19.92 -11.62 -26.53
N PHE B 271 19.79 -12.32 -27.67
CA PHE B 271 18.80 -11.95 -28.69
C PHE B 271 17.85 -13.13 -28.89
N GLY B 272 16.56 -12.87 -28.98
CA GLY B 272 15.58 -13.93 -29.17
C GLY B 272 15.33 -13.93 -30.68
N VAL B 273 15.46 -15.10 -31.33
CA VAL B 273 15.26 -15.24 -32.77
C VAL B 273 14.12 -16.23 -33.14
N GLU B 274 13.06 -15.71 -33.75
CA GLU B 274 11.91 -16.51 -34.17
C GLU B 274 12.03 -16.93 -35.59
N MET B 275 11.67 -18.18 -35.81
CA MET B 275 11.71 -18.71 -37.18
C MET B 275 10.57 -19.62 -37.57
N PHE B 276 10.57 -19.91 -38.87
CA PHE B 276 9.54 -20.74 -39.46
C PHE B 276 10.15 -21.95 -40.14
N LEU B 277 9.64 -23.12 -39.81
CA LEU B 277 10.04 -24.38 -40.41
C LEU B 277 9.02 -24.57 -41.54
N LEU B 278 9.51 -24.48 -42.76
CA LEU B 278 8.69 -24.62 -43.97
C LEU B 278 8.56 -26.09 -44.31
N GLU B 279 7.53 -26.42 -45.07
CA GLU B 279 7.25 -27.79 -45.48
C GLU B 279 8.45 -28.51 -46.11
N ASP B 280 9.26 -27.77 -46.83
CA ASP B 280 10.37 -28.50 -47.36
C ASP B 280 11.49 -28.44 -46.34
N ASP B 281 11.20 -28.17 -45.08
CA ASP B 281 12.32 -28.11 -44.13
C ASP B 281 13.32 -26.97 -44.34
N SER B 282 12.96 -26.03 -45.19
CA SER B 282 13.81 -24.85 -45.31
C SER B 282 13.29 -24.04 -44.08
N ILE B 283 14.03 -22.97 -43.76
CA ILE B 283 13.89 -22.03 -42.62
C ILE B 283 13.93 -20.55 -43.00
N MET B 284 12.96 -19.82 -42.46
CA MET B 284 12.89 -18.39 -42.70
C MET B 284 12.83 -17.69 -41.37
N LEU B 285 13.33 -16.46 -41.38
CA LEU B 285 13.26 -15.70 -40.16
C LEU B 285 11.87 -15.09 -40.04
N CYS B 286 11.27 -15.18 -38.85
CA CYS B 286 9.95 -14.57 -38.53
C CYS B 286 10.32 -13.20 -37.97
N GLU B 287 11.01 -13.14 -36.83
CA GLU B 287 11.43 -11.83 -36.35
C GLU B 287 12.52 -12.05 -35.28
N ILE B 288 13.32 -11.04 -35.04
CA ILE B 288 14.35 -11.13 -34.01
C ILE B 288 13.90 -10.21 -32.83
N ALA B 289 14.22 -10.53 -31.58
CA ALA B 289 13.88 -9.68 -30.43
C ALA B 289 15.25 -9.34 -29.86
N SER B 290 15.57 -8.07 -29.69
CA SER B 290 16.85 -7.61 -29.12
C SER B 290 16.95 -7.80 -27.60
N ARG B 291 16.54 -8.94 -27.07
CA ARG B 291 16.62 -9.05 -25.62
C ARG B 291 16.26 -10.53 -25.28
N ILE B 292 16.39 -10.84 -23.99
CA ILE B 292 16.04 -12.16 -23.48
C ILE B 292 14.54 -12.30 -23.86
N HIS B 293 14.15 -13.54 -24.11
CA HIS B 293 12.84 -13.84 -24.66
C HIS B 293 12.12 -15.07 -24.14
N ASN B 294 10.80 -14.98 -24.23
CA ASN B 294 9.92 -16.04 -23.76
C ASN B 294 10.32 -17.45 -24.19
N SER B 295 10.78 -17.61 -25.42
CA SER B 295 11.15 -18.94 -25.86
C SER B 295 12.26 -19.56 -25.10
N GLY B 296 12.93 -18.72 -24.32
CA GLY B 296 14.09 -19.28 -23.63
C GLY B 296 14.00 -19.55 -22.16
N HIS B 297 12.83 -19.35 -21.57
CA HIS B 297 12.71 -19.60 -20.14
C HIS B 297 13.07 -20.98 -19.65
N TYR B 298 13.00 -21.93 -20.58
CA TYR B 298 13.30 -23.30 -20.21
C TYR B 298 14.77 -23.39 -19.87
N THR B 299 15.60 -22.45 -20.34
CA THR B 299 17.05 -22.59 -20.01
C THR B 299 17.32 -22.49 -18.53
N ILE B 300 16.32 -22.04 -17.78
CA ILE B 300 16.58 -21.89 -16.35
C ILE B 300 16.79 -23.30 -15.85
N GLU B 301 15.84 -24.18 -16.12
CA GLU B 301 15.99 -25.53 -15.62
C GLU B 301 16.78 -26.43 -16.59
N GLY B 302 16.64 -26.22 -17.89
CA GLY B 302 17.34 -27.06 -18.92
C GLY B 302 18.83 -26.86 -19.19
N CYS B 303 19.39 -25.69 -18.86
CA CYS B 303 20.82 -25.54 -19.10
C CYS B 303 21.54 -25.05 -17.86
N ALA B 304 22.88 -25.14 -17.93
CA ALA B 304 23.74 -24.70 -16.84
C ALA B 304 23.66 -23.20 -16.61
N LEU B 305 23.56 -22.47 -17.72
CA LEU B 305 23.45 -21.00 -17.60
C LEU B 305 22.13 -20.63 -18.32
N SER B 306 21.18 -19.97 -17.64
CA SER B 306 19.93 -19.63 -18.29
C SER B 306 20.29 -18.44 -19.19
N GLN B 307 19.34 -18.02 -20.02
CA GLN B 307 19.56 -16.90 -20.95
C GLN B 307 19.76 -15.66 -20.10
N PHE B 308 19.21 -15.70 -18.88
CA PHE B 308 19.41 -14.51 -18.05
C PHE B 308 20.85 -14.46 -17.59
N ASP B 309 21.41 -15.65 -17.32
CA ASP B 309 22.76 -15.73 -16.83
C ASP B 309 23.62 -15.26 -17.95
N ALA B 310 23.34 -15.88 -19.09
CA ALA B 310 24.11 -15.57 -20.31
C ALA B 310 24.03 -14.08 -20.66
N HIS B 311 22.87 -13.44 -20.44
CA HIS B 311 22.75 -12.02 -20.83
C HIS B 311 23.70 -11.17 -19.97
N LEU B 312 23.58 -11.42 -18.68
CA LEU B 312 24.40 -10.60 -17.82
C LEU B 312 25.86 -10.69 -18.17
N ARG B 313 26.27 -11.94 -18.37
CA ARG B 313 27.67 -12.24 -18.65
C ARG B 313 28.10 -11.54 -19.96
N ALA B 314 27.30 -11.68 -21.02
CA ALA B 314 27.64 -11.07 -22.31
C ALA B 314 27.79 -9.55 -22.19
N ILE B 315 26.85 -8.88 -21.52
CA ILE B 315 26.94 -7.41 -21.40
C ILE B 315 28.01 -6.89 -20.48
N LEU B 316 28.53 -7.74 -19.60
CA LEU B 316 29.62 -7.38 -18.71
C LEU B 316 30.88 -8.10 -19.14
N ASP B 317 30.92 -8.75 -20.30
CA ASP B 317 32.15 -9.42 -20.67
C ASP B 317 32.64 -10.48 -19.68
N LEU B 318 31.76 -11.37 -19.24
CA LEU B 318 32.28 -12.37 -18.29
C LEU B 318 32.27 -13.61 -19.15
N PRO B 319 33.09 -14.57 -18.82
CA PRO B 319 33.16 -15.80 -19.60
C PRO B 319 31.82 -16.48 -19.72
N ILE B 320 31.66 -17.20 -20.80
CA ILE B 320 30.46 -17.97 -21.02
C ILE B 320 30.81 -19.33 -21.59
N PRO B 321 31.07 -20.30 -20.72
CA PRO B 321 31.37 -21.60 -21.33
C PRO B 321 30.22 -22.12 -22.21
N ALA B 322 30.58 -22.50 -23.42
CA ALA B 322 29.60 -23.07 -24.36
C ALA B 322 28.85 -24.32 -23.90
N GLN B 323 29.49 -25.28 -23.22
CA GLN B 323 28.73 -26.44 -22.81
C GLN B 323 27.61 -26.07 -21.87
N SER B 324 27.72 -24.89 -21.26
CA SER B 324 26.72 -24.41 -20.28
C SER B 324 25.40 -24.01 -20.91
N LEU B 325 25.41 -24.00 -22.24
CA LEU B 325 24.23 -23.57 -23.00
C LEU B 325 23.61 -24.83 -23.60
N GLU B 326 24.17 -25.98 -23.24
CA GLU B 326 23.63 -27.24 -23.79
C GLU B 326 22.37 -27.58 -22.97
N ILE B 327 21.46 -28.33 -23.57
CA ILE B 327 20.23 -28.70 -22.90
C ILE B 327 20.49 -29.90 -22.06
N ARG B 328 20.24 -29.81 -20.77
CA ARG B 328 20.44 -30.94 -19.82
C ARG B 328 19.42 -32.06 -19.98
N GLN B 329 18.11 -31.78 -20.04
CA GLN B 329 17.13 -32.83 -20.21
C GLN B 329 16.10 -32.08 -21.00
N PRO B 330 15.29 -32.86 -21.71
CA PRO B 330 14.19 -32.39 -22.53
C PRO B 330 13.31 -31.63 -21.53
N SER B 331 12.68 -30.55 -21.99
CA SER B 331 11.91 -29.70 -21.11
C SER B 331 10.77 -29.16 -21.91
N ILE B 332 9.74 -28.83 -21.16
CA ILE B 332 8.59 -28.29 -21.84
C ILE B 332 8.15 -27.14 -20.96
N MET B 333 8.11 -25.94 -21.55
CA MET B 333 7.63 -24.75 -20.87
C MET B 333 6.23 -24.35 -21.35
N LEU B 334 5.37 -24.12 -20.36
CA LEU B 334 3.99 -23.71 -20.49
C LEU B 334 3.78 -22.38 -19.76
N ASN B 335 3.30 -21.40 -20.53
CA ASN B 335 3.02 -20.08 -19.99
C ASN B 335 1.68 -20.15 -19.24
N ILE B 336 1.51 -19.32 -18.21
CA ILE B 336 0.28 -19.18 -17.44
C ILE B 336 -0.23 -17.82 -17.95
N ILE B 337 -1.31 -17.85 -18.72
CA ILE B 337 -1.92 -16.67 -19.31
C ILE B 337 -3.28 -16.33 -18.67
N GLY B 338 -3.48 -15.08 -18.30
CA GLY B 338 -4.78 -14.81 -17.75
C GLY B 338 -5.96 -15.27 -18.59
N GLY B 339 -7.02 -15.63 -17.86
CA GLY B 339 -8.27 -16.08 -18.43
C GLY B 339 -9.16 -14.96 -17.90
N ALA B 340 -10.48 -15.14 -17.91
CA ALA B 340 -11.34 -14.08 -17.40
C ALA B 340 -11.33 -13.91 -15.86
N ALA B 341 -11.47 -15.02 -15.13
CA ALA B 341 -11.42 -15.00 -13.66
C ALA B 341 -9.99 -14.69 -13.20
N PRO B 342 -9.92 -13.73 -12.29
CA PRO B 342 -8.64 -13.24 -11.77
C PRO B 342 -7.73 -14.18 -10.99
N ASP B 343 -8.21 -15.41 -10.76
CA ASP B 343 -7.50 -16.45 -10.02
C ASP B 343 -6.97 -17.60 -10.86
N THR B 344 -7.53 -17.72 -12.06
CA THR B 344 -7.19 -18.78 -13.01
C THR B 344 -5.70 -19.05 -12.98
N HIS B 345 -4.92 -17.98 -13.05
CA HIS B 345 -3.52 -18.27 -13.01
C HIS B 345 -3.14 -19.08 -11.76
N LEU B 346 -3.80 -18.83 -10.62
CA LEU B 346 -3.51 -19.58 -9.39
C LEU B 346 -4.06 -20.98 -9.41
N GLN B 347 -4.94 -21.21 -10.38
CA GLN B 347 -5.59 -22.48 -10.62
C GLN B 347 -4.57 -23.34 -11.36
N ALA B 348 -3.99 -22.78 -12.42
CA ALA B 348 -2.97 -23.51 -13.16
C ALA B 348 -1.86 -23.87 -12.20
N ALA B 349 -1.37 -22.87 -11.47
CA ALA B 349 -0.30 -23.15 -10.55
C ALA B 349 -0.62 -24.16 -9.47
N GLU B 350 -1.83 -24.15 -8.95
CA GLU B 350 -2.16 -25.09 -7.88
C GLU B 350 -2.09 -26.55 -8.39
N CYS B 351 -2.55 -26.68 -9.62
CA CYS B 351 -2.51 -27.94 -10.32
C CYS B 351 -1.05 -28.30 -10.47
N ALA B 352 -0.26 -27.33 -10.95
CA ALA B 352 1.16 -27.57 -11.16
C ALA B 352 1.93 -28.15 -9.99
N LEU B 353 1.49 -27.78 -8.80
CA LEU B 353 2.15 -28.22 -7.57
C LEU B 353 2.30 -29.72 -7.49
N SER B 354 1.32 -30.41 -8.08
CA SER B 354 1.35 -31.87 -8.11
C SER B 354 1.83 -32.42 -9.43
N ILE B 355 2.32 -31.64 -10.39
CA ILE B 355 2.79 -32.34 -11.58
C ILE B 355 4.22 -32.77 -11.34
N PRO B 356 4.59 -34.04 -11.52
CA PRO B 356 6.00 -34.29 -11.22
C PRO B 356 6.95 -33.45 -12.06
N ASN B 357 8.08 -33.12 -11.46
CA ASN B 357 9.14 -32.38 -12.16
C ASN B 357 8.69 -31.04 -12.72
N ALA B 358 7.61 -30.46 -12.18
CA ALA B 358 7.09 -29.15 -12.59
C ALA B 358 7.73 -28.01 -11.79
N SER B 359 8.39 -27.11 -12.49
CA SER B 359 9.03 -25.94 -11.89
C SER B 359 8.18 -24.69 -12.18
N ILE B 360 7.65 -24.19 -11.08
CA ILE B 360 6.70 -23.09 -11.14
C ILE B 360 7.25 -21.68 -10.95
N HIS B 361 6.93 -20.76 -11.89
CA HIS B 361 7.35 -19.34 -11.83
C HIS B 361 6.15 -18.42 -11.96
N LEU B 362 5.79 -17.82 -10.83
CA LEU B 362 4.72 -16.88 -10.75
C LEU B 362 5.48 -15.55 -10.73
N TYR B 363 5.00 -14.61 -11.54
CA TYR B 363 5.47 -13.25 -11.80
C TYR B 363 5.11 -12.12 -10.87
N SER B 364 4.30 -12.47 -9.89
CA SER B 364 3.95 -11.48 -8.90
C SER B 364 3.40 -10.24 -9.56
N LYS B 365 2.64 -10.45 -10.62
CA LYS B 365 1.99 -9.34 -11.30
C LYS B 365 0.62 -9.20 -10.59
N GLY B 366 0.20 -10.26 -9.93
CA GLY B 366 -1.05 -10.05 -9.26
C GLY B 366 -2.31 -10.64 -9.86
N ALA B 367 -3.26 -9.73 -10.11
CA ALA B 367 -4.54 -10.11 -10.67
C ALA B 367 -4.44 -10.19 -12.19
N ALA B 368 -5.02 -11.26 -12.73
CA ALA B 368 -4.94 -11.44 -14.18
C ALA B 368 -5.99 -10.75 -15.03
N LYS B 369 -5.52 -10.36 -16.21
CA LYS B 369 -6.32 -9.76 -17.24
C LYS B 369 -6.18 -10.91 -18.25
N PRO B 370 -7.23 -11.13 -19.01
CA PRO B 370 -7.17 -12.18 -19.99
C PRO B 370 -6.01 -11.90 -20.94
N GLY B 371 -5.32 -12.98 -21.24
CA GLY B 371 -4.16 -12.93 -22.14
C GLY B 371 -2.86 -12.44 -21.50
N ARG B 372 -2.94 -11.99 -20.25
CA ARG B 372 -1.70 -11.53 -19.68
C ARG B 372 -0.90 -12.76 -19.26
N LYS B 373 0.42 -12.66 -19.41
CA LYS B 373 1.44 -13.64 -19.00
C LYS B 373 1.58 -13.50 -17.49
N MET B 374 1.07 -14.49 -16.77
CA MET B 374 1.04 -14.48 -15.30
C MET B 374 2.16 -15.21 -14.59
N GLY B 375 2.73 -16.19 -15.30
CA GLY B 375 3.84 -17.03 -14.83
C GLY B 375 4.11 -18.08 -15.89
N HIS B 376 4.91 -19.11 -15.60
CA HIS B 376 5.24 -20.20 -16.52
C HIS B 376 5.59 -21.34 -15.61
N ILE B 377 5.39 -22.52 -16.15
CA ILE B 377 5.69 -23.76 -15.46
C ILE B 377 6.71 -24.51 -16.36
N THR B 378 7.84 -24.92 -15.83
CA THR B 378 8.74 -25.69 -16.69
C THR B 378 8.89 -27.12 -16.17
N VAL B 379 8.59 -28.07 -17.03
CA VAL B 379 8.68 -29.52 -16.76
C VAL B 379 9.80 -30.19 -17.57
N THR B 380 10.61 -30.96 -16.84
CA THR B 380 11.77 -31.71 -17.29
C THR B 380 11.52 -33.19 -17.02
N ALA B 381 12.32 -34.02 -17.69
CA ALA B 381 12.26 -35.47 -17.61
C ALA B 381 13.39 -35.92 -18.52
N PRO B 382 13.82 -37.15 -18.32
CA PRO B 382 14.89 -37.72 -19.11
C PRO B 382 14.52 -37.82 -20.58
N THR B 383 13.22 -37.84 -20.86
CA THR B 383 12.82 -37.91 -22.27
C THR B 383 11.61 -37.01 -22.52
N MET B 384 11.49 -36.54 -23.77
CA MET B 384 10.39 -35.65 -24.09
C MET B 384 9.05 -36.33 -23.87
N HIS B 385 9.01 -37.59 -24.27
CA HIS B 385 7.78 -38.33 -24.09
C HIS B 385 7.42 -38.28 -22.61
N GLU B 386 8.43 -38.55 -21.80
CA GLU B 386 8.12 -38.53 -20.38
C GLU B 386 7.69 -37.14 -20.01
N ALA B 387 8.37 -36.13 -20.53
CA ALA B 387 7.92 -34.81 -20.11
C ALA B 387 6.49 -34.48 -20.52
N GLU B 388 6.13 -34.88 -21.73
CA GLU B 388 4.79 -34.66 -22.29
C GLU B 388 3.76 -35.38 -21.42
N THR B 389 4.15 -36.58 -20.98
CA THR B 389 3.23 -37.30 -20.12
C THR B 389 3.00 -36.54 -18.79
N HIS B 390 4.07 -36.10 -18.13
CA HIS B 390 3.87 -35.35 -16.88
C HIS B 390 3.02 -34.10 -17.03
N ILE B 391 3.22 -33.32 -18.08
CA ILE B 391 2.47 -32.09 -18.19
C ILE B 391 1.09 -32.07 -18.83
N GLN B 392 0.75 -33.14 -19.54
CA GLN B 392 -0.56 -33.06 -20.17
C GLN B 392 -1.78 -32.58 -19.36
N PRO B 393 -1.87 -33.11 -18.14
CA PRO B 393 -2.98 -32.82 -17.25
C PRO B 393 -3.05 -31.36 -16.93
N LEU B 394 -1.89 -30.74 -16.94
CA LEU B 394 -1.94 -29.33 -16.65
C LEU B 394 -2.35 -28.66 -17.94
N ILE B 395 -1.81 -29.21 -19.01
CA ILE B 395 -2.17 -28.60 -20.28
C ILE B 395 -3.68 -28.74 -20.28
N ASP B 396 -4.11 -29.95 -20.07
CA ASP B 396 -5.57 -30.04 -20.03
C ASP B 396 -6.27 -28.97 -19.22
N VAL B 397 -5.93 -28.87 -17.94
CA VAL B 397 -6.56 -27.91 -17.07
C VAL B 397 -6.56 -26.55 -17.72
N VAL B 398 -5.44 -26.19 -18.34
CA VAL B 398 -5.35 -24.87 -18.92
C VAL B 398 -6.33 -24.69 -20.06
N ASP B 399 -6.40 -25.74 -20.88
CA ASP B 399 -7.32 -25.61 -21.97
C ASP B 399 -8.73 -25.42 -21.42
N ARG B 400 -9.23 -26.41 -20.69
CA ARG B 400 -10.57 -26.31 -20.14
C ARG B 400 -10.91 -24.98 -19.45
N ILE B 401 -10.04 -24.51 -18.57
CA ILE B 401 -10.26 -23.26 -17.84
C ILE B 401 -9.49 -22.02 -18.25
N MET C 21 -33.19 37.24 7.52
CA MET C 21 -33.19 37.29 6.06
C MET C 21 -31.92 37.26 5.22
N TRP C 22 -30.76 37.38 5.86
CA TRP C 22 -29.53 37.34 5.11
C TRP C 22 -29.35 35.88 4.65
N ASN C 23 -29.90 34.91 5.38
CA ASN C 23 -29.74 33.52 4.99
C ASN C 23 -31.00 32.94 4.39
N SER C 24 -31.76 33.82 3.76
CA SER C 24 -33.01 33.40 3.13
C SER C 24 -32.96 33.03 1.64
N ARG C 25 -32.00 33.55 0.89
CA ARG C 25 -31.95 33.14 -0.50
C ARG C 25 -31.41 31.72 -0.70
N LYS C 26 -32.03 31.05 -1.65
CA LYS C 26 -31.67 29.68 -2.03
C LYS C 26 -30.49 29.67 -2.98
N VAL C 27 -29.67 28.64 -2.93
CA VAL C 27 -28.57 28.55 -3.86
C VAL C 27 -28.70 27.33 -4.73
N GLY C 28 -28.58 27.55 -6.03
CA GLY C 28 -28.69 26.34 -6.83
C GLY C 28 -27.28 25.91 -7.24
N VAL C 29 -27.01 24.63 -7.04
CA VAL C 29 -25.69 24.19 -7.47
C VAL C 29 -25.81 23.18 -8.57
N LEU C 30 -25.02 23.44 -9.60
CA LEU C 30 -25.00 22.52 -10.74
C LEU C 30 -23.94 21.45 -10.45
N GLY C 31 -24.33 20.16 -10.32
CA GLY C 31 -23.42 19.08 -9.98
C GLY C 31 -23.55 18.81 -8.44
N GLY C 32 -23.52 17.56 -8.01
CA GLY C 32 -23.67 17.27 -6.59
C GLY C 32 -22.67 16.18 -6.24
N GLY C 33 -21.41 16.40 -6.66
CA GLY C 33 -20.26 15.53 -6.51
C GLY C 33 -19.63 15.91 -5.20
N GLN C 34 -18.41 15.49 -4.88
CA GLN C 34 -17.88 15.87 -3.57
C GLN C 34 -17.75 17.35 -3.30
N LEU C 35 -17.62 18.14 -4.36
CA LEU C 35 -17.47 19.57 -4.24
C LEU C 35 -18.80 20.20 -3.90
N GLY C 36 -19.87 19.92 -4.64
CA GLY C 36 -21.15 20.52 -4.20
C GLY C 36 -21.40 20.02 -2.77
N ARG C 37 -21.10 18.75 -2.50
CA ARG C 37 -21.32 18.31 -1.13
C ARG C 37 -20.68 19.19 -0.05
N MET C 38 -19.39 19.46 -0.16
CA MET C 38 -18.71 20.31 0.79
C MET C 38 -19.29 21.72 0.80
N LEU C 39 -19.80 22.15 -0.34
CA LEU C 39 -20.37 23.48 -0.40
C LEU C 39 -21.64 23.41 0.43
N VAL C 40 -22.34 22.29 0.25
CA VAL C 40 -23.59 22.10 1.01
C VAL C 40 -23.33 22.00 2.51
N GLU C 41 -22.24 21.35 2.87
CA GLU C 41 -21.93 21.33 4.27
C GLU C 41 -21.84 22.76 4.81
N SER C 42 -21.32 23.69 4.01
CA SER C 42 -21.21 25.09 4.44
C SER C 42 -22.54 25.82 4.52
N ALA C 43 -23.42 25.57 3.54
CA ALA C 43 -24.76 26.16 3.43
C ALA C 43 -25.54 25.75 4.68
N ASN C 44 -25.40 24.47 4.93
CA ASN C 44 -26.04 23.85 6.06
C ASN C 44 -25.74 24.56 7.35
N ARG C 45 -24.46 24.77 7.62
CA ARG C 45 -24.07 25.48 8.86
C ARG C 45 -24.67 26.90 8.99
N LEU C 46 -25.06 27.54 7.88
CA LEU C 46 -25.65 28.87 7.73
C LEU C 46 -27.16 28.81 7.53
N ASN C 47 -27.66 27.59 7.55
CA ASN C 47 -29.09 27.35 7.39
C ASN C 47 -29.51 27.95 6.06
N ILE C 48 -28.59 27.94 5.13
CA ILE C 48 -28.91 28.43 3.79
C ILE C 48 -29.27 27.20 2.92
N GLN C 49 -30.42 27.25 2.28
CA GLN C 49 -30.90 26.13 1.46
C GLN C 49 -30.18 26.06 0.09
N VAL C 50 -29.88 24.83 -0.28
CA VAL C 50 -29.23 24.58 -1.56
C VAL C 50 -30.01 23.48 -2.32
N ASN C 51 -30.31 23.79 -3.58
CA ASN C 51 -31.02 22.90 -4.46
C ASN C 51 -29.91 22.41 -5.36
N VAL C 52 -29.74 21.09 -5.39
CA VAL C 52 -28.66 20.48 -6.16
C VAL C 52 -29.17 19.91 -7.44
N LEU C 53 -28.46 20.18 -8.53
CA LEU C 53 -28.87 19.63 -9.82
C LEU C 53 -27.89 18.50 -10.10
N ASP C 54 -28.40 17.28 -10.03
CA ASP C 54 -27.56 16.11 -10.28
C ASP C 54 -28.47 14.91 -10.15
N ALA C 55 -27.86 13.75 -10.08
CA ALA C 55 -28.70 12.60 -9.92
C ALA C 55 -29.22 12.59 -8.47
N ASP C 56 -30.20 11.71 -8.29
CA ASP C 56 -30.90 11.46 -7.03
C ASP C 56 -29.85 10.78 -6.19
N ASN C 57 -29.88 11.08 -4.92
CA ASN C 57 -28.86 10.40 -4.14
C ASN C 57 -27.38 10.71 -4.40
N SER C 58 -27.07 11.82 -5.05
CA SER C 58 -25.66 12.14 -5.25
C SER C 58 -25.17 12.65 -3.89
N PRO C 59 -23.86 12.60 -3.70
CA PRO C 59 -23.23 12.95 -2.45
C PRO C 59 -23.74 14.21 -1.81
N ALA C 60 -23.84 15.21 -2.67
CA ALA C 60 -24.26 16.47 -2.12
C ALA C 60 -25.67 16.32 -1.59
N LYS C 61 -26.46 15.58 -2.34
CA LYS C 61 -27.85 15.46 -1.97
C LYS C 61 -28.12 14.73 -0.66
N GLN C 62 -27.26 13.74 -0.40
CA GLN C 62 -27.40 12.90 0.80
C GLN C 62 -27.39 13.53 2.22
N ILE C 63 -26.95 14.78 2.28
CA ILE C 63 -26.82 15.53 3.52
C ILE C 63 -27.59 16.80 3.35
N SER C 64 -28.54 16.80 2.42
CA SER C 64 -29.36 18.01 2.22
C SER C 64 -30.69 17.33 2.05
N ALA C 65 -31.30 17.10 3.19
CA ALA C 65 -32.56 16.40 3.14
C ALA C 65 -33.81 17.27 2.89
N HIS C 66 -34.07 17.64 1.64
CA HIS C 66 -35.27 18.43 1.41
C HIS C 66 -35.70 18.11 0.00
N ASP C 67 -36.84 18.64 -0.37
CA ASP C 67 -37.47 18.52 -1.68
C ASP C 67 -37.17 19.73 -2.60
N GLY C 68 -35.98 20.25 -2.59
CA GLY C 68 -35.58 21.38 -3.40
C GLY C 68 -34.71 20.94 -4.57
N HIS C 69 -34.18 19.71 -4.44
CA HIS C 69 -33.29 19.19 -5.46
C HIS C 69 -33.90 18.95 -6.83
N VAL C 70 -33.04 18.89 -7.83
CA VAL C 70 -33.52 18.64 -9.17
C VAL C 70 -32.71 17.51 -9.70
N THR C 71 -33.51 16.57 -10.14
CA THR C 71 -33.00 15.33 -10.66
C THR C 71 -32.62 15.52 -12.13
N GLY C 72 -31.37 15.30 -12.46
CA GLY C 72 -30.91 15.44 -13.85
C GLY C 72 -29.45 15.83 -13.93
N SER C 73 -28.99 16.06 -15.17
CA SER C 73 -27.61 16.46 -15.38
C SER C 73 -27.44 17.95 -15.56
N PHE C 74 -26.26 18.38 -15.12
CA PHE C 74 -25.86 19.80 -15.21
C PHE C 74 -25.51 20.03 -16.66
N LYS C 75 -25.38 18.98 -17.44
CA LYS C 75 -25.20 19.27 -18.82
C LYS C 75 -26.48 19.13 -19.63
N GLU C 76 -27.63 19.19 -18.97
CA GLU C 76 -28.93 18.97 -19.62
C GLU C 76 -29.75 20.24 -19.55
N ARG C 77 -29.85 20.86 -20.69
CA ARG C 77 -30.47 22.14 -20.86
C ARG C 77 -31.75 22.40 -20.07
N GLU C 78 -32.70 21.50 -20.25
CA GLU C 78 -33.99 21.63 -19.58
C GLU C 78 -33.93 21.45 -18.07
N ALA C 79 -33.04 20.58 -17.62
CA ALA C 79 -32.83 20.29 -16.20
C ALA C 79 -32.13 21.51 -15.57
N VAL C 80 -31.15 22.05 -16.28
CA VAL C 80 -30.46 23.22 -15.75
C VAL C 80 -31.49 24.32 -15.63
N ARG C 81 -32.42 24.43 -16.58
CA ARG C 81 -33.35 25.52 -16.41
C ARG C 81 -34.44 25.40 -15.32
N GLN C 82 -34.78 24.16 -15.01
CA GLN C 82 -35.75 23.89 -13.97
C GLN C 82 -35.02 24.34 -12.70
N LEU C 83 -33.83 23.80 -12.45
CA LEU C 83 -33.09 24.21 -11.24
C LEU C 83 -33.06 25.73 -11.07
N ALA C 84 -32.85 26.41 -12.17
CA ALA C 84 -32.76 27.86 -12.11
C ALA C 84 -34.01 28.64 -11.65
N LYS C 85 -35.16 28.23 -12.16
CA LYS C 85 -36.40 28.92 -11.81
C LYS C 85 -36.55 28.91 -10.30
N THR C 86 -36.02 27.84 -9.74
CA THR C 86 -36.04 27.43 -8.35
C THR C 86 -35.21 28.15 -7.30
N CYS C 87 -34.29 29.03 -7.70
CA CYS C 87 -33.48 29.64 -6.67
C CYS C 87 -33.17 31.10 -6.94
N ASP C 88 -32.34 31.65 -6.05
CA ASP C 88 -31.94 33.04 -6.12
C ASP C 88 -30.61 33.22 -6.79
N VAL C 89 -29.83 32.15 -6.75
CA VAL C 89 -28.51 32.24 -7.35
C VAL C 89 -28.04 30.87 -7.69
N VAL C 90 -27.51 30.83 -8.90
CA VAL C 90 -27.03 29.58 -9.46
C VAL C 90 -25.52 29.60 -9.58
N THR C 91 -24.91 28.49 -9.20
CA THR C 91 -23.47 28.42 -9.31
C THR C 91 -23.23 26.97 -9.72
N ALA C 92 -21.97 26.55 -9.77
CA ALA C 92 -21.67 25.17 -10.13
C ALA C 92 -20.43 24.66 -9.36
N GLU C 93 -20.30 23.34 -9.26
CA GLU C 93 -19.16 22.74 -8.59
C GLU C 93 -18.35 22.04 -9.65
N ILE C 94 -18.72 22.27 -10.91
CA ILE C 94 -18.00 21.62 -12.02
C ILE C 94 -18.03 22.56 -13.23
N GLU C 95 -17.00 22.55 -14.06
CA GLU C 95 -17.06 23.51 -15.14
C GLU C 95 -17.93 23.05 -16.28
N HIS C 96 -17.99 21.74 -16.40
CA HIS C 96 -18.70 21.14 -17.52
C HIS C 96 -20.20 21.13 -17.56
N VAL C 97 -20.75 22.34 -17.60
CA VAL C 97 -22.19 22.52 -17.60
C VAL C 97 -22.76 23.23 -18.80
N ASP C 98 -24.07 23.11 -18.99
CA ASP C 98 -24.68 23.78 -20.13
C ASP C 98 -24.67 25.30 -19.98
N THR C 99 -23.68 25.98 -20.56
CA THR C 99 -23.61 27.44 -20.44
C THR C 99 -24.54 28.16 -21.44
N TYR C 100 -25.24 27.36 -22.25
CA TYR C 100 -26.23 27.93 -23.19
C TYR C 100 -27.49 27.99 -22.35
N ALA C 101 -27.74 26.96 -21.56
CA ALA C 101 -28.92 27.05 -20.72
C ALA C 101 -28.80 28.32 -19.84
N LEU C 102 -27.66 28.47 -19.18
CA LEU C 102 -27.54 29.65 -18.33
C LEU C 102 -27.85 30.90 -19.06
N GLU C 103 -27.04 31.18 -20.07
CA GLU C 103 -27.26 32.38 -20.87
C GLU C 103 -28.76 32.65 -21.10
N GLU C 104 -29.45 31.59 -21.51
CA GLU C 104 -30.86 31.59 -21.86
C GLU C 104 -31.62 32.15 -20.70
N VAL C 105 -31.28 31.64 -19.52
CA VAL C 105 -31.87 32.06 -18.26
C VAL C 105 -31.28 33.18 -17.41
N ALA C 106 -30.24 33.81 -17.98
CA ALA C 106 -29.55 34.87 -17.26
C ALA C 106 -30.46 36.01 -16.89
N SER C 107 -31.66 36.00 -17.46
CA SER C 107 -32.57 37.08 -17.19
C SER C 107 -33.42 36.96 -15.92
N GLU C 108 -33.54 35.77 -15.33
CA GLU C 108 -34.35 35.62 -14.12
C GLU C 108 -33.59 35.27 -12.87
N VAL C 109 -32.33 35.02 -13.04
CA VAL C 109 -31.57 34.59 -11.92
C VAL C 109 -30.15 34.98 -12.02
N LYS C 110 -29.55 35.08 -10.86
CA LYS C 110 -28.14 35.45 -10.79
C LYS C 110 -27.38 34.16 -11.01
N ILE C 111 -26.31 34.31 -11.78
CA ILE C 111 -25.40 33.21 -12.10
C ILE C 111 -24.02 33.71 -11.72
N GLU C 112 -23.36 33.04 -10.81
CA GLU C 112 -22.07 33.59 -10.41
C GLU C 112 -21.32 32.33 -10.21
N PRO C 113 -20.15 32.23 -10.83
CA PRO C 113 -19.64 33.26 -11.73
C PRO C 113 -20.33 33.15 -13.10
N SER C 114 -19.98 34.11 -13.95
CA SER C 114 -20.50 34.25 -15.29
C SER C 114 -20.61 32.97 -16.05
N TRP C 115 -21.63 33.00 -16.88
CA TRP C 115 -21.84 31.81 -17.69
C TRP C 115 -20.79 32.05 -18.77
N GLN C 116 -20.44 33.30 -18.99
CA GLN C 116 -19.46 33.57 -20.02
C GLN C 116 -18.10 33.07 -19.57
N ALA C 117 -17.75 33.37 -18.32
CA ALA C 117 -16.47 32.85 -17.83
C ALA C 117 -16.57 31.35 -17.87
N ILE C 118 -17.65 30.82 -17.32
CA ILE C 118 -17.67 29.34 -17.39
C ILE C 118 -17.48 28.83 -18.84
N ARG C 119 -18.13 29.54 -19.77
CA ARG C 119 -18.00 29.12 -21.15
C ARG C 119 -16.58 29.12 -21.74
N THR C 120 -15.79 30.14 -21.44
CA THR C 120 -14.40 30.19 -21.97
C THR C 120 -13.60 29.10 -21.27
N ILE C 121 -13.65 29.16 -19.94
CA ILE C 121 -12.95 28.21 -19.07
C ILE C 121 -13.16 26.75 -19.39
N GLN C 122 -14.41 26.37 -19.68
CA GLN C 122 -14.69 24.97 -19.98
C GLN C 122 -14.11 24.36 -21.25
N ASN C 123 -13.73 25.19 -22.21
CA ASN C 123 -13.05 24.66 -23.38
C ASN C 123 -11.60 25.08 -23.00
N LYS C 124 -10.71 24.13 -22.74
CA LYS C 124 -9.34 24.47 -22.34
C LYS C 124 -8.48 25.29 -23.27
N PHE C 125 -8.68 25.07 -24.57
CA PHE C 125 -7.96 25.78 -25.63
C PHE C 125 -8.45 27.22 -25.60
N ASN C 126 -9.76 27.42 -25.56
CA ASN C 126 -10.34 28.75 -25.51
C ASN C 126 -9.88 29.38 -24.21
N GLN C 127 -9.71 28.60 -23.14
CA GLN C 127 -9.28 29.24 -21.92
C GLN C 127 -7.87 29.86 -22.08
N LYS C 128 -6.97 28.99 -22.52
CA LYS C 128 -5.62 29.46 -22.71
C LYS C 128 -5.60 30.65 -23.66
N GLU C 129 -6.14 30.47 -24.85
CA GLU C 129 -6.17 31.54 -25.83
C GLU C 129 -6.76 32.86 -25.35
N HIS C 130 -7.66 32.85 -24.37
CA HIS C 130 -8.24 34.13 -23.93
C HIS C 130 -7.21 34.70 -23.03
N LEU C 131 -6.57 33.77 -22.33
CA LEU C 131 -5.57 34.24 -21.39
C LEU C 131 -4.32 34.81 -22.03
N ARG C 132 -4.00 34.35 -23.24
CA ARG C 132 -2.83 34.84 -23.95
C ARG C 132 -2.96 36.36 -24.01
N LYS C 133 -4.16 36.83 -24.36
CA LYS C 133 -4.44 38.27 -24.41
C LYS C 133 -3.99 39.09 -23.25
N TYR C 134 -4.04 38.46 -22.09
CA TYR C 134 -3.63 39.18 -20.92
C TYR C 134 -2.20 38.95 -20.48
N GLY C 135 -1.37 38.60 -21.46
CA GLY C 135 0.04 38.35 -21.19
C GLY C 135 0.34 37.34 -20.10
N ILE C 136 -0.42 36.23 -20.07
CA ILE C 136 -0.17 35.22 -19.03
C ILE C 136 0.66 34.03 -19.49
N PRO C 137 1.84 33.84 -18.89
CA PRO C 137 2.70 32.76 -19.28
C PRO C 137 2.01 31.40 -19.15
N MET C 138 2.18 30.56 -20.17
CA MET C 138 1.65 29.21 -20.30
C MET C 138 2.49 28.42 -21.31
N ALA C 139 2.13 27.15 -21.50
CA ALA C 139 2.74 26.25 -22.46
C ALA C 139 2.25 26.59 -23.87
N GLU C 140 3.09 26.34 -24.85
CA GLU C 140 2.83 26.58 -26.26
C GLU C 140 1.99 25.37 -26.57
N HIS C 141 1.08 25.50 -27.51
CA HIS C 141 0.22 24.39 -27.89
C HIS C 141 -0.17 24.57 -29.35
N ARG C 142 -0.79 23.55 -29.89
CA ARG C 142 -1.32 23.63 -31.22
C ARG C 142 -2.64 22.91 -31.01
N GLU C 143 -3.75 23.42 -31.53
CA GLU C 143 -4.95 22.66 -31.30
C GLU C 143 -4.92 21.70 -32.49
N LEU C 144 -5.59 20.56 -32.42
CA LEU C 144 -5.70 19.64 -33.54
C LEU C 144 -7.13 19.78 -34.10
N VAL C 145 -7.25 19.67 -35.42
CA VAL C 145 -8.49 19.76 -36.20
C VAL C 145 -8.73 18.51 -37.04
N GLU C 146 -7.79 17.59 -37.17
CA GLU C 146 -8.08 16.39 -37.94
C GLU C 146 -7.99 15.16 -37.08
N ASN C 147 -7.21 15.28 -36.01
CA ASN C 147 -7.08 14.14 -35.12
C ASN C 147 -6.60 12.99 -35.97
N THR C 148 -5.60 13.27 -36.80
CA THR C 148 -5.00 12.29 -37.70
C THR C 148 -3.57 12.29 -37.21
N PRO C 149 -2.90 11.15 -37.41
CA PRO C 149 -1.53 10.97 -36.98
C PRO C 149 -0.62 11.81 -37.85
N ALA C 150 -1.12 12.12 -39.02
CA ALA C 150 -0.29 12.96 -39.85
C ALA C 150 -0.33 14.31 -39.17
N GLU C 151 -1.53 14.65 -38.69
CA GLU C 151 -1.63 15.95 -38.06
C GLU C 151 -0.78 15.99 -36.80
N LEU C 152 -1.02 15.11 -35.84
CA LEU C 152 -0.23 15.13 -34.61
C LEU C 152 1.27 15.02 -34.82
N ALA C 153 1.72 14.17 -35.74
CA ALA C 153 3.15 14.06 -35.96
C ALA C 153 3.67 15.48 -36.24
N LYS C 154 2.98 16.13 -37.15
CA LYS C 154 3.31 17.50 -37.57
C LYS C 154 3.49 18.43 -36.38
N VAL C 155 2.53 18.31 -35.47
CA VAL C 155 2.55 19.09 -34.26
C VAL C 155 3.73 18.69 -33.40
N GLY C 156 3.97 17.40 -33.28
CA GLY C 156 5.05 16.89 -32.45
C GLY C 156 6.37 17.39 -32.98
N GLU C 157 6.32 17.81 -34.22
CA GLU C 157 7.43 18.39 -34.94
C GLU C 157 7.77 19.78 -34.44
N GLN C 158 6.73 20.52 -34.11
CA GLN C 158 6.79 21.90 -33.65
C GLN C 158 7.08 22.10 -32.19
N LEU C 159 6.45 21.32 -31.32
CA LEU C 159 6.73 21.52 -29.91
C LEU C 159 7.59 20.38 -29.34
N GLY C 160 8.11 19.49 -30.19
CA GLY C 160 8.88 18.33 -29.72
C GLY C 160 8.28 17.32 -28.71
N TYR C 161 8.94 16.18 -28.48
CA TYR C 161 8.49 15.21 -27.51
C TYR C 161 9.35 15.26 -26.22
N PRO C 162 8.76 14.78 -25.12
CA PRO C 162 7.42 14.23 -25.19
C PRO C 162 6.47 15.42 -25.16
N LEU C 163 5.20 15.19 -25.41
CA LEU C 163 4.28 16.32 -25.34
C LEU C 163 2.98 15.84 -24.70
N MET C 164 2.24 16.83 -24.22
CA MET C 164 0.97 16.46 -23.61
C MET C 164 -0.26 16.56 -24.50
N LEU C 165 -0.82 15.41 -24.88
CA LEU C 165 -2.04 15.43 -25.71
C LEU C 165 -3.27 15.54 -24.82
N LYS C 166 -3.96 16.66 -24.97
CA LYS C 166 -5.11 17.05 -24.17
C LYS C 166 -6.47 17.29 -24.82
N SER C 167 -7.53 16.87 -24.13
CA SER C 167 -8.90 17.11 -24.64
C SER C 167 -9.24 18.51 -24.18
N LYS C 168 -9.89 19.29 -25.02
CA LYS C 168 -10.27 20.65 -24.71
C LYS C 168 -11.40 20.76 -23.71
N THR C 169 -12.21 19.73 -23.73
CA THR C 169 -13.40 19.69 -22.92
C THR C 169 -13.61 18.40 -22.21
N MET C 170 -14.42 18.47 -21.17
CA MET C 170 -14.88 17.33 -20.44
C MET C 170 -13.63 16.81 -19.77
N ALA C 171 -12.64 17.71 -19.70
CA ALA C 171 -11.35 17.39 -19.09
C ALA C 171 -11.44 17.32 -17.57
N TYR C 172 -10.88 16.23 -17.06
CA TYR C 172 -10.88 16.01 -15.63
C TYR C 172 -9.78 15.01 -15.35
N ASP C 173 -8.93 15.44 -14.41
CA ASP C 173 -7.77 14.71 -13.93
C ASP C 173 -7.05 13.86 -14.98
N GLY C 174 -6.62 14.47 -16.08
CA GLY C 174 -5.92 13.74 -17.14
C GLY C 174 -6.56 12.46 -17.70
N ARG C 175 -7.87 12.45 -17.87
CA ARG C 175 -8.55 11.29 -18.42
C ARG C 175 -8.60 11.53 -19.93
N GLY C 176 -8.60 12.82 -20.29
CA GLY C 176 -8.56 13.24 -21.69
C GLY C 176 -7.12 13.65 -22.15
N ASN C 177 -6.15 13.25 -21.33
CA ASN C 177 -4.75 13.55 -21.57
C ASN C 177 -3.95 12.31 -21.84
N PHE C 178 -2.97 12.54 -22.70
CA PHE C 178 -2.07 11.47 -23.05
C PHE C 178 -0.72 12.07 -23.39
N ARG C 179 0.28 11.46 -22.73
CA ARG C 179 1.68 11.80 -22.87
C ARG C 179 2.16 11.13 -24.15
N VAL C 180 2.62 11.93 -25.10
CA VAL C 180 3.12 11.34 -26.33
C VAL C 180 4.63 11.38 -26.25
N ASN C 181 5.15 10.17 -26.09
CA ASN C 181 6.59 9.99 -25.95
C ASN C 181 7.39 10.20 -27.20
N SER C 182 6.82 9.77 -28.33
CA SER C 182 7.49 9.92 -29.62
C SER C 182 6.40 9.72 -30.65
N GLN C 183 6.78 9.85 -31.92
CA GLN C 183 5.86 9.63 -33.05
C GLN C 183 5.26 8.22 -32.99
N ASP C 184 5.97 7.28 -32.35
CA ASP C 184 5.52 5.89 -32.24
C ASP C 184 4.31 5.67 -31.38
N ASP C 185 4.07 6.61 -30.47
CA ASP C 185 2.96 6.53 -29.53
C ASP C 185 1.73 7.26 -30.04
N ILE C 186 1.87 7.82 -31.23
CA ILE C 186 0.77 8.59 -31.77
C ILE C 186 -0.49 7.73 -31.88
N PRO C 187 -0.43 6.70 -32.70
CA PRO C 187 -1.58 5.81 -32.86
C PRO C 187 -2.30 5.59 -31.55
N GLU C 188 -1.55 5.11 -30.58
CA GLU C 188 -2.18 4.83 -29.31
C GLU C 188 -2.93 6.00 -28.71
N ALA C 189 -2.22 7.13 -28.71
CA ALA C 189 -2.73 8.38 -28.16
C ALA C 189 -4.11 8.78 -28.76
N LEU C 190 -4.18 8.99 -30.07
CA LEU C 190 -5.45 9.32 -30.73
C LEU C 190 -6.51 8.26 -30.40
N GLU C 191 -6.16 6.97 -30.49
CA GLU C 191 -7.17 5.97 -30.18
C GLU C 191 -7.65 6.16 -28.76
N ALA C 192 -6.81 6.71 -27.91
CA ALA C 192 -7.34 6.87 -26.57
C ALA C 192 -8.16 8.10 -26.34
N LEU C 193 -7.90 9.18 -27.06
CA LEU C 193 -8.68 10.39 -26.82
C LEU C 193 -9.53 10.48 -28.07
N LYS C 194 -9.97 9.28 -28.48
CA LYS C 194 -10.78 9.22 -29.69
C LYS C 194 -12.09 9.99 -29.60
N ASP C 195 -12.44 10.60 -30.75
CA ASP C 195 -13.61 11.41 -31.03
C ASP C 195 -13.89 12.54 -30.07
N ARG C 196 -12.86 13.28 -29.70
CA ARG C 196 -12.99 14.40 -28.76
C ARG C 196 -12.17 15.48 -29.44
N PRO C 197 -12.34 16.71 -29.02
CA PRO C 197 -11.60 17.82 -29.60
C PRO C 197 -10.36 18.01 -28.73
N LEU C 198 -9.20 17.98 -29.36
CA LEU C 198 -7.95 18.06 -28.65
C LEU C 198 -7.03 19.13 -29.15
N TYR C 199 -6.03 19.35 -28.32
CA TYR C 199 -5.03 20.31 -28.63
C TYR C 199 -3.81 19.68 -28.00
N ALA C 200 -2.64 20.00 -28.53
CA ALA C 200 -1.42 19.43 -28.03
C ALA C 200 -0.59 20.52 -27.37
N GLU C 201 -0.14 20.23 -26.16
CA GLU C 201 0.68 21.09 -25.32
C GLU C 201 2.15 20.71 -25.23
N LYS C 202 2.95 21.75 -25.33
CA LYS C 202 4.38 21.53 -25.27
C LYS C 202 4.54 21.02 -23.85
N TRP C 203 5.64 20.32 -23.62
CA TRP C 203 5.89 19.75 -22.33
C TRP C 203 6.41 20.82 -21.37
N ALA C 204 6.02 20.67 -20.11
CA ALA C 204 6.44 21.56 -19.02
C ALA C 204 7.38 20.80 -18.09
N TYR C 205 8.68 21.01 -18.20
CA TYR C 205 9.55 20.25 -17.32
C TYR C 205 9.54 21.00 -15.97
N PHE C 206 8.44 20.90 -15.23
CA PHE C 206 8.36 21.63 -13.95
C PHE C 206 9.12 21.02 -12.77
N LYS C 207 9.48 21.93 -11.90
CA LYS C 207 10.17 21.51 -10.69
C LYS C 207 9.26 21.27 -9.49
N MET C 208 8.10 21.94 -9.54
CA MET C 208 7.08 21.83 -8.50
C MET C 208 5.78 22.20 -9.18
N GLU C 209 4.65 21.80 -8.62
CA GLU C 209 3.34 22.21 -9.13
C GLU C 209 2.84 23.06 -7.96
N LEU C 210 2.23 24.19 -8.28
CA LEU C 210 1.66 25.10 -7.27
C LEU C 210 0.21 25.48 -7.61
N ALA C 211 -0.49 26.14 -6.68
CA ALA C 211 -1.91 26.56 -6.81
C ALA C 211 -2.39 27.63 -5.84
N VAL C 212 -3.24 28.53 -6.28
CA VAL C 212 -3.69 29.54 -5.31
C VAL C 212 -5.22 29.52 -5.48
N ILE C 213 -6.00 29.66 -4.40
CA ILE C 213 -7.47 29.67 -4.54
C ILE C 213 -7.68 31.19 -4.40
N VAL C 214 -8.49 31.76 -5.29
CA VAL C 214 -8.77 33.19 -5.25
C VAL C 214 -10.29 33.27 -5.11
N VAL C 215 -10.67 34.26 -4.32
CA VAL C 215 -12.08 34.55 -4.08
C VAL C 215 -12.35 35.90 -4.69
N LYS C 216 -13.22 35.90 -5.70
CA LYS C 216 -13.72 37.07 -6.41
C LYS C 216 -15.07 37.43 -5.80
N THR C 217 -15.05 38.56 -5.10
CA THR C 217 -16.25 39.08 -4.42
C THR C 217 -16.69 40.40 -5.11
N LYS C 218 -17.78 40.98 -4.59
CA LYS C 218 -18.37 42.21 -5.11
C LYS C 218 -17.41 43.38 -5.20
N ASP C 219 -16.57 43.56 -4.18
CA ASP C 219 -15.74 44.72 -4.37
C ASP C 219 -14.27 44.43 -4.41
N GLU C 220 -13.94 43.31 -3.79
CA GLU C 220 -12.54 42.93 -3.71
C GLU C 220 -12.16 41.58 -4.26
N VAL C 221 -10.86 41.30 -4.24
CA VAL C 221 -10.38 40.02 -4.69
C VAL C 221 -9.46 39.49 -3.61
N LEU C 222 -9.65 38.24 -3.17
CA LEU C 222 -8.78 37.78 -2.11
C LEU C 222 -8.15 36.51 -2.63
N SER C 223 -7.34 35.89 -1.77
CA SER C 223 -6.66 34.65 -2.09
C SER C 223 -6.17 33.92 -0.82
N TYR C 224 -5.93 32.63 -1.00
CA TYR C 224 -5.44 31.87 0.13
C TYR C 224 -3.97 31.74 -0.21
N PRO C 225 -3.18 31.28 0.74
CA PRO C 225 -1.74 31.17 0.48
C PRO C 225 -1.39 30.20 -0.61
N THR C 226 -0.17 30.32 -1.14
CA THR C 226 0.23 29.40 -2.19
C THR C 226 0.51 28.01 -1.66
N VAL C 227 0.08 26.97 -2.36
CA VAL C 227 0.32 25.62 -1.88
C VAL C 227 0.99 24.79 -2.96
N GLU C 228 1.55 23.66 -2.54
CA GLU C 228 2.25 22.81 -3.50
C GLU C 228 1.42 21.63 -3.82
N THR C 229 1.36 21.30 -5.11
CA THR C 229 0.53 20.15 -5.41
C THR C 229 1.47 19.12 -5.98
N VAL C 230 1.02 17.89 -5.92
CA VAL C 230 1.80 16.78 -6.42
C VAL C 230 0.77 15.89 -7.07
N GLN C 231 0.95 15.64 -8.37
CA GLN C 231 -0.01 14.79 -9.05
C GLN C 231 0.60 13.42 -9.22
N GLU C 232 -0.22 12.41 -9.35
CA GLU C 232 0.27 11.05 -9.57
C GLU C 232 -0.75 10.51 -10.55
N ASP C 233 -0.25 10.01 -11.66
CA ASP C 233 -1.12 9.50 -12.70
C ASP C 233 -2.02 10.61 -13.17
N SER C 234 -1.46 11.80 -13.14
CA SER C 234 -2.18 12.98 -13.59
C SER C 234 -3.30 13.42 -12.66
N ILE C 235 -3.45 12.65 -11.58
CA ILE C 235 -4.44 12.93 -10.58
C ILE C 235 -3.77 13.55 -9.35
N CYS C 236 -4.40 14.58 -8.79
CA CYS C 236 -3.92 15.30 -7.62
C CYS C 236 -3.66 14.28 -6.54
N LYS C 237 -2.50 14.34 -5.91
CA LYS C 237 -2.33 13.31 -4.88
C LYS C 237 -2.18 13.86 -3.47
N LEU C 238 -1.40 14.94 -3.40
CA LEU C 238 -1.13 15.63 -2.14
C LEU C 238 -1.03 17.12 -2.32
N VAL C 239 -1.43 17.87 -1.27
CA VAL C 239 -1.34 19.33 -1.28
C VAL C 239 -0.61 19.62 0.00
N TYR C 240 0.42 20.47 -0.07
CA TYR C 240 1.20 20.78 1.12
C TYR C 240 0.89 22.23 1.27
N ALA C 241 0.37 22.60 2.42
CA ALA C 241 0.07 24.01 2.57
C ALA C 241 0.53 24.58 3.88
N PRO C 242 1.21 25.72 3.85
CA PRO C 242 1.59 26.43 2.64
C PRO C 242 2.59 25.57 1.85
N ALA C 243 2.89 26.01 0.64
CA ALA C 243 3.80 25.39 -0.30
C ALA C 243 5.19 25.11 0.25
N ARG C 244 5.76 23.92 0.08
CA ARG C 244 7.09 23.81 0.69
C ARG C 244 8.31 24.23 -0.15
N ASN C 245 9.31 24.71 0.57
CA ASN C 245 10.61 25.12 0.01
C ASN C 245 10.43 26.08 -1.14
N VAL C 246 9.93 27.28 -0.88
CA VAL C 246 9.69 28.17 -1.99
C VAL C 246 9.95 29.56 -1.46
N SER C 247 10.86 30.27 -2.12
CA SER C 247 11.14 31.64 -1.68
C SER C 247 9.80 32.36 -1.56
N ASP C 248 9.84 33.61 -1.10
CA ASP C 248 8.58 34.35 -0.98
C ASP C 248 8.42 35.06 -2.31
N ALA C 249 9.56 35.33 -2.94
CA ALA C 249 9.52 35.96 -4.23
C ALA C 249 8.47 35.13 -4.98
N ILE C 250 8.70 33.82 -4.92
CA ILE C 250 7.85 32.82 -5.52
C ILE C 250 6.34 32.79 -5.14
N ASN C 251 6.04 32.56 -3.86
CA ASN C 251 4.65 32.53 -3.44
C ASN C 251 4.14 33.79 -4.10
N GLN C 252 4.89 34.88 -3.95
CA GLN C 252 4.44 36.12 -4.51
C GLN C 252 4.15 36.20 -5.98
N LYS C 253 5.06 35.74 -6.82
CA LYS C 253 4.76 35.77 -8.24
C LYS C 253 3.49 34.95 -8.51
N ALA C 254 3.38 33.76 -7.90
CA ALA C 254 2.22 32.89 -8.11
C ALA C 254 0.95 33.60 -7.69
N GLN C 255 1.05 34.34 -6.59
CA GLN C 255 -0.07 35.07 -6.03
C GLN C 255 -0.65 36.14 -6.95
N GLU C 256 0.17 36.66 -7.86
CA GLU C 256 -0.26 37.70 -8.81
C GLU C 256 -0.71 37.06 -10.12
N LEU C 257 0.16 36.15 -10.58
CA LEU C 257 -0.18 35.42 -11.79
C LEU C 257 -1.62 34.96 -11.51
N ALA C 258 -1.83 34.36 -10.33
CA ALA C 258 -3.15 33.85 -9.96
C ALA C 258 -4.17 34.97 -10.13
N ARG C 259 -3.87 36.08 -9.48
CA ARG C 259 -4.75 37.24 -9.57
C ARG C 259 -5.03 37.80 -10.95
N LYS C 260 -3.94 37.90 -11.69
CA LYS C 260 -4.05 38.40 -13.04
C LYS C 260 -4.98 37.49 -13.85
N ALA C 261 -4.82 36.19 -13.63
CA ALA C 261 -5.63 35.25 -14.37
C ALA C 261 -7.14 35.29 -14.23
N VAL C 262 -7.55 35.40 -12.97
CA VAL C 262 -8.97 35.41 -12.62
C VAL C 262 -9.59 36.72 -13.01
N ALA C 263 -8.78 37.78 -12.97
CA ALA C 263 -9.26 39.10 -13.34
C ALA C 263 -9.65 39.12 -14.80
N ALA C 264 -9.22 38.13 -15.55
CA ALA C 264 -9.60 38.16 -16.97
C ALA C 264 -11.02 37.61 -17.13
N PHE C 265 -11.64 37.23 -16.03
CA PHE C 265 -12.99 36.73 -16.09
C PHE C 265 -13.94 37.49 -15.20
N ASP C 266 -15.23 37.31 -15.47
CA ASP C 266 -16.36 37.91 -14.75
C ASP C 266 -17.06 36.91 -13.85
N GLY C 267 -17.62 37.42 -12.75
CA GLY C 267 -18.38 36.60 -11.81
C GLY C 267 -17.80 36.61 -10.43
N LYS C 268 -18.66 36.35 -9.46
CA LYS C 268 -18.23 36.30 -8.06
C LYS C 268 -17.99 34.85 -7.75
N GLY C 269 -17.18 34.55 -6.73
CA GLY C 269 -16.90 33.15 -6.41
C GLY C 269 -15.43 32.74 -6.33
N VAL C 270 -15.25 31.46 -6.06
CA VAL C 270 -13.90 30.96 -5.89
C VAL C 270 -13.29 30.38 -7.16
N PHE C 271 -12.03 30.70 -7.44
CA PHE C 271 -11.38 30.11 -8.61
C PHE C 271 -10.11 29.44 -8.08
N GLY C 272 -9.74 28.36 -8.76
CA GLY C 272 -8.53 27.62 -8.41
C GLY C 272 -7.51 27.82 -9.52
N VAL C 273 -6.29 28.24 -9.16
CA VAL C 273 -5.28 28.46 -10.20
C VAL C 273 -4.06 27.53 -10.11
N GLU C 274 -3.97 26.65 -11.09
CA GLU C 274 -2.87 25.68 -11.14
C GLU C 274 -1.71 26.24 -11.98
N MET C 275 -0.52 26.28 -11.39
CA MET C 275 0.68 26.78 -12.06
C MET C 275 1.81 25.82 -11.95
N PHE C 276 2.76 26.03 -12.84
CA PHE C 276 3.94 25.17 -12.91
C PHE C 276 5.15 25.96 -12.46
N LEU C 277 5.93 25.43 -11.56
CA LEU C 277 7.19 26.08 -11.18
C LEU C 277 8.31 25.47 -11.95
N LEU C 278 9.02 26.34 -12.60
CA LEU C 278 10.05 25.78 -13.41
C LEU C 278 11.42 25.77 -12.82
N GLU C 279 12.15 24.73 -13.28
CA GLU C 279 13.53 24.47 -12.89
C GLU C 279 14.35 25.73 -12.80
N ASP C 280 13.78 26.84 -13.27
CA ASP C 280 14.50 28.10 -13.20
C ASP C 280 13.69 29.14 -12.43
N ASP C 281 12.74 28.68 -11.63
CA ASP C 281 11.89 29.54 -10.80
C ASP C 281 10.79 30.43 -11.40
N SER C 282 10.66 30.31 -12.69
CA SER C 282 9.64 31.06 -13.41
C SER C 282 8.39 30.21 -13.21
N ILE C 283 7.26 30.93 -13.25
CA ILE C 283 5.96 30.30 -13.07
C ILE C 283 5.13 30.26 -14.35
N MET C 284 4.56 29.12 -14.68
CA MET C 284 3.76 29.12 -15.89
C MET C 284 2.37 28.69 -15.51
N LEU C 285 1.36 29.13 -16.26
CA LEU C 285 0.01 28.71 -15.92
C LEU C 285 -0.29 27.34 -16.50
N CYS C 286 -0.94 26.53 -15.65
CA CYS C 286 -1.31 25.18 -16.06
C CYS C 286 -2.78 25.21 -16.48
N GLU C 287 -3.68 25.60 -15.58
CA GLU C 287 -5.08 25.65 -15.99
C GLU C 287 -5.83 26.43 -14.96
N ILE C 288 -7.00 26.94 -15.30
CA ILE C 288 -7.78 27.70 -14.31
C ILE C 288 -9.16 27.06 -14.07
N ALA C 289 -9.64 27.10 -12.85
CA ALA C 289 -10.95 26.51 -12.61
C ALA C 289 -11.83 27.58 -12.00
N SER C 290 -13.02 27.63 -12.58
CA SER C 290 -14.14 28.56 -12.31
C SER C 290 -15.04 28.16 -11.12
N ARG C 291 -14.45 27.48 -10.15
CA ARG C 291 -15.21 26.98 -9.00
C ARG C 291 -14.23 26.48 -7.96
N ILE C 292 -14.78 26.06 -6.83
CA ILE C 292 -14.02 25.42 -5.76
C ILE C 292 -13.09 24.33 -6.39
N HIS C 293 -11.88 24.15 -5.83
CA HIS C 293 -10.83 23.23 -6.34
C HIS C 293 -10.16 22.28 -5.30
N ASN C 294 -9.76 21.10 -5.73
CA ASN C 294 -9.17 20.05 -4.87
C ASN C 294 -8.07 20.62 -4.03
N SER C 295 -7.39 21.60 -4.63
CA SER C 295 -6.24 22.25 -4.02
C SER C 295 -6.58 22.89 -2.70
N GLY C 296 -7.77 23.45 -2.62
CA GLY C 296 -8.16 24.13 -1.40
C GLY C 296 -8.84 23.27 -0.34
N HIS C 297 -8.85 21.94 -0.46
CA HIS C 297 -9.54 21.21 0.59
C HIS C 297 -9.00 21.41 2.00
N TYR C 298 -7.70 21.66 2.09
CA TYR C 298 -7.02 21.87 3.36
C TYR C 298 -7.66 22.99 4.17
N THR C 299 -8.13 24.00 3.45
CA THR C 299 -8.73 25.16 4.09
C THR C 299 -9.90 24.84 5.04
N ILE C 300 -10.45 23.64 5.02
CA ILE C 300 -11.59 23.33 5.88
C ILE C 300 -11.05 23.28 7.28
N GLU C 301 -9.97 22.56 7.51
CA GLU C 301 -9.42 22.57 8.87
C GLU C 301 -8.26 23.55 8.95
N GLY C 302 -7.88 24.17 7.85
CA GLY C 302 -6.73 25.06 8.02
C GLY C 302 -7.05 26.53 8.12
N CYS C 303 -8.26 26.96 7.76
CA CYS C 303 -8.61 28.35 7.87
C CYS C 303 -9.95 28.48 8.61
N ALA C 304 -10.31 29.68 9.07
CA ALA C 304 -11.60 29.95 9.76
C ALA C 304 -12.72 29.84 8.73
N LEU C 305 -12.39 30.21 7.50
CA LEU C 305 -13.33 30.13 6.40
C LEU C 305 -12.79 29.20 5.34
N SER C 306 -13.47 28.09 5.03
CA SER C 306 -12.95 27.24 3.98
C SER C 306 -13.41 27.86 2.65
N GLN C 307 -12.80 27.37 1.57
CA GLN C 307 -13.07 27.78 0.20
C GLN C 307 -14.57 27.59 -0.01
N PHE C 308 -15.14 26.65 0.74
CA PHE C 308 -16.56 26.40 0.58
C PHE C 308 -17.36 27.52 1.19
N ASP C 309 -16.92 27.93 2.36
CA ASP C 309 -17.59 29.01 3.06
C ASP C 309 -17.37 30.31 2.28
N ALA C 310 -16.19 30.53 1.71
CA ALA C 310 -15.93 31.78 0.99
C ALA C 310 -16.69 31.79 -0.31
N HIS C 311 -16.86 30.62 -0.93
CA HIS C 311 -17.58 30.68 -2.17
C HIS C 311 -19.01 31.14 -1.96
N LEU C 312 -19.61 30.69 -0.87
CA LEU C 312 -20.99 31.06 -0.56
C LEU C 312 -21.22 32.50 -0.28
N ARG C 313 -20.40 33.04 0.60
CA ARG C 313 -20.55 34.44 0.96
C ARG C 313 -20.32 35.27 -0.28
N ALA C 314 -19.22 34.92 -0.95
CA ALA C 314 -18.82 35.60 -2.18
C ALA C 314 -20.05 35.77 -3.06
N ILE C 315 -20.67 34.65 -3.45
CA ILE C 315 -21.83 34.81 -4.30
C ILE C 315 -23.11 35.36 -3.68
N LEU C 316 -23.12 35.48 -2.36
CA LEU C 316 -24.33 35.99 -1.76
C LEU C 316 -24.02 37.37 -1.23
N ASP C 317 -22.78 37.78 -1.51
CA ASP C 317 -22.40 39.08 -0.99
C ASP C 317 -22.44 39.11 0.53
N LEU C 318 -21.85 38.16 1.23
CA LEU C 318 -21.83 38.24 2.69
C LEU C 318 -20.38 38.61 2.98
N PRO C 319 -20.08 39.03 4.21
CA PRO C 319 -18.68 39.36 4.44
C PRO C 319 -17.67 38.21 4.42
N ILE C 320 -16.43 38.57 4.21
CA ILE C 320 -15.36 37.61 4.26
C ILE C 320 -14.18 38.35 4.87
N PRO C 321 -13.95 38.18 6.16
CA PRO C 321 -12.80 38.81 6.77
C PRO C 321 -11.51 38.13 6.21
N ALA C 322 -10.45 38.88 5.90
CA ALA C 322 -9.20 38.31 5.37
C ALA C 322 -8.48 37.44 6.35
N GLN C 323 -8.56 37.84 7.61
CA GLN C 323 -7.89 36.98 8.59
C GLN C 323 -8.48 35.61 8.54
N SER C 324 -9.73 35.56 8.11
CA SER C 324 -10.28 34.23 8.07
C SER C 324 -9.70 33.34 6.96
N LEU C 325 -8.84 33.89 6.08
CA LEU C 325 -8.30 33.08 4.97
C LEU C 325 -6.89 32.66 5.18
N GLU C 326 -6.37 33.14 6.27
CA GLU C 326 -5.02 32.85 6.70
C GLU C 326 -4.94 31.42 7.23
N ILE C 327 -3.88 30.71 6.85
CA ILE C 327 -3.67 29.35 7.29
C ILE C 327 -3.41 29.30 8.78
N ARG C 328 -4.02 28.38 9.50
CA ARG C 328 -3.79 28.32 10.92
C ARG C 328 -2.58 27.43 11.29
N GLN C 329 -2.31 26.38 10.55
CA GLN C 329 -1.15 25.58 10.92
C GLN C 329 -0.81 24.93 9.62
N PRO C 330 0.43 24.46 9.44
CA PRO C 330 0.74 23.79 8.20
C PRO C 330 -0.11 22.54 8.20
N SER C 331 -0.44 22.09 7.00
CA SER C 331 -1.22 20.88 6.92
C SER C 331 -0.95 20.29 5.57
N ILE C 332 -1.38 19.04 5.43
CA ILE C 332 -1.19 18.33 4.17
C ILE C 332 -2.46 17.59 3.85
N MET C 333 -2.91 17.58 2.60
CA MET C 333 -4.10 16.80 2.26
C MET C 333 -3.61 15.69 1.29
N LEU C 334 -4.17 14.51 1.52
CA LEU C 334 -4.04 13.28 0.76
C LEU C 334 -5.44 12.86 0.24
N ASN C 335 -5.59 12.80 -1.07
CA ASN C 335 -6.82 12.40 -1.73
C ASN C 335 -6.74 10.88 -1.62
N ILE C 336 -7.91 10.26 -1.52
CA ILE C 336 -8.05 8.82 -1.46
C ILE C 336 -8.74 8.51 -2.81
N ILE C 337 -7.98 7.93 -3.74
CA ILE C 337 -8.28 7.56 -5.12
C ILE C 337 -8.77 6.12 -5.30
N GLY C 338 -9.77 5.92 -6.16
CA GLY C 338 -10.35 4.61 -6.45
C GLY C 338 -9.27 3.65 -6.99
N GLY C 339 -9.04 2.52 -6.32
CA GLY C 339 -8.05 1.59 -6.84
C GLY C 339 -8.73 0.44 -7.55
N ALA C 340 -7.94 -0.59 -7.80
CA ALA C 340 -8.30 -1.82 -8.50
C ALA C 340 -9.52 -2.59 -7.94
N ALA C 341 -9.48 -2.90 -6.65
CA ALA C 341 -10.56 -3.59 -5.94
C ALA C 341 -11.51 -2.48 -5.47
N PRO C 342 -12.78 -2.78 -5.26
CA PRO C 342 -13.62 -1.67 -4.80
C PRO C 342 -13.60 -1.47 -3.27
N ASP C 343 -12.65 -2.09 -2.59
CA ASP C 343 -12.49 -2.00 -1.15
C ASP C 343 -11.57 -0.91 -0.64
N THR C 344 -10.49 -0.83 -1.41
CA THR C 344 -9.40 0.11 -1.16
C THR C 344 -9.57 1.49 -0.51
N HIS C 345 -10.58 2.21 -0.96
CA HIS C 345 -10.75 3.52 -0.38
C HIS C 345 -11.05 3.30 1.11
N LEU C 346 -11.56 2.12 1.46
CA LEU C 346 -11.87 1.80 2.85
C LEU C 346 -10.61 1.48 3.60
N GLN C 347 -9.68 0.89 2.86
CA GLN C 347 -8.41 0.57 3.46
C GLN C 347 -7.69 1.86 3.85
N ALA C 348 -7.62 2.82 2.94
CA ALA C 348 -6.93 4.05 3.27
C ALA C 348 -7.53 4.76 4.48
N ALA C 349 -8.85 4.91 4.42
CA ALA C 349 -9.61 5.58 5.48
C ALA C 349 -9.35 4.90 6.81
N GLU C 350 -9.44 3.59 6.75
CA GLU C 350 -9.20 2.86 7.97
C GLU C 350 -7.81 3.17 8.47
N CYS C 351 -6.82 3.27 7.61
CA CYS C 351 -5.51 3.61 8.14
C CYS C 351 -5.52 5.01 8.76
N ALA C 352 -6.18 5.95 8.07
CA ALA C 352 -6.34 7.37 8.44
C ALA C 352 -6.79 7.54 9.87
N LEU C 353 -7.70 6.66 10.26
CA LEU C 353 -8.26 6.67 11.61
C LEU C 353 -7.21 6.70 12.69
N SER C 354 -6.07 6.09 12.42
CA SER C 354 -4.99 6.03 13.39
C SER C 354 -3.96 7.11 13.25
N ILE C 355 -4.01 7.87 12.16
CA ILE C 355 -3.03 8.91 11.95
C ILE C 355 -3.40 10.04 12.91
N PRO C 356 -2.41 10.51 13.65
CA PRO C 356 -2.64 11.58 14.60
C PRO C 356 -3.04 12.82 13.80
N ASN C 357 -3.99 13.61 14.28
CA ASN C 357 -4.44 14.83 13.61
C ASN C 357 -4.97 14.63 12.20
N ALA C 358 -5.41 13.41 11.87
CA ALA C 358 -5.91 13.25 10.51
C ALA C 358 -7.43 13.40 10.44
N SER C 359 -7.86 14.34 9.63
CA SER C 359 -9.29 14.50 9.49
C SER C 359 -9.73 13.82 8.18
N ILE C 360 -10.59 12.83 8.35
CA ILE C 360 -11.13 12.02 7.31
C ILE C 360 -12.39 12.49 6.58
N HIS C 361 -12.30 12.68 5.27
CA HIS C 361 -13.49 13.07 4.52
C HIS C 361 -13.78 11.96 3.51
N LEU C 362 -14.92 11.27 3.63
CA LEU C 362 -15.28 10.25 2.67
C LEU C 362 -16.45 10.87 1.90
N TYR C 363 -16.49 10.68 0.59
CA TYR C 363 -17.55 11.26 -0.24
C TYR C 363 -18.89 10.55 -0.48
N SER C 364 -19.10 9.38 0.09
CA SER C 364 -20.36 8.68 -0.18
C SER C 364 -20.67 8.35 -1.65
N LYS C 365 -19.66 8.04 -2.48
CA LYS C 365 -19.80 7.61 -3.88
C LYS C 365 -19.90 6.08 -4.14
N GLY C 366 -20.02 5.34 -3.05
CA GLY C 366 -20.15 3.91 -3.25
C GLY C 366 -18.82 3.19 -3.42
N ALA C 367 -18.86 2.14 -4.25
CA ALA C 367 -17.66 1.38 -4.55
C ALA C 367 -16.68 2.19 -5.34
N ALA C 368 -15.42 1.81 -5.17
CA ALA C 368 -14.42 2.54 -5.89
C ALA C 368 -14.22 2.07 -7.32
N LYS C 369 -14.04 3.08 -8.14
CA LYS C 369 -13.74 2.78 -9.53
C LYS C 369 -12.34 3.34 -9.40
N PRO C 370 -11.48 2.59 -10.07
CA PRO C 370 -10.06 2.84 -10.16
C PRO C 370 -10.00 4.28 -10.65
N GLY C 371 -9.15 5.02 -9.96
CA GLY C 371 -8.89 6.43 -10.24
C GLY C 371 -9.93 7.38 -9.73
N ARG C 372 -10.96 6.82 -9.12
CA ARG C 372 -11.97 7.78 -8.67
C ARG C 372 -11.67 8.58 -7.41
N LYS C 373 -12.16 9.81 -7.35
CA LYS C 373 -11.96 10.62 -6.13
C LYS C 373 -12.98 10.23 -5.08
N MET C 374 -12.50 9.34 -4.21
CA MET C 374 -13.23 8.72 -3.12
C MET C 374 -13.38 9.45 -1.79
N GLY C 375 -12.45 10.33 -1.48
CA GLY C 375 -12.52 11.07 -0.23
C GLY C 375 -11.20 11.81 -0.11
N HIS C 376 -10.81 12.24 1.07
CA HIS C 376 -9.54 12.89 1.18
C HIS C 376 -9.27 13.02 2.69
N ILE C 377 -8.01 13.06 3.09
CA ILE C 377 -7.65 13.17 4.49
C ILE C 377 -6.77 14.38 4.67
N THR C 378 -7.04 15.16 5.71
CA THR C 378 -6.22 16.34 5.98
C THR C 378 -5.55 16.13 7.35
N VAL C 379 -4.25 16.31 7.34
CA VAL C 379 -3.45 16.18 8.53
C VAL C 379 -2.81 17.52 8.81
N THR C 380 -3.11 18.06 9.97
CA THR C 380 -2.48 19.33 10.36
C THR C 380 -1.45 19.13 11.49
N ALA C 381 -0.74 20.22 11.81
CA ALA C 381 0.29 20.23 12.85
C ALA C 381 0.81 21.67 12.87
N PRO C 382 1.42 21.97 13.98
CA PRO C 382 2.01 23.25 14.34
C PRO C 382 3.21 23.41 13.45
N THR C 383 3.79 22.29 13.01
CA THR C 383 4.93 22.29 12.07
C THR C 383 4.70 21.39 10.86
N MET C 384 5.11 21.88 9.70
CA MET C 384 4.99 21.07 8.49
C MET C 384 5.70 19.74 8.56
N HIS C 385 6.92 19.79 9.09
CA HIS C 385 7.70 18.57 9.20
C HIS C 385 6.99 17.68 10.22
N GLU C 386 6.30 18.32 11.15
CA GLU C 386 5.59 17.39 12.01
C GLU C 386 4.42 16.73 11.23
N ALA C 387 3.70 17.48 10.40
CA ALA C 387 2.55 16.99 9.61
C ALA C 387 3.05 15.88 8.66
N GLU C 388 4.22 16.09 8.07
CA GLU C 388 4.81 15.06 7.19
C GLU C 388 5.03 13.74 7.93
N THR C 389 5.52 13.86 9.15
CA THR C 389 5.78 12.60 9.86
C THR C 389 4.46 11.95 10.14
N HIS C 390 3.52 12.76 10.58
CA HIS C 390 2.22 12.13 10.85
C HIS C 390 1.65 11.42 9.67
N ILE C 391 1.69 12.07 8.53
CA ILE C 391 1.02 11.53 7.40
C ILE C 391 1.75 10.37 6.75
N GLN C 392 3.07 10.34 6.86
CA GLN C 392 3.86 9.31 6.17
C GLN C 392 3.41 7.85 6.07
N PRO C 393 3.13 7.27 7.20
CA PRO C 393 2.71 5.87 7.26
C PRO C 393 1.47 5.76 6.45
N LEU C 394 0.61 6.78 6.53
CA LEU C 394 -0.60 6.66 5.68
C LEU C 394 -0.29 6.71 4.18
N ILE C 395 0.73 7.46 3.82
CA ILE C 395 1.05 7.50 2.42
C ILE C 395 1.63 6.12 2.06
N ASP C 396 2.57 5.68 2.87
CA ASP C 396 3.17 4.37 2.58
C ASP C 396 2.10 3.35 2.24
N VAL C 397 0.98 3.50 2.93
CA VAL C 397 -0.16 2.59 2.76
C VAL C 397 -0.95 2.77 1.46
N VAL C 398 -1.16 3.99 1.01
CA VAL C 398 -1.90 4.11 -0.25
C VAL C 398 -1.09 3.62 -1.43
N ASP C 399 0.21 3.94 -1.37
CA ASP C 399 1.15 3.52 -2.37
C ASP C 399 1.12 2.01 -2.37
N ARG C 400 0.96 1.39 -1.20
CA ARG C 400 0.95 -0.06 -1.32
C ARG C 400 -0.29 -0.69 -1.96
N ILE C 401 -1.40 0.04 -1.86
CA ILE C 401 -2.71 -0.32 -2.40
C ILE C 401 -2.77 0.02 -3.90
N ARG C 402 -2.29 1.23 -4.16
CA ARG C 402 -2.24 1.84 -5.49
C ARG C 402 -2.36 0.85 -6.66
N TRP D 22 -15.99 -1.73 7.86
CA TRP D 22 -15.83 -1.00 9.14
C TRP D 22 -16.84 0.08 9.40
N ASN D 23 -16.96 1.00 8.44
CA ASN D 23 -17.93 2.11 8.51
C ASN D 23 -19.27 1.53 8.01
N SER D 24 -19.30 0.22 8.19
CA SER D 24 -20.37 -0.69 7.86
C SER D 24 -21.62 -0.53 8.74
N ARG D 25 -21.40 -0.53 10.07
CA ARG D 25 -22.46 -0.43 11.07
C ARG D 25 -23.41 0.75 11.08
N LYS D 26 -24.63 0.45 11.50
CA LYS D 26 -25.58 1.55 11.60
C LYS D 26 -25.75 2.01 13.04
N VAL D 27 -25.83 3.33 13.14
CA VAL D 27 -25.96 3.96 14.42
C VAL D 27 -27.35 4.58 14.67
N GLY D 28 -27.95 4.28 15.80
CA GLY D 28 -29.21 4.85 16.17
C GLY D 28 -28.88 5.78 17.33
N VAL D 29 -29.50 6.96 17.24
CA VAL D 29 -29.31 7.92 18.32
C VAL D 29 -30.66 8.43 18.81
N LEU D 30 -30.81 8.41 20.12
CA LEU D 30 -32.03 8.91 20.75
C LEU D 30 -31.88 10.41 20.80
N GLY D 31 -32.65 11.12 20.00
CA GLY D 31 -32.62 12.58 20.03
C GLY D 31 -32.14 13.06 18.70
N GLY D 32 -32.69 14.16 18.17
CA GLY D 32 -32.28 14.72 16.86
C GLY D 32 -32.15 16.23 16.88
N GLY D 33 -31.74 16.80 18.01
CA GLY D 33 -31.49 18.24 18.21
C GLY D 33 -30.09 18.58 17.67
N GLN D 34 -29.55 19.79 17.93
CA GLN D 34 -28.23 20.18 17.43
C GLN D 34 -27.15 19.14 17.83
N LEU D 35 -27.31 18.53 19.00
CA LEU D 35 -26.34 17.57 19.45
C LEU D 35 -26.29 16.42 18.48
N GLY D 36 -27.45 15.82 18.28
CA GLY D 36 -27.63 14.71 17.34
C GLY D 36 -27.16 15.07 15.95
N ARG D 37 -27.51 16.29 15.56
CA ARG D 37 -27.11 16.76 14.26
C ARG D 37 -25.56 16.84 14.12
N MET D 38 -24.80 17.37 15.08
CA MET D 38 -23.35 17.53 14.95
C MET D 38 -22.84 16.13 14.92
N LEU D 39 -23.56 15.30 15.65
CA LEU D 39 -23.11 13.93 15.67
C LEU D 39 -23.26 13.43 14.22
N VAL D 40 -24.43 13.65 13.67
CA VAL D 40 -24.68 13.28 12.30
C VAL D 40 -23.63 13.87 11.35
N GLU D 41 -23.12 15.07 11.62
CA GLU D 41 -22.12 15.67 10.75
C GLU D 41 -20.88 14.81 10.73
N SER D 42 -20.54 14.41 11.94
CA SER D 42 -19.37 13.59 12.03
C SER D 42 -19.58 12.28 11.30
N ALA D 43 -20.76 11.68 11.43
CA ALA D 43 -20.99 10.38 10.79
C ALA D 43 -20.89 10.47 9.28
N ASN D 44 -21.44 11.54 8.73
CA ASN D 44 -21.44 11.82 7.29
C ASN D 44 -20.02 11.85 6.73
N ARG D 45 -19.08 12.30 7.58
CA ARG D 45 -17.72 12.42 7.10
C ARG D 45 -17.24 11.00 6.92
N LEU D 46 -17.73 10.15 7.82
CA LEU D 46 -17.22 8.79 7.77
C LEU D 46 -18.16 7.89 7.02
N ASN D 47 -19.14 8.55 6.40
CA ASN D 47 -20.08 7.74 5.66
C ASN D 47 -20.61 6.57 6.45
N ILE D 48 -20.68 6.81 7.74
CA ILE D 48 -21.30 5.83 8.59
C ILE D 48 -22.78 6.31 8.72
N GLN D 49 -23.71 5.40 8.53
CA GLN D 49 -25.14 5.69 8.64
C GLN D 49 -25.74 5.84 10.02
N VAL D 50 -26.51 6.93 10.15
CA VAL D 50 -27.23 7.26 11.38
C VAL D 50 -28.76 7.32 11.26
N ASN D 51 -29.38 6.54 12.14
CA ASN D 51 -30.82 6.47 12.21
C ASN D 51 -31.21 7.29 13.46
N VAL D 52 -31.93 8.37 13.22
CA VAL D 52 -32.36 9.26 14.29
C VAL D 52 -33.80 9.01 14.76
N LEU D 53 -34.00 8.85 16.05
CA LEU D 53 -35.35 8.64 16.58
C LEU D 53 -35.76 9.99 17.18
N ASP D 54 -36.72 10.64 16.51
CA ASP D 54 -37.20 11.95 16.89
C ASP D 54 -38.21 12.40 15.82
N ALA D 55 -38.76 13.58 16.05
CA ALA D 55 -39.75 14.18 15.15
C ALA D 55 -39.13 14.20 13.79
N ASP D 56 -40.02 14.20 12.80
CA ASP D 56 -39.49 14.19 11.45
C ASP D 56 -38.89 15.55 11.30
N ASN D 57 -37.96 15.75 10.39
CA ASN D 57 -37.43 17.13 10.30
C ASN D 57 -36.58 17.67 11.47
N SER D 58 -36.31 16.94 12.52
CA SER D 58 -35.43 17.51 13.52
C SER D 58 -34.08 17.94 12.83
N PRO D 59 -33.36 18.91 13.40
CA PRO D 59 -32.10 19.40 12.86
C PRO D 59 -31.21 18.27 12.33
N ALA D 60 -31.14 17.21 13.15
CA ALA D 60 -30.33 16.08 12.77
C ALA D 60 -30.81 15.36 11.54
N LYS D 61 -32.13 15.22 11.37
CA LYS D 61 -32.62 14.55 10.17
C LYS D 61 -32.44 15.43 8.92
N GLN D 62 -32.34 16.74 9.12
CA GLN D 62 -32.16 17.61 7.97
C GLN D 62 -30.83 17.45 7.19
N ILE D 63 -29.80 16.87 7.76
CA ILE D 63 -28.56 16.80 6.98
C ILE D 63 -28.30 15.33 6.77
N SER D 64 -29.39 14.59 6.80
CA SER D 64 -29.34 13.14 6.74
C SER D 64 -30.49 12.46 6.01
N ALA D 65 -30.45 12.69 4.70
CA ALA D 65 -31.42 12.22 3.70
C ALA D 65 -31.54 10.75 3.36
N HIS D 66 -32.01 9.91 4.27
CA HIS D 66 -32.17 8.49 3.99
C HIS D 66 -33.50 8.02 4.57
N ASP D 67 -33.82 6.75 4.61
CA ASP D 67 -35.17 6.52 5.17
C ASP D 67 -34.92 5.57 6.31
N GLY D 68 -33.78 5.76 6.97
CA GLY D 68 -33.44 4.92 8.14
C GLY D 68 -33.93 5.55 9.46
N HIS D 69 -34.35 6.80 9.37
CA HIS D 69 -34.83 7.41 10.59
C HIS D 69 -36.20 6.96 11.12
N VAL D 70 -36.31 7.00 12.45
CA VAL D 70 -37.51 6.65 13.17
C VAL D 70 -38.15 7.88 13.78
N THR D 71 -39.39 8.12 13.35
CA THR D 71 -40.10 9.28 13.86
C THR D 71 -40.82 8.98 15.15
N GLY D 72 -40.53 9.72 16.21
CA GLY D 72 -41.24 9.45 17.45
C GLY D 72 -40.43 10.08 18.55
N SER D 73 -40.69 9.68 19.78
CA SER D 73 -39.96 10.22 20.90
C SER D 73 -39.18 9.09 21.56
N PHE D 74 -37.94 9.46 21.90
CA PHE D 74 -36.98 8.62 22.58
C PHE D 74 -37.46 8.37 24.02
N LYS D 75 -38.60 8.93 24.42
CA LYS D 75 -39.11 8.77 25.78
C LYS D 75 -40.21 7.71 25.77
N GLU D 76 -40.57 7.42 24.52
CA GLU D 76 -41.58 6.42 24.18
C GLU D 76 -41.01 5.06 23.70
N ARG D 77 -41.30 4.04 24.51
CA ARG D 77 -40.89 2.62 24.39
C ARG D 77 -40.77 1.86 23.08
N GLU D 78 -41.90 1.71 22.40
CA GLU D 78 -42.02 1.05 21.10
C GLU D 78 -41.09 1.77 20.13
N ALA D 79 -41.16 3.10 20.13
CA ALA D 79 -40.28 3.88 19.27
C ALA D 79 -38.84 3.54 19.64
N VAL D 80 -38.49 3.48 20.93
CA VAL D 80 -37.11 3.09 21.19
C VAL D 80 -36.86 1.67 20.64
N ARG D 81 -37.89 0.89 20.46
CA ARG D 81 -37.67 -0.47 19.96
C ARG D 81 -37.42 -0.62 18.49
N GLN D 82 -38.25 0.12 17.80
CA GLN D 82 -38.25 0.22 16.34
C GLN D 82 -36.80 0.66 16.04
N LEU D 83 -36.35 1.79 16.58
CA LEU D 83 -34.98 2.23 16.35
C LEU D 83 -34.01 1.10 16.49
N ALA D 84 -33.92 0.52 17.65
CA ALA D 84 -33.09 -0.63 17.90
C ALA D 84 -33.07 -1.76 16.89
N LYS D 85 -34.26 -2.25 16.62
CA LYS D 85 -34.32 -3.37 15.71
C LYS D 85 -33.61 -3.03 14.42
N THR D 86 -33.45 -1.73 14.20
CA THR D 86 -32.80 -1.33 12.97
C THR D 86 -31.38 -0.82 13.15
N CYS D 87 -30.69 -1.08 14.26
CA CYS D 87 -29.36 -0.52 14.36
C CYS D 87 -28.48 -1.56 14.91
N ASP D 88 -27.18 -1.36 14.77
CA ASP D 88 -26.18 -2.24 15.35
C ASP D 88 -25.79 -1.69 16.70
N VAL D 89 -25.77 -0.37 16.89
CA VAL D 89 -25.44 0.24 18.21
C VAL D 89 -26.52 1.27 18.39
N VAL D 90 -26.92 1.47 19.65
CA VAL D 90 -27.93 2.47 19.92
C VAL D 90 -27.25 3.41 20.91
N THR D 91 -27.38 4.71 20.62
CA THR D 91 -26.85 5.89 21.35
C THR D 91 -27.76 7.07 21.62
N ALA D 92 -27.32 8.03 22.42
CA ALA D 92 -28.28 9.08 22.75
C ALA D 92 -27.63 10.42 22.79
N GLU D 93 -28.39 11.38 22.28
CA GLU D 93 -27.94 12.76 22.23
C GLU D 93 -28.53 13.37 23.49
N ILE D 94 -28.94 12.53 24.43
CA ILE D 94 -29.52 13.07 25.65
C ILE D 94 -29.41 12.12 26.80
N GLU D 95 -29.44 12.71 27.98
CA GLU D 95 -29.39 11.88 29.17
C GLU D 95 -30.81 11.56 29.68
N HIS D 96 -31.84 12.26 29.21
CA HIS D 96 -33.21 12.00 29.66
C HIS D 96 -33.99 11.04 28.78
N VAL D 97 -33.54 9.79 28.76
CA VAL D 97 -34.19 8.81 27.92
C VAL D 97 -34.78 7.66 28.74
N ASP D 98 -35.58 6.85 28.08
CA ASP D 98 -36.17 5.72 28.76
C ASP D 98 -35.13 4.61 28.78
N THR D 99 -34.43 4.48 29.89
CA THR D 99 -33.46 3.39 29.92
C THR D 99 -34.14 2.08 30.32
N TYR D 100 -35.46 2.10 30.52
CA TYR D 100 -36.13 0.83 30.86
C TYR D 100 -36.39 0.23 29.49
N ALA D 101 -36.67 1.09 28.51
CA ALA D 101 -36.88 0.62 27.15
C ALA D 101 -35.54 0.10 26.62
N LEU D 102 -34.45 0.78 27.01
CA LEU D 102 -33.09 0.42 26.60
C LEU D 102 -32.76 -0.91 27.20
N GLU D 103 -33.17 -1.04 28.45
CA GLU D 103 -32.84 -2.30 29.02
C GLU D 103 -33.64 -3.39 28.28
N GLU D 104 -34.84 -3.03 27.85
CA GLU D 104 -35.69 -3.99 27.13
C GLU D 104 -34.91 -4.72 26.04
N VAL D 105 -34.47 -3.88 25.11
CA VAL D 105 -33.72 -4.23 23.91
C VAL D 105 -32.25 -4.51 24.06
N ALA D 106 -31.72 -4.48 25.27
CA ALA D 106 -30.30 -4.72 25.28
C ALA D 106 -29.94 -6.10 24.72
N SER D 107 -30.95 -6.82 24.26
CA SER D 107 -30.60 -8.14 23.72
C SER D 107 -30.49 -8.14 22.20
N GLU D 108 -31.15 -7.15 21.64
CA GLU D 108 -31.11 -6.99 20.20
C GLU D 108 -29.90 -6.15 19.79
N VAL D 109 -29.76 -4.98 20.37
CA VAL D 109 -28.67 -4.08 19.99
C VAL D 109 -27.68 -3.62 21.03
N LYS D 110 -26.46 -3.26 20.64
CA LYS D 110 -25.41 -2.78 21.55
C LYS D 110 -25.85 -1.36 21.89
N ILE D 111 -25.68 -1.08 23.18
CA ILE D 111 -26.08 0.19 23.70
C ILE D 111 -24.90 0.90 24.36
N GLU D 112 -24.57 2.10 23.91
CA GLU D 112 -23.42 2.81 24.50
C GLU D 112 -23.75 4.25 24.70
N PRO D 113 -23.49 4.77 25.91
CA PRO D 113 -22.94 4.06 27.07
C PRO D 113 -23.98 3.12 27.66
N SER D 114 -23.62 2.30 28.64
CA SER D 114 -24.64 1.37 29.13
C SER D 114 -25.83 2.08 29.66
N TRP D 115 -26.96 1.39 29.56
CA TRP D 115 -28.26 1.85 30.06
C TRP D 115 -28.28 1.95 31.59
N GLN D 116 -27.48 1.14 32.28
CA GLN D 116 -27.35 1.21 33.74
C GLN D 116 -26.69 2.54 34.16
N ALA D 117 -25.62 2.89 33.45
CA ALA D 117 -24.80 4.07 33.54
C ALA D 117 -25.73 5.25 33.24
N ILE D 118 -26.42 5.23 32.12
CA ILE D 118 -27.30 6.35 31.86
C ILE D 118 -28.43 6.49 32.88
N ARG D 119 -28.89 5.37 33.44
CA ARG D 119 -29.97 5.35 34.44
C ARG D 119 -29.39 5.92 35.74
N THR D 120 -28.19 5.53 36.08
CA THR D 120 -27.57 6.05 37.28
C THR D 120 -27.37 7.56 37.13
N ILE D 121 -26.76 7.94 36.01
CA ILE D 121 -26.49 9.34 35.73
C ILE D 121 -27.67 10.33 35.73
N GLN D 122 -28.80 9.93 35.13
CA GLN D 122 -30.08 10.66 35.01
C GLN D 122 -30.60 11.01 36.41
N ASN D 123 -30.17 10.34 37.46
CA ASN D 123 -30.69 10.77 38.74
C ASN D 123 -29.49 11.33 39.48
N LYS D 124 -29.52 12.65 39.46
CA LYS D 124 -28.42 13.41 40.04
C LYS D 124 -28.06 12.98 41.42
N PHE D 125 -29.11 12.64 42.16
CA PHE D 125 -28.77 12.18 43.48
C PHE D 125 -27.98 10.87 43.43
N ASN D 126 -28.50 9.92 42.65
CA ASN D 126 -27.92 8.58 42.53
C ASN D 126 -26.54 8.70 41.96
N GLN D 127 -26.45 9.57 40.96
CA GLN D 127 -25.17 9.78 40.34
C GLN D 127 -24.10 10.06 41.40
N LYS D 128 -24.40 10.97 42.31
CA LYS D 128 -23.43 11.33 43.36
C LYS D 128 -23.15 10.23 44.36
N GLU D 129 -24.26 9.65 44.77
CA GLU D 129 -24.12 8.58 45.73
C GLU D 129 -23.16 7.53 45.15
N HIS D 130 -23.28 7.29 43.84
CA HIS D 130 -22.40 6.29 43.25
C HIS D 130 -20.91 6.67 43.21
N LEU D 131 -20.73 7.88 42.72
CA LEU D 131 -19.41 8.47 42.58
C LEU D 131 -18.81 8.60 43.98
N ARG D 132 -19.65 8.77 44.99
CA ARG D 132 -19.08 8.91 46.34
C ARG D 132 -18.22 7.69 46.68
N LYS D 133 -18.66 6.52 46.18
CA LYS D 133 -17.99 5.23 46.40
C LYS D 133 -16.60 5.27 45.82
N TYR D 134 -16.39 6.20 44.88
CA TYR D 134 -15.06 6.27 44.25
C TYR D 134 -14.18 7.40 44.74
N GLY D 135 -14.62 8.16 45.74
CA GLY D 135 -13.83 9.27 46.28
C GLY D 135 -13.84 10.54 45.44
N ILE D 136 -14.97 10.83 44.80
CA ILE D 136 -15.09 12.01 43.97
C ILE D 136 -15.47 13.22 44.82
N PRO D 137 -14.56 14.17 44.88
CA PRO D 137 -14.88 15.35 45.65
C PRO D 137 -16.14 15.93 45.09
N MET D 138 -17.09 16.24 45.97
CA MET D 138 -18.33 16.86 45.48
C MET D 138 -19.05 17.62 46.59
N ALA D 139 -20.00 18.47 46.20
CA ALA D 139 -20.69 19.19 47.27
C ALA D 139 -21.51 18.34 48.27
N GLU D 140 -21.49 18.72 49.54
CA GLU D 140 -22.26 17.97 50.50
C GLU D 140 -23.71 18.18 50.21
N HIS D 141 -24.56 17.30 50.69
CA HIS D 141 -25.97 17.40 50.43
C HIS D 141 -26.81 16.56 51.37
N ARG D 142 -28.09 16.80 51.20
CA ARG D 142 -29.16 16.14 51.89
C ARG D 142 -30.32 15.91 50.97
N GLU D 143 -30.76 14.68 50.97
CA GLU D 143 -31.85 14.32 50.09
C GLU D 143 -33.10 14.75 50.80
N LEU D 144 -34.14 15.14 50.07
CA LEU D 144 -35.35 15.55 50.74
C LEU D 144 -36.38 14.50 50.47
N VAL D 145 -36.65 13.78 51.54
CA VAL D 145 -37.65 12.73 51.53
C VAL D 145 -39.04 13.33 51.80
N GLU D 146 -39.09 14.41 52.58
CA GLU D 146 -40.38 15.03 52.91
C GLU D 146 -40.94 16.15 52.04
N ASN D 147 -40.08 17.02 51.52
CA ASN D 147 -40.60 18.13 50.73
C ASN D 147 -41.41 19.17 51.54
N THR D 148 -41.11 19.23 52.83
CA THR D 148 -41.75 20.15 53.77
C THR D 148 -40.81 21.26 54.24
N PRO D 149 -41.25 22.51 54.35
CA PRO D 149 -40.36 23.59 54.77
C PRO D 149 -39.50 23.23 55.96
N ALA D 150 -40.16 22.53 56.88
CA ALA D 150 -39.50 22.09 58.11
C ALA D 150 -38.28 21.20 57.90
N GLU D 151 -38.39 20.35 56.88
CA GLU D 151 -37.32 19.41 56.57
C GLU D 151 -36.17 20.26 56.07
N LEU D 152 -36.48 21.10 55.09
CA LEU D 152 -35.53 22.02 54.51
C LEU D 152 -34.90 22.88 55.60
N ALA D 153 -35.72 23.46 56.46
CA ALA D 153 -35.16 24.30 57.49
C ALA D 153 -34.09 23.53 58.25
N LYS D 154 -34.38 22.26 58.43
CA LYS D 154 -33.43 21.45 59.17
C LYS D 154 -32.12 21.18 58.43
N VAL D 155 -32.19 21.06 57.12
CA VAL D 155 -31.01 20.77 56.33
C VAL D 155 -30.11 22.00 56.33
N GLY D 156 -30.86 23.07 56.13
CA GLY D 156 -30.41 24.45 56.10
C GLY D 156 -29.52 24.59 57.32
N GLU D 157 -29.96 24.04 58.44
CA GLU D 157 -29.16 24.10 59.65
C GLU D 157 -27.85 23.34 59.50
N GLN D 158 -27.88 22.33 58.65
CA GLN D 158 -26.68 21.54 58.52
C GLN D 158 -25.67 22.02 57.47
N LEU D 159 -26.22 22.48 56.38
CA LEU D 159 -25.42 22.88 55.24
C LEU D 159 -25.26 24.39 55.10
N GLY D 160 -26.15 25.07 55.81
CA GLY D 160 -26.20 26.53 55.87
C GLY D 160 -26.64 27.12 54.55
N TYR D 161 -26.70 28.45 54.56
CA TYR D 161 -27.10 29.20 53.40
C TYR D 161 -25.99 30.04 52.77
N PRO D 162 -26.22 30.29 51.50
CA PRO D 162 -27.46 29.73 50.98
C PRO D 162 -27.15 28.32 50.56
N LEU D 163 -28.22 27.72 50.07
CA LEU D 163 -28.31 26.34 49.60
C LEU D 163 -28.81 26.42 48.18
N MET D 164 -28.58 25.33 47.47
CA MET D 164 -29.07 25.28 46.12
C MET D 164 -29.94 24.03 46.21
N LEU D 165 -31.26 24.17 46.06
CA LEU D 165 -32.17 23.02 46.12
C LEU D 165 -32.20 22.52 44.68
N LYS D 166 -32.06 21.21 44.50
CA LYS D 166 -32.03 20.63 43.15
C LYS D 166 -32.83 19.36 42.98
N SER D 167 -33.41 19.26 41.78
CA SER D 167 -34.16 18.09 41.32
C SER D 167 -33.23 16.96 40.95
N LYS D 168 -33.70 15.75 41.21
CA LYS D 168 -32.89 14.61 40.85
C LYS D 168 -33.00 14.28 39.35
N THR D 169 -34.18 14.35 38.76
CA THR D 169 -34.46 14.03 37.35
C THR D 169 -34.88 15.09 36.37
N MET D 170 -34.83 14.75 35.08
CA MET D 170 -35.25 15.69 34.05
C MET D 170 -34.75 17.13 34.18
N ALA D 171 -33.65 17.27 34.93
CA ALA D 171 -32.96 18.56 35.14
C ALA D 171 -32.00 19.03 34.05
N TYR D 172 -32.23 20.23 33.51
CA TYR D 172 -31.38 20.80 32.47
C TYR D 172 -31.57 22.33 32.51
N ASP D 173 -30.56 23.10 32.10
CA ASP D 173 -30.65 24.55 32.13
C ASP D 173 -30.88 25.04 33.57
N GLY D 174 -30.81 24.14 34.54
CA GLY D 174 -31.03 24.53 35.93
C GLY D 174 -32.49 24.85 36.28
N ARG D 175 -33.42 24.51 35.39
CA ARG D 175 -34.86 24.75 35.58
C ARG D 175 -35.51 23.97 36.72
N GLY D 176 -34.81 22.96 37.23
CA GLY D 176 -35.37 22.15 38.29
C GLY D 176 -34.56 22.46 39.53
N ASN D 177 -33.97 23.66 39.57
CA ASN D 177 -33.15 24.07 40.72
C ASN D 177 -33.64 25.41 41.22
N PHE D 178 -33.28 25.74 42.45
CA PHE D 178 -33.70 27.03 43.00
C PHE D 178 -32.74 27.38 44.10
N ARG D 179 -32.09 28.54 44.03
CA ARG D 179 -31.16 28.97 45.11
C ARG D 179 -31.88 29.48 46.35
N VAL D 180 -31.54 28.90 47.50
CA VAL D 180 -32.15 29.23 48.76
C VAL D 180 -31.24 30.04 49.69
N ASN D 181 -31.36 31.37 49.61
CA ASN D 181 -30.53 32.23 50.46
C ASN D 181 -30.74 32.25 52.00
N SER D 182 -31.99 32.06 52.42
CA SER D 182 -32.27 32.09 53.84
C SER D 182 -33.45 31.22 54.21
N GLN D 183 -33.52 30.94 55.51
CA GLN D 183 -34.58 30.10 56.04
C GLN D 183 -35.91 30.43 55.45
N ASP D 184 -36.11 31.72 55.13
CA ASP D 184 -37.37 32.16 54.53
C ASP D 184 -37.51 32.33 53.04
N ASP D 185 -36.80 31.47 52.33
CA ASP D 185 -36.93 31.53 50.89
C ASP D 185 -37.60 30.17 50.74
N ILE D 186 -37.53 29.36 51.79
CA ILE D 186 -38.06 27.99 51.86
C ILE D 186 -39.42 27.80 51.22
N PRO D 187 -40.41 28.56 51.68
CA PRO D 187 -41.72 28.43 51.04
C PRO D 187 -41.61 28.65 49.53
N GLU D 188 -41.00 29.75 49.03
CA GLU D 188 -40.87 29.99 47.56
C GLU D 188 -40.31 28.80 46.84
N ALA D 189 -39.19 28.39 47.41
CA ALA D 189 -38.41 27.27 46.91
C ALA D 189 -39.26 26.01 46.83
N LEU D 190 -39.89 25.69 47.95
CA LEU D 190 -40.66 24.46 47.98
C LEU D 190 -41.71 24.43 46.87
N GLU D 191 -42.32 25.58 46.66
CA GLU D 191 -43.32 25.67 45.60
C GLU D 191 -42.74 25.91 44.21
N ALA D 192 -41.54 26.46 44.08
CA ALA D 192 -41.05 26.66 42.72
C ALA D 192 -40.79 25.30 42.09
N LEU D 193 -40.35 24.39 42.96
CA LEU D 193 -40.03 22.99 42.66
C LEU D 193 -41.10 22.06 43.23
N LYS D 194 -42.31 22.35 42.79
CA LYS D 194 -43.46 21.60 43.21
C LYS D 194 -43.42 20.20 42.66
N ASP D 195 -43.78 19.21 43.48
CA ASP D 195 -43.90 17.85 42.98
C ASP D 195 -42.67 17.01 42.64
N ARG D 196 -41.43 17.48 42.66
CA ARG D 196 -40.36 16.54 42.29
C ARG D 196 -39.46 16.06 43.42
N PRO D 197 -38.84 14.89 43.28
CA PRO D 197 -37.95 14.37 44.31
C PRO D 197 -36.82 15.38 44.35
N LEU D 198 -36.28 15.76 45.49
CA LEU D 198 -35.19 16.73 45.45
C LEU D 198 -34.10 16.39 46.44
N TYR D 199 -32.92 17.00 46.33
CA TYR D 199 -31.83 16.86 47.30
C TYR D 199 -31.44 18.34 47.38
N ALA D 200 -30.93 18.72 48.55
CA ALA D 200 -30.53 20.09 48.83
C ALA D 200 -29.03 20.01 48.88
N GLU D 201 -28.46 20.87 48.07
CA GLU D 201 -27.01 20.87 47.99
C GLU D 201 -26.32 22.08 48.59
N LYS D 202 -25.22 21.79 49.27
CA LYS D 202 -24.49 22.84 49.92
C LYS D 202 -23.89 23.75 48.85
N TRP D 203 -23.80 25.06 49.14
CA TRP D 203 -23.22 26.02 48.20
C TRP D 203 -21.74 25.82 47.80
N ALA D 204 -21.44 25.89 46.50
CA ALA D 204 -20.05 25.76 45.96
C ALA D 204 -19.68 27.21 45.63
N TYR D 205 -18.70 27.73 46.35
CA TYR D 205 -18.24 29.09 46.17
C TYR D 205 -17.12 28.93 45.17
N PHE D 206 -17.48 28.79 43.91
CA PHE D 206 -16.41 28.58 42.97
C PHE D 206 -16.10 29.94 42.51
N LYS D 207 -14.83 29.99 42.16
CA LYS D 207 -14.20 31.17 41.64
C LYS D 207 -14.41 31.00 40.15
N MET D 208 -14.69 29.76 39.74
CA MET D 208 -14.94 29.56 38.33
C MET D 208 -15.51 28.18 38.03
N GLU D 209 -16.18 28.10 36.90
CA GLU D 209 -16.65 26.77 36.55
C GLU D 209 -15.80 26.26 35.41
N LEU D 210 -15.60 24.96 35.48
CA LEU D 210 -14.79 24.26 34.48
C LEU D 210 -15.52 23.06 33.91
N ALA D 211 -15.07 22.62 32.73
CA ALA D 211 -15.60 21.41 32.09
C ALA D 211 -14.48 20.72 31.33
N VAL D 212 -14.69 19.42 31.20
CA VAL D 212 -13.83 18.50 30.49
C VAL D 212 -14.66 17.45 29.79
N ILE D 213 -14.37 17.31 28.50
CA ILE D 213 -15.01 16.29 27.68
C ILE D 213 -14.09 15.06 27.83
N VAL D 214 -14.71 13.98 28.26
CA VAL D 214 -14.02 12.72 28.48
C VAL D 214 -14.56 11.74 27.44
N VAL D 215 -13.57 11.00 26.96
CA VAL D 215 -13.85 10.00 25.96
C VAL D 215 -13.62 8.60 26.48
N LYS D 216 -14.70 7.85 26.54
CA LYS D 216 -14.54 6.49 27.04
C LYS D 216 -14.45 5.41 25.97
N THR D 217 -13.26 4.81 25.79
CA THR D 217 -13.11 3.73 24.81
C THR D 217 -13.11 2.36 25.48
N LYS D 218 -13.13 1.37 24.60
CA LYS D 218 -13.15 -0.01 25.00
C LYS D 218 -12.05 -0.34 25.98
N ASP D 219 -10.91 0.30 25.78
CA ASP D 219 -9.73 0.08 26.60
C ASP D 219 -9.21 1.31 27.30
N GLU D 220 -9.93 2.39 27.20
CA GLU D 220 -9.27 3.48 27.86
C GLU D 220 -10.18 4.63 28.22
N VAL D 221 -9.61 5.57 28.98
CA VAL D 221 -10.36 6.77 29.37
C VAL D 221 -9.45 7.95 29.01
N LEU D 222 -9.89 8.75 28.06
CA LEU D 222 -9.12 9.91 27.62
C LEU D 222 -9.95 11.19 27.79
N SER D 223 -9.25 12.30 27.75
CA SER D 223 -10.01 13.50 27.89
C SER D 223 -9.37 14.67 27.15
N TYR D 224 -10.24 15.56 26.72
CA TYR D 224 -9.78 16.77 26.09
C TYR D 224 -9.40 17.62 27.33
N PRO D 225 -8.89 18.82 27.03
CA PRO D 225 -8.45 19.87 27.96
C PRO D 225 -9.58 20.49 28.80
N THR D 226 -9.23 21.02 29.98
CA THR D 226 -10.24 21.63 30.86
C THR D 226 -10.55 22.99 30.26
N VAL D 227 -11.82 23.33 30.13
CA VAL D 227 -12.09 24.65 29.60
C VAL D 227 -12.90 25.40 30.68
N GLU D 228 -13.06 26.68 30.44
CA GLU D 228 -13.80 27.54 31.34
C GLU D 228 -15.25 27.82 30.84
N THR D 229 -16.26 27.43 31.60
CA THR D 229 -17.64 27.63 31.19
C THR D 229 -18.30 28.78 31.88
N VAL D 230 -18.93 29.61 31.09
CA VAL D 230 -19.60 30.75 31.61
C VAL D 230 -21.07 30.67 31.27
N GLN D 231 -21.87 30.57 32.35
CA GLN D 231 -23.32 30.47 32.30
C GLN D 231 -24.01 31.84 32.43
N GLU D 232 -25.24 31.96 31.98
CA GLU D 232 -25.89 33.25 32.17
C GLU D 232 -27.36 32.87 32.25
N ASP D 233 -28.04 33.22 33.34
CA ASP D 233 -29.44 32.88 33.49
C ASP D 233 -29.54 31.36 33.61
N SER D 234 -28.44 30.81 34.15
CA SER D 234 -28.36 29.37 34.38
C SER D 234 -28.11 28.54 33.14
N ILE D 235 -27.97 29.25 32.02
CA ILE D 235 -27.72 28.60 30.74
C ILE D 235 -26.30 28.87 30.24
N CYS D 236 -25.67 27.83 29.69
CA CYS D 236 -24.33 28.01 29.13
C CYS D 236 -24.31 29.19 28.14
N LYS D 237 -23.44 30.18 28.34
CA LYS D 237 -23.39 31.27 27.39
C LYS D 237 -22.01 31.19 26.71
N LEU D 238 -20.94 31.07 27.51
CA LEU D 238 -19.63 31.00 26.85
C LEU D 238 -18.75 29.94 27.42
N VAL D 239 -17.75 29.58 26.65
CA VAL D 239 -16.71 28.62 26.99
C VAL D 239 -15.40 29.14 26.43
N TYR D 240 -14.35 29.05 27.25
CA TYR D 240 -12.99 29.51 26.93
C TYR D 240 -12.19 28.27 26.94
N ALA D 241 -11.55 28.03 25.82
CA ALA D 241 -10.77 26.81 25.67
C ALA D 241 -9.34 27.09 25.24
N PRO D 242 -8.36 26.76 26.08
CA PRO D 242 -8.57 26.17 27.41
C PRO D 242 -8.94 27.23 28.44
N ALA D 243 -9.33 26.77 29.62
CA ALA D 243 -9.73 27.66 30.74
C ALA D 243 -8.87 28.89 30.90
N ARG D 244 -9.45 30.05 31.14
CA ARG D 244 -8.51 31.16 31.30
C ARG D 244 -7.83 31.27 32.66
N ASN D 245 -6.57 31.68 32.64
CA ASN D 245 -5.83 31.84 33.89
C ASN D 245 -5.90 30.65 34.86
N VAL D 246 -5.61 29.45 34.42
CA VAL D 246 -5.72 28.33 35.33
C VAL D 246 -4.43 27.58 35.04
N SER D 247 -3.62 27.34 36.07
CA SER D 247 -2.34 26.68 35.88
C SER D 247 -2.66 25.39 35.17
N ASP D 248 -1.58 24.84 34.67
CA ASP D 248 -1.62 23.62 33.92
C ASP D 248 -2.04 22.54 34.88
N ALA D 249 -1.53 22.68 36.09
CA ALA D 249 -1.81 21.66 37.07
C ALA D 249 -3.32 21.66 37.36
N ILE D 250 -3.88 22.86 37.39
CA ILE D 250 -5.30 22.76 37.68
C ILE D 250 -5.90 21.98 36.53
N ASN D 251 -5.62 22.47 35.35
CA ASN D 251 -6.17 21.76 34.20
C ASN D 251 -6.13 20.24 34.32
N GLN D 252 -4.92 19.76 34.46
CA GLN D 252 -4.66 18.32 34.50
C GLN D 252 -5.44 17.70 35.63
N LYS D 253 -5.36 18.39 36.74
CA LYS D 253 -6.11 17.89 37.86
C LYS D 253 -7.62 17.77 37.55
N ALA D 254 -8.19 18.76 36.88
CA ALA D 254 -9.61 18.74 36.56
C ALA D 254 -9.79 17.53 35.59
N GLN D 255 -8.88 17.39 34.64
CA GLN D 255 -8.96 16.24 33.77
C GLN D 255 -8.94 14.90 34.50
N GLU D 256 -7.96 14.86 35.36
CA GLU D 256 -7.78 13.62 36.07
C GLU D 256 -9.01 13.24 36.84
N LEU D 257 -9.64 14.24 37.45
CA LEU D 257 -10.86 13.92 38.18
C LEU D 257 -11.99 13.51 37.26
N ALA D 258 -12.13 14.28 36.20
CA ALA D 258 -13.21 13.91 35.28
C ALA D 258 -12.98 12.49 34.78
N ARG D 259 -11.75 12.13 34.47
CA ARG D 259 -11.59 10.77 33.97
C ARG D 259 -11.92 9.63 34.93
N LYS D 260 -11.47 9.84 36.17
CA LYS D 260 -11.65 8.88 37.25
C LYS D 260 -13.15 8.73 37.45
N ALA D 261 -13.84 9.87 37.48
CA ALA D 261 -15.32 9.77 37.68
C ALA D 261 -16.05 9.03 36.60
N VAL D 262 -15.64 9.36 35.37
CA VAL D 262 -16.28 8.73 34.22
C VAL D 262 -15.98 7.25 34.17
N ALA D 263 -14.83 6.96 34.75
CA ALA D 263 -14.39 5.60 34.77
C ALA D 263 -15.27 4.70 35.66
N ALA D 264 -16.05 5.32 36.54
CA ALA D 264 -16.96 4.64 37.46
C ALA D 264 -18.14 4.09 36.70
N PHE D 265 -18.25 4.25 35.38
CA PHE D 265 -19.41 3.71 34.66
C PHE D 265 -19.18 2.69 33.55
N ASP D 266 -20.19 1.91 33.21
CA ASP D 266 -20.07 0.93 32.15
C ASP D 266 -20.51 1.50 30.81
N GLY D 267 -19.72 1.14 29.82
CA GLY D 267 -19.98 1.56 28.45
C GLY D 267 -18.97 2.54 27.87
N LYS D 268 -19.18 2.91 26.60
CA LYS D 268 -18.29 3.80 25.88
C LYS D 268 -19.03 5.01 25.41
N GLY D 269 -18.25 6.04 25.10
CA GLY D 269 -18.87 7.25 24.58
C GLY D 269 -18.19 8.37 25.32
N VAL D 270 -18.59 9.54 24.83
CA VAL D 270 -18.14 10.84 25.29
C VAL D 270 -18.95 11.21 26.49
N PHE D 271 -18.33 11.66 27.57
CA PHE D 271 -19.17 12.17 28.66
C PHE D 271 -18.76 13.64 28.91
N GLY D 272 -19.70 14.44 29.37
CA GLY D 272 -19.28 15.80 29.64
C GLY D 272 -19.14 15.91 31.15
N VAL D 273 -18.04 16.43 31.65
CA VAL D 273 -18.04 16.46 33.11
C VAL D 273 -17.90 17.88 33.66
N GLU D 274 -18.90 18.32 34.43
CA GLU D 274 -18.98 19.67 35.03
C GLU D 274 -18.36 19.77 36.42
N MET D 275 -17.42 20.69 36.56
CA MET D 275 -16.72 20.90 37.82
C MET D 275 -16.62 22.33 38.29
N PHE D 276 -16.28 22.49 39.56
CA PHE D 276 -16.16 23.82 40.16
C PHE D 276 -14.76 24.08 40.65
N LEU D 277 -14.25 25.27 40.32
CA LEU D 277 -12.90 25.59 40.78
C LEU D 277 -13.18 26.45 41.98
N LEU D 278 -12.75 25.94 43.12
CA LEU D 278 -12.94 26.67 44.37
C LEU D 278 -11.80 27.60 44.72
N GLU D 279 -12.10 28.61 45.52
CA GLU D 279 -11.08 29.56 45.97
C GLU D 279 -9.72 28.98 46.32
N ASP D 280 -9.66 27.85 47.02
CA ASP D 280 -8.33 27.31 47.28
C ASP D 280 -7.86 26.39 46.16
N ASP D 281 -8.41 26.56 44.97
CA ASP D 281 -7.99 25.74 43.84
C ASP D 281 -8.30 24.29 43.96
N SER D 282 -9.17 23.95 44.92
CA SER D 282 -9.65 22.58 45.12
C SER D 282 -10.68 22.62 43.99
N ILE D 283 -11.00 21.44 43.42
CA ILE D 283 -11.98 21.21 42.33
C ILE D 283 -13.03 20.24 42.83
N MET D 284 -14.29 20.55 42.56
CA MET D 284 -15.40 19.68 42.96
C MET D 284 -16.22 19.35 41.76
N LEU D 285 -16.89 18.21 41.83
CA LEU D 285 -17.72 17.86 40.72
C LEU D 285 -19.03 18.59 40.83
N CYS D 286 -19.54 19.10 39.70
CA CYS D 286 -20.87 19.74 39.67
C CYS D 286 -21.76 18.60 39.11
N GLU D 287 -21.51 18.07 37.92
CA GLU D 287 -22.28 16.94 37.38
C GLU D 287 -21.64 16.30 36.14
N ILE D 288 -22.05 15.10 35.83
CA ILE D 288 -21.54 14.45 34.65
C ILE D 288 -22.74 14.37 33.69
N ALA D 289 -22.53 14.41 32.38
CA ALA D 289 -23.60 14.28 31.40
C ALA D 289 -23.15 12.99 30.68
N SER D 290 -23.99 11.97 30.66
CA SER D 290 -23.59 10.73 30.00
C SER D 290 -23.58 10.96 28.48
N ARG D 291 -23.18 12.10 27.92
CA ARG D 291 -23.22 12.23 26.45
C ARG D 291 -22.48 13.44 25.87
N ILE D 292 -22.45 13.64 24.56
CA ILE D 292 -21.82 14.85 24.01
C ILE D 292 -22.39 16.15 24.67
N HIS D 293 -21.52 17.09 25.00
CA HIS D 293 -22.00 18.24 25.73
C HIS D 293 -21.68 19.63 25.20
N ASN D 294 -22.54 20.57 25.52
CA ASN D 294 -22.37 21.92 25.00
C ASN D 294 -20.99 22.47 25.31
N SER D 295 -20.47 22.05 26.43
CA SER D 295 -19.17 22.63 26.71
C SER D 295 -18.10 22.18 25.70
N GLY D 296 -18.36 21.17 24.91
CA GLY D 296 -17.32 20.69 23.99
C GLY D 296 -17.36 21.04 22.51
N HIS D 297 -18.33 21.87 22.18
CA HIS D 297 -18.53 22.30 20.79
C HIS D 297 -17.30 22.99 20.19
N TYR D 298 -16.47 23.55 21.04
CA TYR D 298 -15.28 24.19 20.50
C TYR D 298 -14.32 23.17 19.87
N THR D 299 -14.42 21.90 20.29
CA THR D 299 -13.47 20.95 19.75
C THR D 299 -13.51 20.78 18.21
N ILE D 300 -14.64 21.17 17.60
CA ILE D 300 -14.81 21.03 16.12
C ILE D 300 -13.78 21.86 15.36
N GLU D 301 -13.56 23.11 15.78
CA GLU D 301 -12.56 23.90 15.10
C GLU D 301 -11.36 23.77 16.01
N GLY D 302 -11.58 23.42 17.26
CA GLY D 302 -10.37 23.37 18.09
C GLY D 302 -9.41 22.20 18.11
N CYS D 303 -9.93 20.99 17.87
CA CYS D 303 -9.12 19.80 17.88
C CYS D 303 -9.24 19.17 16.52
N ALA D 304 -8.34 18.22 16.26
CA ALA D 304 -8.33 17.45 15.04
C ALA D 304 -9.56 16.54 15.01
N LEU D 305 -9.95 16.06 16.18
CA LEU D 305 -11.16 15.23 16.27
C LEU D 305 -12.12 15.86 17.24
N SER D 306 -13.30 16.19 16.78
CA SER D 306 -14.25 16.79 17.70
C SER D 306 -14.84 15.74 18.66
N GLN D 307 -15.60 16.22 19.64
CA GLN D 307 -16.26 15.31 20.60
C GLN D 307 -17.25 14.42 19.83
N PHE D 308 -17.81 15.03 18.79
CA PHE D 308 -18.72 14.30 17.90
C PHE D 308 -17.95 13.21 17.17
N ASP D 309 -16.76 13.54 16.69
CA ASP D 309 -15.93 12.54 15.99
C ASP D 309 -15.52 11.47 17.00
N ALA D 310 -15.11 11.94 18.16
CA ALA D 310 -14.67 11.01 19.19
C ALA D 310 -15.81 10.10 19.68
N HIS D 311 -17.03 10.63 19.78
CA HIS D 311 -18.11 9.80 20.25
C HIS D 311 -18.33 8.57 19.36
N LEU D 312 -18.44 8.82 18.06
CA LEU D 312 -18.66 7.69 17.14
C LEU D 312 -17.56 6.64 17.24
N ARG D 313 -16.33 7.11 17.18
CA ARG D 313 -15.18 6.22 17.25
C ARG D 313 -15.30 5.36 18.48
N ALA D 314 -15.55 5.99 19.63
CA ALA D 314 -15.60 5.27 20.89
C ALA D 314 -16.59 4.10 20.81
N ILE D 315 -17.83 4.48 20.59
CA ILE D 315 -18.93 3.50 20.48
C ILE D 315 -18.80 2.50 19.34
N LEU D 316 -17.90 2.79 18.41
CA LEU D 316 -17.67 1.86 17.31
C LEU D 316 -16.34 1.15 17.50
N ASP D 317 -15.63 1.45 18.57
CA ASP D 317 -14.33 0.79 18.69
C ASP D 317 -13.40 1.21 17.57
N LEU D 318 -13.38 2.49 17.25
CA LEU D 318 -12.47 2.97 16.22
C LEU D 318 -11.33 3.66 16.93
N PRO D 319 -10.19 3.73 16.28
CA PRO D 319 -9.06 4.37 16.93
C PRO D 319 -9.30 5.86 17.14
N ILE D 320 -8.57 6.39 18.11
CA ILE D 320 -8.66 7.78 18.46
C ILE D 320 -7.34 8.17 19.05
N PRO D 321 -6.47 8.70 18.19
CA PRO D 321 -5.16 9.12 18.64
C PRO D 321 -5.30 10.31 19.58
N ALA D 322 -4.56 10.26 20.67
CA ALA D 322 -4.60 11.29 21.68
C ALA D 322 -4.28 12.71 21.26
N GLN D 323 -3.29 12.80 20.39
CA GLN D 323 -2.86 14.10 19.95
C GLN D 323 -4.00 14.85 19.28
N SER D 324 -4.93 14.03 18.80
CA SER D 324 -6.15 14.51 18.14
C SER D 324 -7.10 15.16 19.17
N LEU D 325 -6.86 15.00 20.48
CA LEU D 325 -7.74 15.62 21.47
C LEU D 325 -7.21 16.96 21.99
N GLU D 326 -6.08 17.39 21.49
CA GLU D 326 -5.50 18.65 21.94
C GLU D 326 -6.02 19.87 21.23
N ILE D 327 -6.02 20.98 21.94
CA ILE D 327 -6.49 22.23 21.38
C ILE D 327 -5.42 22.77 20.47
N ARG D 328 -5.79 23.00 19.22
CA ARG D 328 -4.88 23.52 18.19
C ARG D 328 -4.63 25.00 18.46
N GLN D 329 -5.69 25.76 18.77
CA GLN D 329 -5.48 27.17 19.11
C GLN D 329 -6.56 27.62 20.11
N PRO D 330 -6.29 28.68 20.90
CA PRO D 330 -7.23 29.20 21.89
C PRO D 330 -8.48 29.42 21.05
N SER D 331 -9.63 29.15 21.65
CA SER D 331 -10.91 29.25 20.96
C SER D 331 -11.86 29.64 22.03
N ILE D 332 -12.88 30.35 21.54
CA ILE D 332 -13.95 30.78 22.42
C ILE D 332 -15.29 30.44 21.82
N MET D 333 -16.15 29.78 22.59
CA MET D 333 -17.48 29.43 22.08
C MET D 333 -18.64 30.27 22.63
N LEU D 334 -19.47 30.84 21.76
CA LEU D 334 -20.56 31.63 22.29
C LEU D 334 -21.91 31.08 21.82
N ASN D 335 -22.75 30.61 22.75
CA ASN D 335 -24.04 30.06 22.26
C ASN D 335 -24.90 31.20 21.74
N ILE D 336 -25.80 30.89 20.81
CA ILE D 336 -26.74 31.89 20.30
C ILE D 336 -28.08 31.51 20.94
N ILE D 337 -28.57 32.28 21.91
CA ILE D 337 -29.81 31.92 22.57
C ILE D 337 -31.06 32.73 22.30
N GLY D 338 -32.16 32.03 22.05
CA GLY D 338 -33.42 32.72 21.81
C GLY D 338 -33.51 34.02 22.62
N GLY D 339 -33.95 35.06 21.91
CA GLY D 339 -34.13 36.38 22.49
C GLY D 339 -35.62 36.59 22.76
N ALA D 340 -36.07 37.85 22.71
CA ALA D 340 -37.47 38.15 22.95
C ALA D 340 -38.23 37.96 21.64
N ALA D 341 -37.61 38.45 20.57
CA ALA D 341 -38.12 38.39 19.20
C ALA D 341 -37.43 37.26 18.43
N PRO D 342 -38.18 36.70 17.48
CA PRO D 342 -37.72 35.58 16.68
C PRO D 342 -36.54 35.59 15.71
N ASP D 343 -35.86 36.72 15.52
CA ASP D 343 -34.73 36.81 14.60
C ASP D 343 -33.42 37.06 15.34
N THR D 344 -33.56 37.52 16.57
CA THR D 344 -32.42 37.79 17.41
C THR D 344 -31.31 36.87 16.93
N HIS D 345 -31.40 35.60 17.27
CA HIS D 345 -30.38 34.69 16.79
C HIS D 345 -29.83 34.99 15.38
N LEU D 346 -30.78 35.19 14.47
CA LEU D 346 -30.47 35.48 13.08
C LEU D 346 -29.69 36.78 12.97
N GLN D 347 -29.87 37.64 13.97
CA GLN D 347 -29.15 38.90 14.04
C GLN D 347 -27.73 38.75 14.63
N ALA D 348 -27.58 37.85 15.59
CA ALA D 348 -26.27 37.59 16.19
C ALA D 348 -25.45 36.91 15.13
N ALA D 349 -26.04 35.95 14.42
CA ALA D 349 -25.24 35.28 13.40
C ALA D 349 -24.85 36.29 12.37
N GLU D 350 -25.79 37.17 12.10
CA GLU D 350 -25.51 38.14 11.07
C GLU D 350 -24.28 38.96 11.44
N CYS D 351 -24.23 39.32 12.72
CA CYS D 351 -23.11 40.11 13.21
C CYS D 351 -21.82 39.32 13.00
N ALA D 352 -21.83 38.05 13.42
CA ALA D 352 -20.73 37.11 13.34
C ALA D 352 -20.05 36.93 11.98
N LEU D 353 -20.84 37.13 10.93
CA LEU D 353 -20.32 36.96 9.57
C LEU D 353 -19.10 37.80 9.34
N SER D 354 -19.15 38.96 9.99
CA SER D 354 -18.09 39.96 9.88
C SER D 354 -17.08 39.99 11.04
N ILE D 355 -16.98 38.86 11.75
CA ILE D 355 -16.04 38.72 12.86
C ILE D 355 -14.93 37.79 12.36
N PRO D 356 -13.70 38.23 12.54
CA PRO D 356 -12.57 37.45 12.08
C PRO D 356 -12.54 36.10 12.76
N ASN D 357 -12.10 35.08 12.02
CA ASN D 357 -11.95 33.74 12.58
C ASN D 357 -13.17 33.18 13.33
N ALA D 358 -14.35 33.66 12.99
CA ALA D 358 -15.61 33.27 13.61
C ALA D 358 -16.28 32.24 12.76
N SER D 359 -16.54 31.07 13.32
CA SER D 359 -17.24 30.00 12.58
C SER D 359 -18.70 29.85 13.09
N ILE D 360 -19.69 30.08 12.24
CA ILE D 360 -21.09 30.07 12.71
C ILE D 360 -21.85 28.74 12.61
N HIS D 361 -22.57 28.29 13.63
CA HIS D 361 -23.27 27.01 13.56
C HIS D 361 -24.75 27.36 13.86
N LEU D 362 -25.62 27.32 12.87
CA LEU D 362 -27.01 27.64 13.16
C LEU D 362 -27.62 26.26 13.14
N TYR D 363 -28.47 25.96 14.09
CA TYR D 363 -29.13 24.69 14.25
C TYR D 363 -30.34 24.38 13.39
N SER D 364 -30.79 25.30 12.55
CA SER D 364 -31.95 24.93 11.75
C SER D 364 -33.12 24.55 12.65
N LYS D 365 -33.19 25.22 13.78
CA LYS D 365 -34.29 24.97 14.73
C LYS D 365 -35.40 25.90 14.23
N GLY D 366 -34.93 26.95 13.58
CA GLY D 366 -35.83 27.95 13.02
C GLY D 366 -36.35 28.96 14.05
N ALA D 367 -37.62 28.81 14.44
CA ALA D 367 -38.28 29.68 15.39
C ALA D 367 -37.62 29.74 16.77
N ALA D 368 -37.13 30.93 17.10
CA ALA D 368 -36.46 31.27 18.37
C ALA D 368 -37.54 31.35 19.43
N LYS D 369 -37.08 31.08 20.64
CA LYS D 369 -37.96 31.13 21.78
C LYS D 369 -36.94 31.50 22.85
N PRO D 370 -37.40 32.31 23.78
CA PRO D 370 -36.62 32.82 24.90
C PRO D 370 -35.76 31.74 25.57
N GLY D 371 -34.44 31.95 25.54
CA GLY D 371 -33.45 31.05 26.13
C GLY D 371 -33.18 29.76 25.35
N ARG D 372 -33.77 29.63 24.17
CA ARG D 372 -33.57 28.45 23.35
C ARG D 372 -32.18 28.54 22.77
N LYS D 373 -31.47 27.40 22.69
CA LYS D 373 -30.14 27.30 22.08
C LYS D 373 -30.43 27.17 20.58
N MET D 374 -30.11 28.21 19.84
CA MET D 374 -30.38 28.26 18.40
C MET D 374 -29.17 28.06 17.51
N GLY D 375 -27.97 28.15 18.06
CA GLY D 375 -26.78 27.97 17.25
C GLY D 375 -25.63 28.37 18.15
N HIS D 376 -24.43 28.42 17.58
CA HIS D 376 -23.24 28.83 18.33
C HIS D 376 -22.19 29.38 17.42
N ILE D 377 -21.30 30.15 18.01
CA ILE D 377 -20.21 30.72 17.24
C ILE D 377 -18.84 30.48 17.88
N THR D 378 -17.90 29.99 17.10
CA THR D 378 -16.59 29.72 17.71
C THR D 378 -15.52 30.50 16.98
N VAL D 379 -14.84 31.28 17.81
CA VAL D 379 -13.75 32.13 17.39
C VAL D 379 -12.43 31.57 17.92
N THR D 380 -11.51 31.32 17.01
CA THR D 380 -10.17 30.79 17.27
C THR D 380 -9.19 31.93 16.91
N ALA D 381 -7.99 31.88 17.46
CA ALA D 381 -6.89 32.86 17.23
C ALA D 381 -5.67 32.19 17.82
N PRO D 382 -4.50 32.67 17.44
CA PRO D 382 -3.30 32.02 17.96
C PRO D 382 -3.12 32.31 19.44
N THR D 383 -3.70 33.38 19.97
CA THR D 383 -3.56 33.63 21.40
C THR D 383 -4.99 33.94 21.86
N MET D 384 -5.31 33.55 23.09
CA MET D 384 -6.64 33.83 23.60
C MET D 384 -7.00 35.31 23.58
N HIS D 385 -6.03 36.13 23.96
CA HIS D 385 -6.29 37.54 23.97
C HIS D 385 -6.85 37.95 22.62
N GLU D 386 -6.16 37.55 21.54
CA GLU D 386 -6.62 37.90 20.18
C GLU D 386 -8.03 37.36 20.10
N ALA D 387 -8.18 36.10 20.43
CA ALA D 387 -9.53 35.58 20.37
C ALA D 387 -10.58 36.47 21.08
N GLU D 388 -10.34 36.87 22.33
CA GLU D 388 -11.33 37.62 23.09
C GLU D 388 -11.46 38.93 22.40
N THR D 389 -10.35 39.28 21.81
CA THR D 389 -10.45 40.54 21.12
C THR D 389 -11.41 40.41 19.91
N HIS D 390 -11.22 39.40 19.07
CA HIS D 390 -12.06 39.25 17.89
C HIS D 390 -13.52 39.21 18.27
N ILE D 391 -13.85 38.47 19.32
CA ILE D 391 -15.23 38.33 19.70
C ILE D 391 -16.04 39.33 20.49
N GLN D 392 -15.42 40.26 21.20
CA GLN D 392 -16.19 41.16 22.06
C GLN D 392 -17.42 41.86 21.50
N PRO D 393 -17.25 42.26 20.27
CA PRO D 393 -18.34 42.96 19.64
C PRO D 393 -19.60 42.12 19.51
N LEU D 394 -19.41 40.84 19.25
CA LEU D 394 -20.52 39.95 19.04
C LEU D 394 -21.15 39.75 20.38
N ILE D 395 -20.24 39.58 21.31
CA ILE D 395 -20.71 39.39 22.67
C ILE D 395 -21.55 40.66 22.88
N ASP D 396 -20.85 41.78 22.83
CA ASP D 396 -21.54 43.04 23.02
C ASP D 396 -22.99 43.03 22.54
N VAL D 397 -23.09 42.73 21.26
CA VAL D 397 -24.33 42.66 20.54
C VAL D 397 -25.26 41.63 21.13
N VAL D 398 -24.67 40.48 21.40
CA VAL D 398 -25.57 39.46 21.94
C VAL D 398 -26.15 39.97 23.23
N ASP D 399 -25.36 40.74 23.96
CA ASP D 399 -25.93 41.23 25.20
C ASP D 399 -26.81 42.41 24.88
N ARG D 400 -26.19 43.39 24.25
CA ARG D 400 -26.97 44.57 23.95
C ARG D 400 -28.38 44.28 23.47
N ILE D 401 -28.55 43.13 22.83
CA ILE D 401 -29.88 42.76 22.36
C ILE D 401 -30.72 42.06 23.45
PG ATP E . 28.17 -28.07 11.36
O1G ATP E . 28.02 -29.32 10.58
O2G ATP E . 28.76 -26.87 10.68
O3G ATP E . 26.74 -27.83 12.04
PB ATP E . 29.31 -28.61 13.92
O1B ATP E . 29.89 -27.43 14.61
O2B ATP E . 27.91 -29.06 14.36
O3B ATP E . 29.38 -28.32 12.36
PA ATP E . 30.12 -31.33 13.68
O1A ATP E . 29.06 -31.32 12.59
O2A ATP E . 29.83 -32.18 14.88
O3A ATP E . 30.26 -29.83 14.20
O5' ATP E . 31.66 -31.50 13.26
C5' ATP E . 32.03 -31.19 11.90
C4' ATP E . 32.90 -32.34 11.49
O4' ATP E . 33.72 -32.69 12.65
C3' ATP E . 32.17 -33.66 11.25
O3' ATP E . 31.66 -33.49 9.91
C2' ATP E . 33.38 -34.61 11.35
O2' ATP E . 34.12 -34.80 10.12
C1' ATP E . 34.25 -33.95 12.42
N9 ATP E . 33.88 -34.70 13.60
C8 ATP E . 32.84 -34.46 14.42
N7 ATP E . 32.74 -35.41 15.36
C5 ATP E . 33.79 -36.29 15.14
C6 ATP E . 34.19 -37.47 15.84
N6 ATP E . 33.77 -38.05 16.89
N1 ATP E . 35.25 -37.97 15.16
C2 ATP E . 35.94 -37.45 14.08
N3 ATP E . 35.56 -36.38 13.43
C4 ATP E . 34.50 -35.84 14.04
MG MG F . 27.95 -31.18 10.85
MG MG G . 25.87 -28.74 13.63
PG ATP H . 5.65 -11.14 -30.33
O1G ATP H . 6.53 -12.34 -30.43
O2G ATP H . 4.67 -11.38 -29.20
O3G ATP H . 6.47 -9.76 -30.34
PB ATP H . 4.54 -9.97 -32.67
O1B ATP H . 3.42 -9.09 -32.19
O2B ATP H . 5.88 -9.52 -33.12
O3B ATP H . 4.72 -11.13 -31.60
PA ATP H . 4.94 -11.98 -34.70
O1A ATP H . 5.99 -12.70 -33.90
O2A ATP H . 5.43 -11.53 -36.03
O3A ATP H . 4.13 -10.86 -33.91
O5' ATP H . 3.78 -12.92 -35.31
C5' ATP H . 3.01 -13.64 -34.33
C4' ATP H . 2.69 -14.99 -34.94
O4' ATP H . 2.03 -14.76 -36.21
C3' ATP H . 3.89 -15.80 -35.39
O3' ATP H . 4.54 -16.34 -34.22
C2' ATP H . 3.18 -16.72 -36.44
O2' ATP H . 2.38 -17.63 -35.66
C1' ATP H . 2.14 -15.83 -37.07
N9 ATP H . 2.61 -15.09 -38.26
C8 ATP H . 3.21 -13.87 -38.34
N7 ATP H . 3.61 -13.52 -39.57
C5 ATP H . 3.16 -14.57 -40.34
C6 ATP H . 3.24 -14.83 -41.74
N6 ATP H . 3.72 -14.20 -42.69
N1 ATP H . 2.66 -15.98 -42.13
C2 ATP H . 2.13 -16.87 -41.22
N3 ATP H . 2.03 -16.70 -39.93
C4 ATP H . 2.55 -15.53 -39.55
MG MG I . 6.90 -13.01 -32.29
MG MG J . 7.61 -9.39 -31.82
PG ATP K . -7.91 18.33 -13.39
O1G ATP K . -7.06 19.33 -12.63
O2G ATP K . -8.30 17.14 -12.57
O3G ATP K . -9.17 19.11 -13.91
PB ATP K . -7.09 18.02 -16.11
O1B ATP K . -7.82 16.89 -16.80
O2B ATP K . -7.75 19.35 -16.28
O3B ATP K . -6.97 17.75 -14.55
PA ATP K . -4.52 19.17 -16.32
O1A ATP K . -4.52 19.95 -15.03
O2A ATP K . -4.44 20.08 -17.51
O3A ATP K . -5.58 18.03 -16.57
O5' ATP K . -3.32 18.12 -16.26
C5' ATP K . -3.36 17.50 -14.97
C4' ATP K . -1.91 17.27 -14.60
O4' ATP K . -1.14 16.73 -15.69
C3' ATP K . -1.18 18.57 -14.34
O3' ATP K . -1.37 18.97 -13.00
C2' ATP K . 0.27 18.22 -14.77
O2' ATP K . 1.08 17.65 -13.73
C1' ATP K . 0.15 17.19 -15.87
N9 ATP K . 0.29 17.98 -17.08
C8 ATP K . -0.63 18.67 -17.77
N7 ATP K . -0.16 19.40 -18.77
C5 ATP K . 1.19 19.17 -18.75
C6 ATP K . 2.25 19.66 -19.54
N6 ATP K . 2.19 20.43 -20.56
N1 ATP K . 3.48 19.22 -19.24
C2 ATP K . 3.70 18.35 -18.23
N3 ATP K . 2.75 17.90 -17.44
C4 ATP K . 1.50 18.29 -17.72
MG MG L . -5.84 20.06 -13.48
MG MG M . -8.75 20.52 -15.28
PG ATP N . -27.66 21.39 32.74
O1G ATP N . -26.25 21.87 32.53
O2G ATP N . -28.37 21.84 31.52
O3G ATP N . -27.82 19.80 32.92
PB ATP N . -28.64 21.43 35.34
O1B ATP N . -30.06 21.96 35.34
O2B ATP N . -28.54 19.93 35.33
O3B ATP N . -28.25 22.12 33.99
PA ATP N . -26.55 22.13 37.23
O1A ATP N . -25.71 22.18 35.98
O2A ATP N . -26.13 20.95 38.04
O3A ATP N . -28.02 22.06 36.65
O5' ATP N . -26.44 23.48 38.12
C5' ATP N . -26.60 24.64 37.27
C4' ATP N . -25.78 25.83 37.74
O4' ATP N . -26.17 26.14 39.11
C3' ATP N . -24.32 25.41 37.90
O3' ATP N . -23.61 25.25 36.66
C2' ATP N . -23.87 26.50 38.87
O2' ATP N . -23.80 27.74 38.16
C1' ATP N . -25.05 26.51 39.83
N9 ATP N . -24.96 25.53 40.92
C8 ATP N . -25.38 24.23 40.98
N7 ATP N . -25.12 23.66 42.16
C5 ATP N . -24.52 24.65 42.92
C6 ATP N . -24.10 24.60 44.27
N6 ATP N . -24.08 23.63 45.09
N1 ATP N . -23.66 25.87 44.48
C2 ATP N . -23.53 26.99 43.68
N3 ATP N . -23.93 27.03 42.46
C4 ATP N . -24.42 25.81 42.15
MG MG O . -24.81 21.41 34.51
MG MG P . -27.30 18.76 34.29
#